data_1RE5
#
_entry.id   1RE5
#
_cell.length_a   231.523
_cell.length_b   231.523
_cell.length_c   78.456
_cell.angle_alpha   90.00
_cell.angle_beta   90.00
_cell.angle_gamma   120.00
#
_symmetry.space_group_name_H-M   'P 65'
#
loop_
_entity.id
_entity.type
_entity.pdbx_description
1 polymer '3-carboxy-cis,cis-muconate cycloisomerase'
2 non-polymer 2,3-DIHYDROXY-1,4-DITHIOBUTANE
3 non-polymer 'CITRIC ACID'
4 water water
#
_entity_poly.entity_id   1
_entity_poly.type   'polypeptide(L)'
_entity_poly.pdbx_seq_one_letter_code
;MSNQLFDAYFTAPAMREIFSDRGRLQGMLDFEAALARAEASAGLVPHSAVAAIEAACQAERYDTGALANAIATAGNSAIP
LVKALGKVIATGVPEAERYVHLGATSQDAMDTGLVLQLRDALDLIEADLGKLADTLSQQALKHADTPLVGRTWLQHATPV
TLGMKLAGVLGALTRHRQRLQELRPRLLVLQFGGASGSLAALGSKAMPVAEALAEQLKLTLPEQPWHTQRDRLVEFASVL
GLVAGSLGKFGRDISLLMQTEAGEVFEPSAPGKGGSSTMPHKRNPVGAAVLIGAATRVPGLLSTLFAAMPQEHERSLGLW
HAEWETLPDICCLVSGALRQAQVIAEGMEVDAARMRRNLDLTQGLVLAEAVSIVLAQRLGRDRAHHLLEQCCQRAVAEQR
HLRAVLGDEPQVSAELSGEELDRLLDPAHYLGQARVWVARAVSEHQRFTA
;
_entity_poly.pdbx_strand_id   A,B,C,D
#
# COMPACT_ATOMS: atom_id res chain seq x y z
N ASN A 3 -12.16 9.02 -20.05
CA ASN A 3 -12.40 9.37 -18.62
C ASN A 3 -11.91 10.75 -18.21
N GLN A 4 -12.74 11.77 -18.42
CA GLN A 4 -12.37 13.12 -18.04
C GLN A 4 -13.43 13.83 -17.19
N LEU A 5 -14.49 13.12 -16.83
CA LEU A 5 -15.54 13.70 -16.02
C LEU A 5 -15.01 14.35 -14.75
N PHE A 6 -14.26 13.58 -13.96
CA PHE A 6 -13.75 14.08 -12.71
C PHE A 6 -12.40 14.73 -12.81
N ASP A 7 -11.88 14.81 -14.03
CA ASP A 7 -10.56 15.36 -14.23
C ASP A 7 -10.40 16.86 -13.94
N ALA A 8 -11.44 17.65 -14.20
CA ALA A 8 -11.36 19.08 -13.95
C ALA A 8 -11.36 19.32 -12.44
N TYR A 9 -12.08 18.48 -11.73
CA TYR A 9 -12.21 18.55 -10.27
C TYR A 9 -11.00 18.01 -9.49
N PHE A 10 -10.33 17.00 -10.03
CA PHE A 10 -9.18 16.36 -9.36
C PHE A 10 -7.79 16.73 -9.86
N THR A 11 -7.69 17.25 -11.08
CA THR A 11 -6.40 17.61 -11.64
C THR A 11 -6.30 19.08 -12.05
N ALA A 12 -5.10 19.65 -11.98
CA ALA A 12 -4.93 21.04 -12.38
C ALA A 12 -4.64 20.99 -13.88
N PRO A 13 -5.47 21.68 -14.68
CA PRO A 13 -5.35 21.74 -16.14
C PRO A 13 -3.94 21.84 -16.70
N ALA A 14 -3.11 22.71 -16.10
CA ALA A 14 -1.74 22.84 -16.57
C ALA A 14 -0.96 21.54 -16.39
N MET A 15 -1.22 20.84 -15.28
CA MET A 15 -0.54 19.59 -14.98
C MET A 15 -0.98 18.50 -15.96
N ARG A 16 -2.28 18.45 -16.25
CA ARG A 16 -2.79 17.45 -17.19
C ARG A 16 -2.15 17.63 -18.57
N GLU A 17 -1.90 18.89 -18.94
CA GLU A 17 -1.30 19.18 -20.23
C GLU A 17 0.07 18.52 -20.32
N ILE A 18 0.85 18.61 -19.25
CA ILE A 18 2.18 17.97 -19.21
C ILE A 18 2.02 16.45 -19.30
N PHE A 19 1.10 15.90 -18.53
CA PHE A 19 0.91 14.46 -18.54
C PHE A 19 -0.26 14.04 -19.42
N SER A 20 -0.04 14.24 -20.71
CA SER A 20 -0.99 13.90 -21.74
C SER A 20 -0.20 13.11 -22.79
N ASP A 21 -0.88 12.51 -23.75
CA ASP A 21 -0.16 11.78 -24.78
C ASP A 21 0.81 12.72 -25.48
N ARG A 22 0.33 13.93 -25.77
CA ARG A 22 1.14 14.94 -26.45
C ARG A 22 2.43 15.21 -25.68
N GLY A 23 2.30 15.44 -24.38
CA GLY A 23 3.47 15.71 -23.55
C GLY A 23 4.45 14.54 -23.48
N ARG A 24 3.92 13.32 -23.38
CA ARG A 24 4.76 12.14 -23.30
C ARG A 24 5.54 11.98 -24.59
N LEU A 25 4.84 12.05 -25.71
CA LEU A 25 5.45 11.95 -27.02
C LEU A 25 6.47 13.06 -27.23
N GLN A 26 6.10 14.30 -26.91
CA GLN A 26 7.02 15.41 -27.10
C GLN A 26 8.32 15.25 -26.32
N GLY A 27 8.23 14.68 -25.13
CA GLY A 27 9.43 14.48 -24.34
C GLY A 27 10.43 13.58 -25.04
N MET A 28 9.96 12.47 -25.60
CA MET A 28 10.84 11.53 -26.29
C MET A 28 11.41 12.13 -27.57
N LEU A 29 10.56 12.83 -28.31
CA LEU A 29 10.96 13.49 -29.56
C LEU A 29 12.04 14.54 -29.22
N ASP A 30 11.87 15.26 -28.11
CA ASP A 30 12.87 16.24 -27.70
C ASP A 30 14.21 15.55 -27.54
N PHE A 31 14.17 14.34 -26.98
CA PHE A 31 15.37 13.54 -26.76
C PHE A 31 16.01 13.17 -28.08
N GLU A 32 15.21 12.68 -29.02
CA GLU A 32 15.71 12.29 -30.35
C GLU A 32 16.38 13.45 -31.10
N ALA A 33 15.71 14.61 -31.13
CA ALA A 33 16.28 15.77 -31.80
C ALA A 33 17.59 16.14 -31.10
N ALA A 34 17.54 16.26 -29.78
CA ALA A 34 18.73 16.58 -29.02
C ALA A 34 19.86 15.57 -29.28
N LEU A 35 19.50 14.30 -29.45
CA LEU A 35 20.47 13.23 -29.70
C LEU A 35 21.24 13.49 -30.99
N ALA A 36 20.50 13.73 -32.07
CA ALA A 36 21.07 13.99 -33.40
C ALA A 36 22.02 15.20 -33.34
N ARG A 37 21.54 16.23 -32.67
CA ARG A 37 22.29 17.46 -32.50
C ARG A 37 23.63 17.15 -31.83
N ALA A 38 23.58 16.40 -30.73
CA ALA A 38 24.78 16.07 -29.96
C ALA A 38 25.76 15.13 -30.68
N GLU A 39 25.25 14.21 -31.48
CA GLU A 39 26.12 13.29 -32.19
C GLU A 39 26.70 13.94 -33.43
N ALA A 40 26.02 14.96 -33.93
CA ALA A 40 26.50 15.66 -35.10
C ALA A 40 27.75 16.43 -34.71
N SER A 41 27.72 17.06 -33.55
CA SER A 41 28.87 17.83 -33.08
C SER A 41 30.02 16.93 -32.62
N ALA A 42 29.84 15.62 -32.79
CA ALA A 42 30.86 14.65 -32.42
C ALA A 42 31.33 13.98 -33.69
N GLY A 43 30.72 14.39 -34.79
CA GLY A 43 31.09 13.84 -36.08
C GLY A 43 30.50 12.48 -36.39
N LEU A 44 29.33 12.18 -35.83
CA LEU A 44 28.67 10.90 -36.08
C LEU A 44 27.47 11.05 -36.99
N VAL A 45 26.96 12.27 -37.11
CA VAL A 45 25.80 12.52 -37.95
C VAL A 45 25.95 13.77 -38.80
N PRO A 46 25.58 13.68 -40.09
CA PRO A 46 25.67 14.82 -41.00
C PRO A 46 24.68 15.91 -40.60
N HIS A 47 25.19 17.13 -40.44
CA HIS A 47 24.37 18.28 -40.04
C HIS A 47 23.11 18.46 -40.87
N SER A 48 23.11 17.93 -42.08
CA SER A 48 21.94 18.03 -42.95
C SER A 48 20.82 17.15 -42.41
N ALA A 49 21.20 16.07 -41.74
CA ALA A 49 20.23 15.14 -41.17
C ALA A 49 19.65 15.73 -39.88
N VAL A 50 20.48 16.45 -39.14
CA VAL A 50 20.06 17.06 -37.89
C VAL A 50 18.82 17.94 -38.12
N ALA A 51 18.84 18.68 -39.21
CA ALA A 51 17.71 19.55 -39.53
C ALA A 51 16.47 18.73 -39.91
N ALA A 52 16.68 17.64 -40.65
CA ALA A 52 15.57 16.77 -41.06
C ALA A 52 14.87 16.19 -39.85
N ILE A 53 15.67 15.65 -38.93
CA ILE A 53 15.15 15.05 -37.71
C ILE A 53 14.34 16.05 -36.88
N GLU A 54 14.96 17.18 -36.55
CA GLU A 54 14.29 18.20 -35.76
C GLU A 54 12.92 18.58 -36.32
N ALA A 55 12.82 18.62 -37.64
CA ALA A 55 11.57 18.99 -38.28
C ALA A 55 10.48 17.94 -38.04
N ALA A 56 10.89 16.72 -37.73
CA ALA A 56 9.92 15.65 -37.50
C ALA A 56 9.66 15.41 -36.01
N CYS A 57 10.41 16.09 -35.16
CA CYS A 57 10.24 15.91 -33.72
C CYS A 57 9.19 16.83 -33.10
N GLN A 58 7.99 16.77 -33.66
CA GLN A 58 6.86 17.55 -33.18
C GLN A 58 5.74 16.54 -32.94
N ALA A 59 5.25 16.48 -31.71
CA ALA A 59 4.20 15.53 -31.34
C ALA A 59 3.01 15.53 -32.30
N GLU A 60 2.58 16.73 -32.67
CA GLU A 60 1.44 16.94 -33.55
C GLU A 60 1.43 16.08 -34.80
N ARG A 61 2.61 15.78 -35.34
CA ARG A 61 2.70 14.99 -36.56
C ARG A 61 2.46 13.48 -36.43
N TYR A 62 2.14 13.00 -35.23
CA TYR A 62 1.93 11.56 -35.06
C TYR A 62 0.54 11.15 -34.59
N ASP A 63 0.17 9.91 -34.89
CA ASP A 63 -1.15 9.38 -34.55
C ASP A 63 -1.11 8.46 -33.35
N THR A 64 -1.61 8.99 -32.23
CA THR A 64 -1.66 8.29 -30.96
C THR A 64 -2.38 6.97 -31.05
N GLY A 65 -3.55 6.97 -31.68
CA GLY A 65 -4.31 5.73 -31.81
C GLY A 65 -3.47 4.64 -32.44
N ALA A 66 -2.79 4.97 -33.52
CA ALA A 66 -1.95 4.01 -34.23
C ALA A 66 -0.79 3.54 -33.34
N LEU A 67 -0.10 4.49 -32.72
CA LEU A 67 1.02 4.16 -31.86
C LEU A 67 0.58 3.24 -30.72
N ALA A 68 -0.59 3.55 -30.15
CA ALA A 68 -1.13 2.77 -29.06
C ALA A 68 -1.24 1.28 -29.38
N ASN A 69 -1.74 0.96 -30.57
CA ASN A 69 -1.88 -0.45 -30.96
C ASN A 69 -0.53 -1.11 -31.19
N ALA A 70 0.44 -0.32 -31.65
CA ALA A 70 1.78 -0.85 -31.89
C ALA A 70 2.45 -1.15 -30.56
N ILE A 71 2.29 -0.26 -29.59
CA ILE A 71 2.89 -0.44 -28.29
C ILE A 71 2.48 -1.77 -27.69
N ALA A 72 1.22 -2.13 -27.90
CA ALA A 72 0.67 -3.37 -27.37
C ALA A 72 1.44 -4.59 -27.87
N THR A 73 2.23 -4.39 -28.92
CA THR A 73 3.00 -5.48 -29.50
C THR A 73 4.49 -5.28 -29.27
N ALA A 74 4.89 -4.03 -29.13
CA ALA A 74 6.30 -3.70 -28.94
C ALA A 74 6.81 -3.92 -27.51
N GLY A 75 5.96 -3.61 -26.53
CA GLY A 75 6.36 -3.77 -25.15
C GLY A 75 6.74 -2.44 -24.50
N ASN A 76 6.92 -1.43 -25.34
CA ASN A 76 7.24 -0.09 -24.87
C ASN A 76 6.78 0.98 -25.87
N SER A 77 6.97 2.25 -25.54
CA SER A 77 6.55 3.33 -26.42
C SER A 77 7.63 3.84 -27.37
N ALA A 78 8.89 3.71 -26.97
CA ALA A 78 10.00 4.17 -27.79
C ALA A 78 10.10 3.54 -29.19
N ILE A 79 10.14 2.21 -29.30
CA ILE A 79 10.30 1.62 -30.62
C ILE A 79 9.18 1.98 -31.59
N PRO A 80 7.90 1.97 -31.16
CA PRO A 80 6.89 2.34 -32.17
C PRO A 80 7.02 3.81 -32.58
N LEU A 81 7.47 4.66 -31.66
CA LEU A 81 7.61 6.08 -31.96
C LEU A 81 8.79 6.31 -32.88
N VAL A 82 9.91 5.66 -32.58
CA VAL A 82 11.11 5.82 -33.38
C VAL A 82 10.83 5.36 -34.82
N LYS A 83 10.10 4.25 -34.96
CA LYS A 83 9.79 3.73 -36.27
C LYS A 83 8.91 4.74 -37.03
N ALA A 84 7.91 5.29 -36.34
CA ALA A 84 7.01 6.29 -36.94
C ALA A 84 7.78 7.56 -37.30
N LEU A 85 8.78 7.91 -36.48
CA LEU A 85 9.59 9.09 -36.72
C LEU A 85 10.41 8.84 -37.99
N GLY A 86 10.97 7.64 -38.10
CA GLY A 86 11.75 7.31 -39.27
C GLY A 86 10.96 7.44 -40.56
N LYS A 87 9.73 6.92 -40.56
CA LYS A 87 8.87 6.95 -41.74
C LYS A 87 8.49 8.38 -42.12
N VAL A 88 8.60 9.31 -41.18
CA VAL A 88 8.27 10.70 -41.45
C VAL A 88 9.49 11.41 -42.04
N ILE A 89 10.67 11.04 -41.55
CA ILE A 89 11.91 11.62 -42.04
C ILE A 89 12.23 11.08 -43.43
N ALA A 90 11.70 9.89 -43.74
CA ALA A 90 11.93 9.26 -45.03
C ALA A 90 11.27 10.06 -46.15
N THR A 91 10.05 10.52 -45.90
CA THR A 91 9.30 11.30 -46.88
C THR A 91 10.12 12.45 -47.47
N GLY A 92 10.84 13.18 -46.61
CA GLY A 92 11.63 14.30 -47.08
C GLY A 92 13.08 13.97 -47.37
N VAL A 93 13.86 13.69 -46.32
CA VAL A 93 15.27 13.37 -46.48
C VAL A 93 15.51 11.89 -46.17
N PRO A 94 15.19 11.00 -47.13
CA PRO A 94 15.35 9.54 -47.02
C PRO A 94 16.65 9.04 -46.42
N GLU A 95 17.76 9.70 -46.76
CA GLU A 95 19.06 9.27 -46.25
C GLU A 95 19.39 9.77 -44.87
N ALA A 96 18.42 10.43 -44.24
CA ALA A 96 18.63 10.93 -42.88
C ALA A 96 18.07 9.89 -41.91
N GLU A 97 17.16 9.07 -42.41
CA GLU A 97 16.51 8.03 -41.60
C GLU A 97 17.45 7.13 -40.81
N ARG A 98 18.61 6.83 -41.37
CA ARG A 98 19.56 5.95 -40.71
C ARG A 98 20.28 6.53 -39.49
N TYR A 99 20.08 7.82 -39.21
CA TYR A 99 20.74 8.46 -38.08
C TYR A 99 19.88 8.70 -36.85
N VAL A 100 18.58 8.47 -36.98
CA VAL A 100 17.68 8.68 -35.86
C VAL A 100 17.85 7.61 -34.80
N HIS A 101 17.84 8.04 -33.52
CA HIS A 101 17.95 7.15 -32.39
C HIS A 101 19.25 6.32 -32.38
N LEU A 102 20.31 6.89 -32.96
CA LEU A 102 21.60 6.21 -33.04
C LEU A 102 22.35 5.99 -31.72
N GLY A 103 22.64 4.74 -31.42
CA GLY A 103 23.37 4.38 -30.21
C GLY A 103 22.57 4.36 -28.91
N ALA A 104 21.28 4.68 -29.00
CA ALA A 104 20.44 4.72 -27.81
C ALA A 104 19.46 3.57 -27.73
N THR A 105 19.06 3.23 -26.52
CA THR A 105 18.08 2.17 -26.34
C THR A 105 16.73 2.81 -26.01
N SER A 106 15.64 2.05 -26.16
CA SER A 106 14.31 2.58 -25.88
C SER A 106 14.17 3.30 -24.53
N GLN A 107 14.63 2.66 -23.46
CA GLN A 107 14.53 3.27 -22.15
C GLN A 107 15.25 4.64 -22.02
N ASP A 108 16.30 4.86 -22.81
CA ASP A 108 17.00 6.13 -22.78
C ASP A 108 16.01 7.23 -23.18
N ALA A 109 15.33 7.01 -24.29
CA ALA A 109 14.35 7.97 -24.79
C ALA A 109 13.19 8.14 -23.80
N MET A 110 12.67 7.02 -23.31
CA MET A 110 11.56 7.02 -22.37
C MET A 110 11.87 7.69 -21.02
N ASP A 111 12.93 7.29 -20.36
CA ASP A 111 13.27 7.90 -19.08
C ASP A 111 13.63 9.38 -19.22
N THR A 112 14.44 9.72 -20.22
CA THR A 112 14.82 11.11 -20.40
C THR A 112 13.60 11.94 -20.72
N GLY A 113 12.74 11.41 -21.60
CA GLY A 113 11.52 12.12 -21.93
C GLY A 113 10.73 12.39 -20.67
N LEU A 114 10.64 11.38 -19.82
CA LEU A 114 9.92 11.50 -18.55
C LEU A 114 10.56 12.58 -17.67
N VAL A 115 11.88 12.56 -17.56
CA VAL A 115 12.57 13.54 -16.75
C VAL A 115 12.21 14.94 -17.24
N LEU A 116 12.13 15.11 -18.56
CA LEU A 116 11.77 16.41 -19.11
C LEU A 116 10.37 16.78 -18.60
N GLN A 117 9.44 15.85 -18.68
CA GLN A 117 8.09 16.15 -18.18
C GLN A 117 8.12 16.43 -16.69
N LEU A 118 8.95 15.67 -15.95
CA LEU A 118 9.05 15.89 -14.52
C LEU A 118 9.60 17.28 -14.20
N ARG A 119 10.49 17.77 -15.06
CA ARG A 119 11.05 19.10 -14.84
C ARG A 119 9.95 20.17 -14.95
N ASP A 120 9.13 20.08 -16.00
CA ASP A 120 8.05 21.05 -16.15
C ASP A 120 7.11 20.91 -14.99
N ALA A 121 6.89 19.67 -14.56
CA ALA A 121 6.01 19.41 -13.44
C ALA A 121 6.59 20.04 -12.16
N LEU A 122 7.88 19.83 -11.92
CA LEU A 122 8.54 20.37 -10.73
C LEU A 122 8.33 21.87 -10.69
N ASP A 123 8.55 22.49 -11.84
CA ASP A 123 8.38 23.93 -11.95
C ASP A 123 6.97 24.39 -11.58
N LEU A 124 5.94 23.65 -11.96
CA LEU A 124 4.58 24.06 -11.59
C LEU A 124 4.39 23.96 -10.09
N ILE A 125 4.73 22.80 -9.55
CA ILE A 125 4.60 22.52 -8.13
C ILE A 125 5.34 23.53 -7.27
N GLU A 126 6.53 23.96 -7.70
CA GLU A 126 7.24 24.92 -6.88
C GLU A 126 6.53 26.26 -6.91
N ALA A 127 5.99 26.63 -8.07
CA ALA A 127 5.27 27.88 -8.22
C ALA A 127 4.08 27.88 -7.30
N ASP A 128 3.19 26.89 -7.48
CA ASP A 128 1.99 26.80 -6.66
C ASP A 128 2.33 26.77 -5.19
N LEU A 129 3.35 25.98 -4.83
CA LEU A 129 3.75 25.91 -3.43
C LEU A 129 4.06 27.29 -2.86
N GLY A 130 4.97 28.02 -3.54
CA GLY A 130 5.34 29.35 -3.10
C GLY A 130 4.14 30.26 -3.01
N LYS A 131 3.28 30.21 -4.03
CA LYS A 131 2.08 31.05 -4.06
C LYS A 131 1.23 30.72 -2.84
N LEU A 132 0.97 29.44 -2.62
CA LEU A 132 0.16 29.00 -1.48
C LEU A 132 0.79 29.39 -0.13
N ALA A 133 2.12 29.29 -0.04
CA ALA A 133 2.83 29.63 1.18
C ALA A 133 2.69 31.12 1.49
N ASP A 134 2.73 31.95 0.45
CA ASP A 134 2.58 33.39 0.60
C ASP A 134 1.22 33.72 1.20
N THR A 135 0.16 33.31 0.51
CA THR A 135 -1.17 33.63 1.01
C THR A 135 -1.42 33.01 2.39
N LEU A 136 -0.84 31.84 2.64
CA LEU A 136 -1.03 31.18 3.92
C LEU A 136 -0.30 31.99 4.98
N SER A 137 0.80 32.61 4.58
CA SER A 137 1.60 33.43 5.47
C SER A 137 0.80 34.63 5.93
N GLN A 138 0.12 35.29 5.01
CA GLN A 138 -0.69 36.46 5.32
C GLN A 138 -1.80 36.11 6.27
N GLN A 139 -2.55 35.06 5.92
CA GLN A 139 -3.65 34.63 6.76
C GLN A 139 -3.14 34.36 8.15
N ALA A 140 -2.02 33.66 8.27
CA ALA A 140 -1.47 33.35 9.59
C ALA A 140 -1.28 34.63 10.39
N LEU A 141 -0.68 35.64 9.77
CA LEU A 141 -0.46 36.91 10.45
C LEU A 141 -1.80 37.59 10.76
N LYS A 142 -2.67 37.64 9.76
CA LYS A 142 -3.98 38.26 9.93
C LYS A 142 -4.72 37.74 11.14
N HIS A 143 -4.70 36.42 11.35
CA HIS A 143 -5.40 35.86 12.51
C HIS A 143 -4.43 35.36 13.57
N ALA A 144 -3.24 35.94 13.60
CA ALA A 144 -2.24 35.51 14.58
C ALA A 144 -2.78 35.46 16.00
N ASP A 145 -3.80 36.25 16.29
CA ASP A 145 -4.34 36.24 17.65
C ASP A 145 -5.84 36.14 17.83
N THR A 146 -6.56 35.71 16.80
CA THR A 146 -7.99 35.53 16.97
C THR A 146 -8.05 34.16 17.65
N PRO A 147 -8.59 34.12 18.88
CA PRO A 147 -8.68 32.85 19.62
C PRO A 147 -9.78 31.85 19.28
N LEU A 148 -9.41 30.57 19.32
CA LEU A 148 -10.35 29.47 19.09
C LEU A 148 -9.93 28.40 20.10
N VAL A 149 -10.86 27.53 20.50
CA VAL A 149 -10.57 26.48 21.47
C VAL A 149 -9.63 25.43 20.87
N GLY A 150 -8.77 24.85 21.70
CA GLY A 150 -7.88 23.83 21.19
C GLY A 150 -8.63 22.51 21.18
N ARG A 151 -8.37 21.67 20.18
CA ARG A 151 -9.05 20.39 20.11
C ARG A 151 -8.06 19.22 20.11
N THR A 152 -8.16 18.42 21.16
CA THR A 152 -7.31 17.27 21.40
C THR A 152 -8.18 16.01 21.38
N TRP A 153 -7.88 15.05 20.51
CA TRP A 153 -8.70 13.83 20.42
C TRP A 153 -10.16 14.23 20.21
N LEU A 154 -10.35 15.37 19.54
CA LEU A 154 -11.66 15.95 19.24
C LEU A 154 -12.37 16.51 20.49
N GLN A 155 -11.63 16.65 21.58
CA GLN A 155 -12.15 17.20 22.83
C GLN A 155 -11.55 18.58 23.06
N HIS A 156 -12.32 19.46 23.70
CA HIS A 156 -11.87 20.81 23.97
C HIS A 156 -10.66 20.82 24.90
N ALA A 157 -9.67 21.66 24.58
CA ALA A 157 -8.45 21.79 25.36
C ALA A 157 -8.10 23.27 25.43
N THR A 158 -7.02 23.60 26.14
CA THR A 158 -6.63 25.01 26.27
C THR A 158 -6.63 25.75 24.93
N PRO A 159 -6.88 27.06 24.98
CA PRO A 159 -6.93 27.92 23.80
C PRO A 159 -5.77 27.77 22.84
N VAL A 160 -6.03 28.22 21.62
CA VAL A 160 -5.10 28.19 20.51
C VAL A 160 -5.57 29.36 19.64
N THR A 161 -4.79 29.72 18.63
CA THR A 161 -5.17 30.82 17.74
C THR A 161 -5.32 30.29 16.31
N LEU A 162 -6.19 30.89 15.50
CA LEU A 162 -6.37 30.40 14.13
C LEU A 162 -5.06 30.55 13.37
N GLY A 163 -4.34 31.63 13.66
CA GLY A 163 -3.08 31.85 12.98
C GLY A 163 -2.08 30.77 13.34
N MET A 164 -2.13 30.30 14.59
CA MET A 164 -1.22 29.27 15.04
C MET A 164 -1.43 28.04 14.14
N LYS A 165 -2.69 27.64 13.97
CA LYS A 165 -3.04 26.50 13.14
C LYS A 165 -2.54 26.70 11.72
N LEU A 166 -2.91 27.80 11.07
CA LEU A 166 -2.45 28.04 9.70
C LEU A 166 -0.91 28.06 9.60
N ALA A 167 -0.23 28.51 10.66
CA ALA A 167 1.23 28.58 10.65
C ALA A 167 1.84 27.17 10.56
N GLY A 168 1.17 26.19 11.18
CA GLY A 168 1.66 24.83 11.14
C GLY A 168 1.69 24.32 9.70
N VAL A 169 0.63 24.61 8.96
CA VAL A 169 0.58 24.20 7.57
C VAL A 169 1.69 24.94 6.84
N LEU A 170 1.87 26.22 7.16
CA LEU A 170 2.94 27.00 6.52
C LEU A 170 4.28 26.30 6.77
N GLY A 171 4.52 25.94 8.02
CA GLY A 171 5.77 25.27 8.39
C GLY A 171 6.07 24.08 7.49
N ALA A 172 5.10 23.17 7.41
CA ALA A 172 5.24 21.97 6.59
C ALA A 172 5.51 22.32 5.12
N LEU A 173 4.76 23.26 4.57
CA LEU A 173 4.97 23.66 3.17
C LEU A 173 6.39 24.20 2.92
N THR A 174 6.93 24.92 3.90
CA THR A 174 8.29 25.46 3.74
C THR A 174 9.26 24.30 3.67
N ARG A 175 9.10 23.34 4.59
CA ARG A 175 9.96 22.18 4.60
C ARG A 175 9.89 21.41 3.27
N HIS A 176 8.72 21.39 2.63
CA HIS A 176 8.60 20.68 1.35
C HIS A 176 9.30 21.42 0.21
N ARG A 177 9.29 22.75 0.26
CA ARG A 177 9.95 23.56 -0.77
C ARG A 177 11.43 23.30 -0.65
N GLN A 178 11.86 23.14 0.60
CA GLN A 178 13.23 22.88 0.93
C GLN A 178 13.65 21.54 0.33
N ARG A 179 12.83 20.53 0.56
CA ARG A 179 13.07 19.19 0.06
C ARG A 179 13.11 19.15 -1.48
N LEU A 180 12.15 19.81 -2.13
CA LEU A 180 12.09 19.86 -3.59
C LEU A 180 13.36 20.53 -4.13
N GLN A 181 13.88 21.47 -3.36
CA GLN A 181 15.08 22.19 -3.76
C GLN A 181 16.31 21.26 -3.68
N GLU A 182 16.37 20.47 -2.63
CA GLU A 182 17.49 19.57 -2.43
C GLU A 182 17.52 18.41 -3.43
N LEU A 183 16.36 17.93 -3.85
CA LEU A 183 16.32 16.81 -4.78
C LEU A 183 16.47 17.22 -6.25
N ARG A 184 16.24 18.49 -6.55
CA ARG A 184 16.34 18.96 -7.92
C ARG A 184 17.61 18.53 -8.68
N PRO A 185 18.79 18.77 -8.10
CA PRO A 185 20.03 18.38 -8.79
C PRO A 185 20.18 16.87 -8.95
N ARG A 186 19.50 16.13 -8.09
CA ARG A 186 19.53 14.66 -8.07
C ARG A 186 18.59 14.08 -9.13
N LEU A 187 17.38 14.61 -9.20
CA LEU A 187 16.36 14.15 -10.13
C LEU A 187 16.55 14.51 -11.59
N LEU A 188 16.93 15.75 -11.87
CA LEU A 188 17.07 16.20 -13.25
C LEU A 188 18.35 15.75 -13.94
N VAL A 189 18.46 14.44 -14.16
CA VAL A 189 19.63 13.88 -14.82
C VAL A 189 19.25 13.19 -16.12
N LEU A 190 20.25 13.03 -16.99
CA LEU A 190 20.04 12.38 -18.27
C LEU A 190 20.09 10.85 -18.15
N GLN A 191 19.31 10.16 -18.97
CA GLN A 191 19.34 8.71 -18.99
C GLN A 191 19.88 8.34 -20.35
N PHE A 192 21.16 8.01 -20.42
CA PHE A 192 21.76 7.64 -21.69
C PHE A 192 22.76 6.50 -21.44
N GLY A 193 22.32 5.26 -21.65
CA GLY A 193 23.19 4.13 -21.42
C GLY A 193 23.25 3.11 -22.55
N GLY A 194 22.28 3.14 -23.44
CA GLY A 194 22.28 2.20 -24.54
C GLY A 194 21.81 0.82 -24.10
N ALA A 195 21.67 -0.08 -25.08
CA ALA A 195 21.21 -1.44 -24.86
C ALA A 195 21.38 -2.01 -23.46
N SER A 196 22.61 -1.96 -22.95
CA SER A 196 22.86 -2.52 -21.63
C SER A 196 23.56 -1.55 -20.68
N GLY A 197 23.49 -0.26 -21.01
CA GLY A 197 24.10 0.75 -20.17
C GLY A 197 25.61 0.91 -20.33
N SER A 198 26.20 0.21 -21.30
CA SER A 198 27.64 0.31 -21.52
C SER A 198 27.96 1.38 -22.55
N LEU A 199 26.95 1.76 -23.34
CA LEU A 199 27.12 2.78 -24.36
C LEU A 199 28.22 2.35 -25.35
N ALA A 200 28.49 1.04 -25.40
CA ALA A 200 29.51 0.49 -26.27
C ALA A 200 29.33 0.81 -27.76
N ALA A 201 28.08 0.91 -28.20
CA ALA A 201 27.79 1.20 -29.60
C ALA A 201 28.45 2.49 -30.13
N LEU A 202 28.70 3.43 -29.24
CA LEU A 202 29.31 4.69 -29.65
C LEU A 202 30.82 4.68 -29.56
N GLY A 203 31.39 3.56 -29.11
CA GLY A 203 32.83 3.48 -29.00
C GLY A 203 33.40 4.60 -28.15
N SER A 204 34.47 5.22 -28.63
CA SER A 204 35.14 6.31 -27.91
C SER A 204 34.42 7.66 -27.94
N LYS A 205 33.37 7.77 -28.76
CA LYS A 205 32.60 9.02 -28.83
C LYS A 205 31.48 9.01 -27.78
N ALA A 206 31.49 8.01 -26.92
CA ALA A 206 30.46 7.85 -25.88
C ALA A 206 30.33 9.05 -24.94
N MET A 207 31.38 9.33 -24.18
CA MET A 207 31.34 10.46 -23.25
C MET A 207 31.12 11.79 -23.95
N PRO A 208 31.78 12.02 -25.09
CA PRO A 208 31.57 13.29 -25.77
C PRO A 208 30.11 13.48 -26.15
N VAL A 209 29.49 12.44 -26.70
CA VAL A 209 28.10 12.57 -27.10
C VAL A 209 27.21 12.72 -25.87
N ALA A 210 27.56 12.03 -24.80
CA ALA A 210 26.78 12.08 -23.56
C ALA A 210 26.74 13.49 -22.97
N GLU A 211 27.91 14.11 -22.85
CA GLU A 211 27.98 15.45 -22.28
C GLU A 211 27.28 16.45 -23.19
N ALA A 212 27.49 16.32 -24.49
CA ALA A 212 26.85 17.22 -25.43
C ALA A 212 25.34 17.08 -25.31
N LEU A 213 24.88 15.84 -25.13
CA LEU A 213 23.45 15.57 -25.00
C LEU A 213 22.84 16.17 -23.75
N ALA A 214 23.53 16.00 -22.62
CA ALA A 214 23.06 16.54 -21.36
C ALA A 214 22.91 18.06 -21.50
N GLU A 215 23.99 18.70 -21.92
CA GLU A 215 24.03 20.13 -22.12
C GLU A 215 22.88 20.59 -23.01
N GLN A 216 22.65 19.86 -24.11
CA GLN A 216 21.57 20.16 -25.05
C GLN A 216 20.22 20.26 -24.38
N LEU A 217 19.95 19.31 -23.50
CA LEU A 217 18.68 19.25 -22.79
C LEU A 217 18.71 19.98 -21.45
N LYS A 218 19.83 20.61 -21.16
CA LYS A 218 19.96 21.33 -19.90
C LYS A 218 19.74 20.41 -18.70
N LEU A 219 20.29 19.21 -18.79
CA LEU A 219 20.19 18.22 -17.72
C LEU A 219 21.59 17.85 -17.29
N THR A 220 21.71 17.39 -16.05
CA THR A 220 23.00 16.98 -15.53
C THR A 220 23.32 15.57 -16.05
N LEU A 221 24.60 15.25 -16.15
CA LEU A 221 25.00 13.92 -16.58
C LEU A 221 25.24 13.19 -15.27
N PRO A 222 24.57 12.06 -15.04
CA PRO A 222 24.74 11.30 -13.79
C PRO A 222 26.06 10.54 -13.75
N GLU A 223 26.44 10.03 -12.58
CA GLU A 223 27.70 9.31 -12.46
C GLU A 223 27.72 8.11 -13.41
N GLN A 224 26.53 7.54 -13.63
CA GLN A 224 26.35 6.40 -14.52
C GLN A 224 24.88 6.29 -14.89
N PRO A 225 24.55 5.52 -15.95
CA PRO A 225 23.15 5.37 -16.35
C PRO A 225 22.38 4.73 -15.20
N TRP A 226 21.07 4.86 -15.18
CA TRP A 226 20.28 4.29 -14.10
C TRP A 226 19.01 3.56 -14.56
N HIS A 227 19.17 2.68 -15.55
CA HIS A 227 18.03 1.91 -16.07
C HIS A 227 17.30 1.11 -14.99
N THR A 228 18.04 0.55 -14.03
CA THR A 228 17.41 -0.21 -12.98
C THR A 228 17.64 0.29 -11.54
N GLN A 229 18.11 1.52 -11.42
CA GLN A 229 18.31 2.13 -10.11
C GLN A 229 17.30 3.27 -10.16
N ARG A 230 16.12 3.06 -9.58
CA ARG A 230 15.02 4.03 -9.65
C ARG A 230 14.77 4.97 -8.46
N ASP A 231 15.69 5.01 -7.52
CA ASP A 231 15.51 5.87 -6.35
C ASP A 231 15.22 7.32 -6.69
N ARG A 232 15.79 7.84 -7.77
CA ARG A 232 15.54 9.22 -8.10
C ARG A 232 14.07 9.47 -8.32
N LEU A 233 13.41 8.62 -9.10
CA LEU A 233 11.99 8.81 -9.34
C LEU A 233 11.13 8.57 -8.08
N VAL A 234 11.45 7.53 -7.32
CA VAL A 234 10.66 7.23 -6.14
C VAL A 234 10.80 8.35 -5.10
N GLU A 235 11.98 8.94 -5.01
CA GLU A 235 12.17 10.02 -4.06
C GLU A 235 11.24 11.17 -4.39
N PHE A 236 11.23 11.60 -5.65
CA PHE A 236 10.36 12.69 -6.07
C PHE A 236 8.91 12.40 -5.71
N ALA A 237 8.46 11.20 -6.03
CA ALA A 237 7.09 10.81 -5.74
C ALA A 237 6.84 10.88 -4.23
N SER A 238 7.85 10.49 -3.46
CA SER A 238 7.71 10.50 -2.04
C SER A 238 7.52 11.91 -1.45
N VAL A 239 8.19 12.91 -2.03
CA VAL A 239 8.03 14.28 -1.53
C VAL A 239 6.62 14.78 -1.89
N LEU A 240 6.16 14.43 -3.09
CA LEU A 240 4.83 14.81 -3.51
C LEU A 240 3.86 14.13 -2.52
N GLY A 241 4.23 12.96 -2.01
CA GLY A 241 3.40 12.25 -1.05
C GLY A 241 3.27 13.03 0.23
N LEU A 242 4.39 13.60 0.67
CA LEU A 242 4.43 14.41 1.88
C LEU A 242 3.51 15.63 1.64
N VAL A 243 3.58 16.22 0.45
CA VAL A 243 2.73 17.37 0.13
C VAL A 243 1.24 17.03 0.23
N ALA A 244 0.86 15.90 -0.38
CA ALA A 244 -0.54 15.48 -0.34
C ALA A 244 -0.97 15.29 1.11
N GLY A 245 -0.10 14.69 1.92
CA GLY A 245 -0.40 14.46 3.32
C GLY A 245 -0.64 15.73 4.14
N SER A 246 0.23 16.73 3.96
CA SER A 246 0.08 17.97 4.71
C SER A 246 -1.19 18.66 4.27
N LEU A 247 -1.42 18.76 2.96
CA LEU A 247 -2.64 19.39 2.46
C LEU A 247 -3.85 18.56 2.91
N GLY A 248 -3.63 17.26 3.13
CA GLY A 248 -4.70 16.41 3.60
C GLY A 248 -5.10 16.80 5.00
N LYS A 249 -4.11 17.19 5.81
CA LYS A 249 -4.36 17.60 7.19
C LYS A 249 -5.16 18.90 7.17
N PHE A 250 -4.76 19.81 6.29
CA PHE A 250 -5.41 21.10 6.12
C PHE A 250 -6.88 20.91 5.72
N GLY A 251 -7.11 20.07 4.71
CA GLY A 251 -8.47 19.80 4.26
C GLY A 251 -9.33 19.19 5.37
N ARG A 252 -8.74 18.31 6.17
CA ARG A 252 -9.50 17.68 7.25
C ARG A 252 -9.93 18.75 8.26
N ASP A 253 -8.99 19.59 8.66
CA ASP A 253 -9.24 20.66 9.62
C ASP A 253 -10.36 21.58 9.16
N ILE A 254 -10.35 21.95 7.87
CA ILE A 254 -11.40 22.80 7.34
C ILE A 254 -12.76 22.13 7.47
N SER A 255 -12.85 20.89 6.99
CA SER A 255 -14.09 20.14 7.05
C SER A 255 -14.63 20.03 8.46
N LEU A 256 -13.75 19.90 9.44
CA LEU A 256 -14.21 19.78 10.82
C LEU A 256 -14.63 21.15 11.36
N LEU A 257 -13.98 22.20 10.87
CA LEU A 257 -14.32 23.55 11.29
C LEU A 257 -15.64 23.97 10.65
N MET A 258 -15.94 23.42 9.47
CA MET A 258 -17.19 23.75 8.77
C MET A 258 -18.38 22.94 9.30
N GLN A 259 -18.13 22.04 10.23
CA GLN A 259 -19.21 21.22 10.81
C GLN A 259 -20.31 22.13 11.33
N THR A 260 -21.55 21.66 11.23
CA THR A 260 -22.67 22.45 11.70
C THR A 260 -22.49 22.82 13.16
N GLU A 261 -22.06 21.86 13.98
CA GLU A 261 -21.88 22.14 15.39
C GLU A 261 -20.63 22.93 15.75
N ALA A 262 -19.87 23.36 14.75
CA ALA A 262 -18.67 24.14 15.00
C ALA A 262 -18.81 25.49 14.29
N GLY A 263 -19.03 25.43 12.98
CA GLY A 263 -19.18 26.63 12.17
C GLY A 263 -18.21 27.78 12.44
N GLU A 264 -16.92 27.51 12.48
CA GLU A 264 -15.94 28.56 12.74
C GLU A 264 -15.19 29.05 11.52
N VAL A 265 -14.94 28.16 10.57
CA VAL A 265 -14.23 28.53 9.34
C VAL A 265 -14.97 27.88 8.18
N PHE A 266 -15.03 28.57 7.05
CA PHE A 266 -15.74 28.05 5.89
C PHE A 266 -14.96 28.25 4.61
N GLU A 267 -15.20 27.37 3.65
CA GLU A 267 -14.59 27.45 2.33
C GLU A 267 -15.33 28.59 1.65
N PRO A 268 -14.69 29.26 0.67
CA PRO A 268 -15.35 30.36 -0.03
C PRO A 268 -16.68 29.86 -0.60
N SER A 269 -17.65 30.75 -0.82
CA SER A 269 -18.94 30.36 -1.37
C SER A 269 -18.90 30.06 -2.87
N ALA A 270 -19.63 29.02 -3.29
CA ALA A 270 -19.70 28.59 -4.68
C ALA A 270 -19.45 29.71 -5.71
N PRO A 271 -18.25 29.73 -6.32
CA PRO A 271 -17.88 30.75 -7.30
C PRO A 271 -18.95 30.95 -8.39
N LYS A 282 -27.37 24.20 2.83
CA LYS A 282 -26.14 23.52 3.32
C LYS A 282 -24.92 23.88 2.46
N ARG A 283 -23.85 24.25 3.14
CA ARG A 283 -22.60 24.62 2.49
C ARG A 283 -21.64 23.44 2.63
N ASN A 284 -21.49 22.69 1.56
CA ASN A 284 -20.60 21.54 1.56
C ASN A 284 -19.18 21.93 1.19
N PRO A 285 -18.18 21.33 1.87
CA PRO A 285 -16.79 21.64 1.56
C PRO A 285 -16.31 20.82 0.37
N VAL A 286 -16.66 21.26 -0.85
CA VAL A 286 -16.28 20.52 -2.05
C VAL A 286 -14.78 20.60 -2.31
N GLY A 287 -14.14 21.65 -1.79
CA GLY A 287 -12.71 21.78 -1.96
C GLY A 287 -11.95 20.84 -1.01
N ALA A 288 -12.37 20.82 0.25
CA ALA A 288 -11.71 19.96 1.22
C ALA A 288 -11.78 18.50 0.79
N ALA A 289 -12.86 18.14 0.10
CA ALA A 289 -13.03 16.77 -0.37
C ALA A 289 -11.87 16.39 -1.26
N VAL A 290 -11.43 17.32 -2.10
CA VAL A 290 -10.31 17.03 -2.99
C VAL A 290 -9.04 16.81 -2.21
N LEU A 291 -8.81 17.62 -1.18
CA LEU A 291 -7.58 17.50 -0.40
C LEU A 291 -7.57 16.19 0.37
N ILE A 292 -8.71 15.82 0.93
CA ILE A 292 -8.78 14.59 1.70
C ILE A 292 -8.67 13.42 0.74
N GLY A 293 -9.28 13.54 -0.43
CA GLY A 293 -9.22 12.48 -1.42
C GLY A 293 -7.79 12.17 -1.81
N ALA A 294 -7.01 13.22 -2.11
CA ALA A 294 -5.62 13.06 -2.51
C ALA A 294 -4.81 12.40 -1.38
N ALA A 295 -5.01 12.86 -0.16
CA ALA A 295 -4.29 12.29 0.99
C ALA A 295 -4.67 10.84 1.22
N THR A 296 -5.76 10.40 0.59
CA THR A 296 -6.21 9.01 0.74
C THR A 296 -5.72 8.13 -0.41
N ARG A 297 -5.66 8.71 -1.62
CA ARG A 297 -5.23 8.01 -2.84
C ARG A 297 -3.72 7.85 -3.06
N VAL A 298 -2.97 8.89 -2.70
CA VAL A 298 -1.54 8.89 -2.92
C VAL A 298 -0.69 7.84 -2.21
N PRO A 299 -0.98 7.53 -0.93
CA PRO A 299 -0.14 6.52 -0.27
C PRO A 299 -0.06 5.22 -1.07
N GLY A 300 -1.19 4.79 -1.60
CA GLY A 300 -1.20 3.56 -2.37
C GLY A 300 -0.36 3.66 -3.64
N LEU A 301 -0.48 4.79 -4.34
CA LEU A 301 0.28 5.00 -5.58
C LEU A 301 1.76 5.08 -5.28
N LEU A 302 2.10 5.67 -4.13
CA LEU A 302 3.48 5.79 -3.74
C LEU A 302 4.10 4.45 -3.41
N SER A 303 3.38 3.59 -2.68
CA SER A 303 3.93 2.28 -2.32
C SER A 303 4.19 1.48 -3.59
N THR A 304 3.45 1.77 -4.66
CA THR A 304 3.65 1.07 -5.91
C THR A 304 5.04 1.36 -6.41
N LEU A 305 5.42 2.63 -6.38
CA LEU A 305 6.74 3.02 -6.83
C LEU A 305 7.82 2.38 -5.98
N PHE A 306 7.62 2.31 -4.67
CA PHE A 306 8.59 1.65 -3.80
C PHE A 306 8.64 0.16 -4.19
N ALA A 307 7.47 -0.45 -4.32
CA ALA A 307 7.34 -1.85 -4.68
C ALA A 307 8.10 -2.26 -5.96
N ALA A 308 8.20 -1.35 -6.92
CA ALA A 308 8.86 -1.64 -8.18
C ALA A 308 10.35 -1.39 -8.21
N MET A 309 10.95 -1.10 -7.07
CA MET A 309 12.38 -0.80 -7.07
C MET A 309 13.34 -1.94 -7.34
N PRO A 310 13.04 -3.15 -6.83
CA PRO A 310 14.00 -4.24 -7.09
C PRO A 310 13.99 -4.76 -8.51
N GLN A 311 14.35 -3.88 -9.44
CA GLN A 311 14.38 -4.19 -10.87
C GLN A 311 15.61 -5.00 -11.25
N GLU A 312 15.38 -6.16 -11.85
CA GLU A 312 16.46 -7.07 -12.23
C GLU A 312 17.43 -6.64 -13.31
N HIS A 313 18.71 -6.89 -13.02
CA HIS A 313 19.79 -6.64 -13.96
C HIS A 313 19.78 -5.31 -14.72
N GLU A 314 19.92 -5.38 -16.04
CA GLU A 314 20.00 -4.20 -16.91
C GLU A 314 18.70 -3.57 -17.40
N ARG A 315 17.60 -4.29 -17.23
CA ARG A 315 16.28 -3.79 -17.60
C ARG A 315 15.27 -4.81 -17.11
N SER A 316 14.30 -4.35 -16.33
CA SER A 316 13.30 -5.23 -15.75
C SER A 316 11.95 -5.14 -16.45
N LEU A 317 11.27 -6.27 -16.62
CA LEU A 317 9.96 -6.25 -17.25
C LEU A 317 8.89 -6.37 -16.18
N GLY A 318 7.83 -5.58 -16.33
CA GLY A 318 6.75 -5.60 -15.36
C GLY A 318 6.95 -4.56 -14.29
N LEU A 319 8.01 -4.68 -13.51
CA LEU A 319 8.25 -3.71 -12.47
C LEU A 319 8.44 -2.33 -13.08
N TRP A 320 9.20 -2.26 -14.16
CA TRP A 320 9.44 -0.98 -14.85
C TRP A 320 8.15 -0.48 -15.46
N HIS A 321 7.36 -1.40 -16.01
CA HIS A 321 6.09 -1.03 -16.64
C HIS A 321 5.15 -0.41 -15.61
N ALA A 322 5.21 -0.87 -14.37
CA ALA A 322 4.34 -0.36 -13.33
C ALA A 322 4.55 1.13 -13.00
N GLU A 323 5.71 1.68 -13.35
CA GLU A 323 5.99 3.08 -13.05
C GLU A 323 5.26 4.01 -14.01
N TRP A 324 5.21 3.61 -15.28
CA TRP A 324 4.65 4.42 -16.35
C TRP A 324 3.44 5.31 -16.10
N GLU A 325 2.33 4.74 -15.62
CA GLU A 325 1.15 5.55 -15.38
C GLU A 325 1.04 6.00 -13.93
N THR A 326 1.73 5.30 -13.04
CA THR A 326 1.68 5.62 -11.62
C THR A 326 2.25 6.99 -11.27
N LEU A 327 3.47 7.30 -11.70
CA LEU A 327 4.09 8.58 -11.39
C LEU A 327 3.22 9.72 -11.89
N PRO A 328 2.74 9.63 -13.14
CA PRO A 328 1.91 10.72 -13.63
C PRO A 328 0.63 10.89 -12.80
N ASP A 329 0.01 9.81 -12.36
CA ASP A 329 -1.21 9.95 -11.54
C ASP A 329 -0.91 10.73 -10.28
N ILE A 330 0.22 10.41 -9.65
CA ILE A 330 0.62 11.10 -8.43
C ILE A 330 0.76 12.59 -8.67
N CYS A 331 1.47 12.96 -9.73
CA CYS A 331 1.66 14.38 -10.05
C CYS A 331 0.34 15.10 -10.29
N CYS A 332 -0.56 14.45 -11.01
CA CYS A 332 -1.85 15.05 -11.29
C CYS A 332 -2.64 15.21 -10.02
N LEU A 333 -2.71 14.15 -9.23
CA LEU A 333 -3.46 14.16 -7.97
C LEU A 333 -3.00 15.30 -7.08
N VAL A 334 -1.68 15.47 -6.96
CA VAL A 334 -1.16 16.52 -6.11
C VAL A 334 -1.40 17.90 -6.71
N SER A 335 -1.31 18.02 -8.02
CA SER A 335 -1.53 19.32 -8.67
C SER A 335 -2.97 19.79 -8.37
N GLY A 336 -3.90 18.83 -8.38
CA GLY A 336 -5.28 19.16 -8.09
C GLY A 336 -5.49 19.59 -6.65
N ALA A 337 -4.76 19.01 -5.71
CA ALA A 337 -4.93 19.35 -4.30
C ALA A 337 -4.36 20.74 -4.03
N LEU A 338 -3.21 21.05 -4.63
CA LEU A 338 -2.58 22.35 -4.46
C LEU A 338 -3.53 23.41 -4.99
N ARG A 339 -4.07 23.17 -6.17
CA ARG A 339 -4.98 24.12 -6.77
C ARG A 339 -6.15 24.42 -5.84
N GLN A 340 -6.76 23.37 -5.31
CA GLN A 340 -7.92 23.50 -4.43
C GLN A 340 -7.55 24.12 -3.08
N ALA A 341 -6.35 23.83 -2.58
CA ALA A 341 -5.90 24.38 -1.31
C ALA A 341 -5.69 25.89 -1.43
N GLN A 342 -5.27 26.33 -2.62
CA GLN A 342 -5.05 27.76 -2.87
C GLN A 342 -6.37 28.51 -2.79
N VAL A 343 -7.39 27.94 -3.43
CA VAL A 343 -8.71 28.53 -3.45
C VAL A 343 -9.21 28.76 -2.04
N ILE A 344 -9.22 27.72 -1.21
CA ILE A 344 -9.73 27.89 0.14
C ILE A 344 -8.81 28.72 1.04
N ALA A 345 -7.51 28.64 0.84
CA ALA A 345 -6.61 29.40 1.69
C ALA A 345 -6.79 30.91 1.51
N GLU A 346 -6.96 31.36 0.28
CA GLU A 346 -7.09 32.80 0.08
C GLU A 346 -8.50 33.32 0.26
N GLY A 347 -9.48 32.45 0.42
CA GLY A 347 -10.83 32.93 0.57
C GLY A 347 -11.68 32.35 1.69
N MET A 348 -11.07 31.69 2.66
CA MET A 348 -11.91 31.15 3.72
C MET A 348 -12.50 32.22 4.61
N GLU A 349 -13.74 31.98 5.02
CA GLU A 349 -14.50 32.89 5.87
C GLU A 349 -14.35 32.53 7.33
N VAL A 350 -14.01 33.51 8.16
CA VAL A 350 -13.84 33.23 9.58
C VAL A 350 -14.96 33.84 10.42
N ASP A 351 -15.42 33.08 11.42
CA ASP A 351 -16.49 33.54 12.32
C ASP A 351 -15.93 33.59 13.72
N ALA A 352 -15.12 34.62 13.99
CA ALA A 352 -14.49 34.79 15.30
C ALA A 352 -15.49 34.76 16.47
N ALA A 353 -16.67 35.34 16.23
CA ALA A 353 -17.71 35.40 17.26
C ALA A 353 -18.13 33.99 17.68
N ARG A 354 -18.34 33.14 16.67
CA ARG A 354 -18.74 31.76 16.90
C ARG A 354 -17.60 31.02 17.63
N MET A 355 -16.37 31.36 17.27
CA MET A 355 -15.20 30.76 17.91
C MET A 355 -15.25 31.08 19.40
N ARG A 356 -15.55 32.33 19.71
CA ARG A 356 -15.66 32.78 21.10
C ARG A 356 -16.75 32.00 21.81
N ARG A 357 -17.91 31.91 21.17
CA ARG A 357 -19.04 31.19 21.74
C ARG A 357 -18.69 29.74 22.05
N ASN A 358 -18.09 29.05 21.07
CA ASN A 358 -17.74 27.65 21.28
C ASN A 358 -16.71 27.51 22.41
N LEU A 359 -15.89 28.54 22.61
CA LEU A 359 -14.86 28.50 23.64
C LEU A 359 -15.39 28.21 25.04
N ASP A 360 -16.49 28.83 25.45
CA ASP A 360 -16.99 28.49 26.78
C ASP A 360 -18.21 27.59 26.69
N LEU A 361 -18.04 26.51 25.94
CA LEU A 361 -19.07 25.51 25.76
C LEU A 361 -18.88 24.57 26.94
N THR A 362 -17.66 24.57 27.47
CA THR A 362 -17.30 23.76 28.62
C THR A 362 -17.38 24.65 29.85
N GLN A 363 -17.91 25.86 29.63
CA GLN A 363 -18.10 26.85 30.69
C GLN A 363 -16.86 27.21 31.48
N GLY A 364 -15.76 27.52 30.79
CA GLY A 364 -14.54 27.90 31.45
C GLY A 364 -13.70 26.79 32.06
N LEU A 365 -14.21 25.55 32.09
CA LEU A 365 -13.43 24.44 32.64
C LEU A 365 -12.13 24.24 31.86
N VAL A 366 -12.14 24.66 30.61
CA VAL A 366 -10.98 24.52 29.73
C VAL A 366 -9.91 25.55 30.13
N LEU A 367 -10.29 26.48 30.99
CA LEU A 367 -9.38 27.52 31.44
C LEU A 367 -9.00 27.33 32.91
N ALA A 368 -9.45 26.21 33.48
CA ALA A 368 -9.18 25.90 34.89
C ALA A 368 -7.68 26.03 35.17
N GLU A 369 -6.87 25.49 34.28
CA GLU A 369 -5.42 25.53 34.40
C GLU A 369 -4.86 26.94 34.59
N ALA A 370 -5.34 27.89 33.77
CA ALA A 370 -4.90 29.28 33.84
C ALA A 370 -5.15 29.89 35.20
N VAL A 371 -6.24 29.45 35.84
CA VAL A 371 -6.62 29.93 37.16
C VAL A 371 -5.80 29.22 38.23
N SER A 372 -5.59 27.92 38.04
CA SER A 372 -4.83 27.11 38.98
C SER A 372 -3.43 27.66 39.26
N ILE A 373 -2.77 28.20 38.25
CA ILE A 373 -1.42 28.72 38.44
C ILE A 373 -1.46 29.99 39.29
N VAL A 374 -2.39 30.89 39.01
CA VAL A 374 -2.51 32.13 39.76
C VAL A 374 -2.86 31.87 41.22
N LEU A 375 -3.92 31.11 41.46
CA LEU A 375 -4.31 30.81 42.84
C LEU A 375 -3.27 29.93 43.50
N ALA A 376 -2.33 29.43 42.72
CA ALA A 376 -1.28 28.58 43.27
C ALA A 376 -0.40 29.47 44.14
N GLN A 377 -0.11 30.67 43.65
CA GLN A 377 0.73 31.62 44.36
C GLN A 377 -0.03 32.46 45.38
N ARG A 378 -1.22 32.91 45.01
CA ARG A 378 -2.06 33.72 45.91
C ARG A 378 -2.31 32.99 47.23
N LEU A 379 -2.44 31.67 47.16
CA LEU A 379 -2.67 30.83 48.33
C LEU A 379 -1.66 29.68 48.26
N GLY A 380 -2.02 28.53 48.83
CA GLY A 380 -1.10 27.40 48.79
C GLY A 380 -1.31 26.50 47.59
N ARG A 381 -0.23 26.12 46.91
CA ARG A 381 -0.34 25.25 45.74
C ARG A 381 -1.15 24.04 46.16
N ASP A 382 -1.03 23.71 47.44
CA ASP A 382 -1.72 22.57 48.03
C ASP A 382 -3.18 22.88 48.33
N ARG A 383 -3.43 24.10 48.81
CA ARG A 383 -4.79 24.52 49.14
C ARG A 383 -5.60 24.91 47.90
N ALA A 384 -4.95 25.61 46.97
CA ALA A 384 -5.60 26.03 45.75
C ALA A 384 -6.07 24.82 44.95
N HIS A 385 -5.26 23.77 44.91
CA HIS A 385 -5.60 22.54 44.19
C HIS A 385 -6.97 22.07 44.65
N HIS A 386 -7.10 21.88 45.96
CA HIS A 386 -8.36 21.45 46.55
C HIS A 386 -9.49 22.41 46.18
N LEU A 387 -9.31 23.67 46.56
CA LEU A 387 -10.31 24.70 46.30
C LEU A 387 -10.77 24.83 44.84
N LEU A 388 -9.90 24.47 43.90
CA LEU A 388 -10.26 24.58 42.48
C LEU A 388 -11.09 23.39 42.02
N GLU A 389 -10.71 22.18 42.44
CA GLU A 389 -11.45 20.98 42.06
C GLU A 389 -12.86 21.09 42.61
N GLN A 390 -12.96 21.76 43.75
CA GLN A 390 -14.24 21.95 44.41
C GLN A 390 -15.14 22.87 43.58
N CYS A 391 -14.57 23.96 43.06
CA CYS A 391 -15.34 24.90 42.24
C CYS A 391 -15.75 24.34 40.89
N CYS A 392 -14.92 23.47 40.32
CA CYS A 392 -15.25 22.86 39.04
C CYS A 392 -16.36 21.84 39.27
N GLN A 393 -16.19 20.99 40.28
CA GLN A 393 -17.18 19.97 40.62
C GLN A 393 -18.55 20.62 40.80
N ARG A 394 -18.55 21.86 41.28
CA ARG A 394 -19.78 22.62 41.50
C ARG A 394 -20.29 23.28 40.22
N ALA A 395 -19.39 23.94 39.49
CA ALA A 395 -19.78 24.60 38.25
C ALA A 395 -20.47 23.60 37.33
N VAL A 396 -20.15 22.32 37.53
CA VAL A 396 -20.74 21.24 36.74
C VAL A 396 -22.06 20.83 37.36
N ALA A 397 -22.04 20.43 38.63
CA ALA A 397 -23.23 20.02 39.35
C ALA A 397 -24.34 21.05 39.12
N GLU A 398 -24.27 22.17 39.82
CA GLU A 398 -25.27 23.23 39.67
C GLU A 398 -25.11 23.91 38.32
N GLN A 399 -24.49 23.18 37.38
CA GLN A 399 -24.23 23.63 36.02
C GLN A 399 -24.40 25.12 35.74
N ARG A 400 -23.27 25.82 35.74
CA ARG A 400 -23.18 27.25 35.46
C ARG A 400 -21.69 27.56 35.29
N HIS A 401 -21.41 28.61 34.52
CA HIS A 401 -20.02 29.01 34.23
C HIS A 401 -19.10 29.00 35.45
N LEU A 402 -17.81 28.74 35.22
CA LEU A 402 -16.82 28.70 36.29
C LEU A 402 -16.54 30.11 36.81
N ARG A 403 -16.71 31.10 35.95
CA ARG A 403 -16.50 32.48 36.34
C ARG A 403 -17.37 32.82 37.54
N ALA A 404 -18.63 32.41 37.48
CA ALA A 404 -19.60 32.63 38.55
C ALA A 404 -19.21 31.85 39.82
N VAL A 405 -19.12 30.52 39.69
CA VAL A 405 -18.76 29.68 40.82
C VAL A 405 -17.57 30.23 41.60
N LEU A 406 -16.60 30.79 40.89
CA LEU A 406 -15.41 31.36 41.51
C LEU A 406 -15.72 32.68 42.19
N GLY A 407 -16.69 33.41 41.66
CA GLY A 407 -17.07 34.69 42.24
C GLY A 407 -17.79 34.49 43.57
N ASP A 408 -18.41 33.34 43.73
CA ASP A 408 -19.15 33.02 44.95
C ASP A 408 -18.30 32.20 45.91
N GLU A 409 -17.00 32.12 45.62
CA GLU A 409 -16.08 31.37 46.46
C GLU A 409 -15.30 32.33 47.35
N PRO A 410 -15.64 32.38 48.65
CA PRO A 410 -14.98 33.25 49.63
C PRO A 410 -13.45 33.34 49.48
N GLN A 411 -12.76 32.21 49.61
CA GLN A 411 -11.30 32.21 49.48
C GLN A 411 -10.84 32.81 48.15
N VAL A 412 -11.52 32.45 47.07
CA VAL A 412 -11.16 32.96 45.75
C VAL A 412 -11.48 34.45 45.58
N SER A 413 -12.71 34.84 45.88
CA SER A 413 -13.12 36.24 45.76
C SER A 413 -12.43 37.13 46.79
N ALA A 414 -11.78 36.52 47.77
CA ALA A 414 -11.07 37.27 48.80
C ALA A 414 -9.61 37.47 48.39
N GLU A 415 -9.15 36.67 47.42
CA GLU A 415 -7.79 36.76 46.94
C GLU A 415 -7.70 37.40 45.57
N LEU A 416 -8.78 37.28 44.78
CA LEU A 416 -8.83 37.84 43.44
C LEU A 416 -10.06 38.70 43.27
N SER A 417 -9.84 39.93 42.81
CA SER A 417 -10.93 40.87 42.59
C SER A 417 -11.81 40.43 41.44
N GLY A 418 -12.92 41.14 41.23
CA GLY A 418 -13.82 40.82 40.15
C GLY A 418 -13.16 41.12 38.82
N GLU A 419 -12.24 42.07 38.82
CA GLU A 419 -11.53 42.45 37.61
C GLU A 419 -10.45 41.42 37.26
N GLU A 420 -9.87 40.80 38.29
CA GLU A 420 -8.84 39.79 38.10
C GLU A 420 -9.45 38.50 37.56
N LEU A 421 -10.60 38.11 38.12
CA LEU A 421 -11.28 36.90 37.69
C LEU A 421 -11.75 37.03 36.25
N ASP A 422 -12.15 38.23 35.86
CA ASP A 422 -12.61 38.46 34.49
C ASP A 422 -11.49 38.19 33.50
N ARG A 423 -10.27 38.53 33.91
CA ARG A 423 -9.11 38.34 33.05
C ARG A 423 -8.70 36.88 32.98
N LEU A 424 -8.59 36.23 34.14
CA LEU A 424 -8.21 34.82 34.18
C LEU A 424 -9.10 33.91 33.34
N LEU A 425 -10.40 34.17 33.34
CA LEU A 425 -11.35 33.37 32.58
C LEU A 425 -11.56 33.87 31.17
N ASP A 426 -10.66 34.73 30.70
CA ASP A 426 -10.72 35.24 29.34
C ASP A 426 -9.66 34.49 28.53
N PRO A 427 -10.11 33.73 27.50
CA PRO A 427 -9.19 32.94 26.65
C PRO A 427 -8.09 33.77 25.99
N ALA A 428 -8.41 35.01 25.61
CA ALA A 428 -7.45 35.88 24.97
C ALA A 428 -6.20 36.08 25.82
N HIS A 429 -6.28 35.71 27.09
CA HIS A 429 -5.14 35.86 28.01
C HIS A 429 -4.42 34.55 28.31
N TYR A 430 -4.74 33.50 27.57
CA TYR A 430 -4.08 32.22 27.79
C TYR A 430 -3.69 31.62 26.43
N LEU A 431 -3.16 32.47 25.56
CA LEU A 431 -2.74 32.05 24.23
C LEU A 431 -1.31 31.53 24.17
N GLY A 432 -0.63 31.51 25.31
CA GLY A 432 0.75 31.03 25.32
C GLY A 432 1.60 31.63 24.22
N GLN A 433 2.34 30.75 23.53
CA GLN A 433 3.24 31.15 22.46
C GLN A 433 2.62 31.29 21.07
N ALA A 434 1.30 31.21 21.01
CA ALA A 434 0.56 31.31 19.75
C ALA A 434 1.14 32.32 18.76
N ARG A 435 1.26 33.58 19.17
CA ARG A 435 1.78 34.61 18.26
C ARG A 435 3.24 34.39 17.90
N VAL A 436 4.01 33.85 18.84
CA VAL A 436 5.42 33.55 18.61
C VAL A 436 5.59 32.51 17.50
N TRP A 437 4.81 31.42 17.61
CA TRP A 437 4.85 30.36 16.61
C TRP A 437 4.58 30.94 15.22
N VAL A 438 3.54 31.76 15.10
CA VAL A 438 3.23 32.35 13.80
C VAL A 438 4.41 33.19 13.32
N ALA A 439 5.04 33.89 14.26
CA ALA A 439 6.18 34.74 13.92
C ALA A 439 7.35 33.94 13.36
N ARG A 440 7.75 32.90 14.08
CA ARG A 440 8.87 32.08 13.63
C ARG A 440 8.55 31.42 12.28
N ALA A 441 7.33 30.91 12.14
CA ALA A 441 6.94 30.26 10.90
C ALA A 441 6.99 31.23 9.73
N VAL A 442 6.35 32.40 9.89
CA VAL A 442 6.36 33.40 8.83
C VAL A 442 7.79 33.86 8.56
N SER A 443 8.57 33.99 9.62
CA SER A 443 9.95 34.41 9.50
C SER A 443 10.68 33.46 8.56
N GLU A 444 10.67 32.19 8.92
CA GLU A 444 11.35 31.16 8.14
C GLU A 444 10.91 31.14 6.68
N HIS A 445 9.63 31.41 6.45
CA HIS A 445 9.05 31.46 5.11
C HIS A 445 9.73 32.57 4.29
N GLN A 446 9.96 33.72 4.92
CA GLN A 446 10.60 34.83 4.24
C GLN A 446 12.09 34.57 4.05
N ARG A 447 12.68 33.87 5.00
CA ARG A 447 14.10 33.52 4.93
C ARG A 447 14.32 32.66 3.68
N PHE A 448 13.53 31.61 3.56
CA PHE A 448 13.62 30.68 2.43
C PHE A 448 13.64 31.40 1.11
N THR A 449 12.68 32.31 0.93
CA THR A 449 12.56 33.10 -0.31
C THR A 449 13.91 33.20 -1.02
N ALA A 450 14.91 33.71 -0.30
CA ALA A 450 16.25 33.85 -0.84
C ALA A 450 16.98 32.48 -0.82
N ASN B 3 7.27 -13.28 20.21
CA ASN B 3 7.65 -13.52 18.78
C ASN B 3 9.09 -13.13 18.42
N GLN B 4 10.06 -14.01 18.67
CA GLN B 4 11.44 -13.68 18.35
C GLN B 4 12.11 -14.74 17.46
N LEU B 5 11.35 -15.74 17.04
CA LEU B 5 11.91 -16.79 16.21
C LEU B 5 12.65 -16.24 14.99
N PHE B 6 11.96 -15.42 14.21
CA PHE B 6 12.54 -14.86 13.00
C PHE B 6 13.27 -13.53 13.19
N ASP B 7 13.34 -13.08 14.42
CA ASP B 7 13.94 -11.80 14.72
C ASP B 7 15.43 -11.72 14.51
N ALA B 8 16.14 -12.81 14.74
CA ALA B 8 17.60 -12.81 14.57
C ALA B 8 17.92 -12.74 13.09
N TYR B 9 17.09 -13.39 12.29
CA TYR B 9 17.21 -13.45 10.85
C TYR B 9 16.75 -12.17 10.14
N PHE B 10 15.70 -11.53 10.67
CA PHE B 10 15.16 -10.32 10.03
C PHE B 10 15.60 -8.97 10.57
N THR B 11 16.11 -8.93 11.80
CA THR B 11 16.52 -7.67 12.41
C THR B 11 17.98 -7.69 12.85
N ALA B 12 18.62 -6.52 12.88
CA ALA B 12 20.00 -6.45 13.33
C ALA B 12 19.91 -6.23 14.84
N PRO B 13 20.53 -7.12 15.62
CA PRO B 13 20.52 -7.04 17.09
C PRO B 13 20.63 -5.64 17.69
N ALA B 14 21.57 -4.84 17.21
CA ALA B 14 21.75 -3.47 17.72
C ALA B 14 20.50 -2.62 17.53
N MET B 15 19.84 -2.79 16.39
CA MET B 15 18.62 -2.04 16.09
C MET B 15 17.48 -2.48 17.01
N ARG B 16 17.35 -3.79 17.22
CA ARG B 16 16.29 -4.30 18.09
C ARG B 16 16.45 -3.72 19.51
N GLU B 17 17.69 -3.57 19.97
CA GLU B 17 17.95 -3.04 21.30
C GLU B 17 17.36 -1.64 21.41
N ILE B 18 17.56 -0.81 20.38
CA ILE B 18 17.02 0.54 20.36
C ILE B 18 15.49 0.48 20.37
N PHE B 19 14.93 -0.41 19.57
CA PHE B 19 13.50 -0.52 19.52
C PHE B 19 12.96 -1.68 20.31
N SER B 20 13.12 -1.58 21.62
CA SER B 20 12.66 -2.58 22.57
C SER B 20 11.90 -1.77 23.61
N ASP B 21 11.25 -2.44 24.55
CA ASP B 21 10.51 -1.73 25.58
C ASP B 21 11.47 -0.83 26.37
N ARG B 22 12.64 -1.39 26.69
CA ARG B 22 13.65 -0.66 27.45
C ARG B 22 14.04 0.63 26.74
N GLY B 23 14.26 0.54 25.44
CA GLY B 23 14.65 1.71 24.68
C GLY B 23 13.54 2.74 24.58
N ARG B 24 12.31 2.26 24.42
CA ARG B 24 11.16 3.16 24.31
C ARG B 24 11.02 3.94 25.61
N LEU B 25 11.00 3.20 26.72
CA LEU B 25 10.88 3.77 28.05
C LEU B 25 12.01 4.78 28.32
N GLN B 26 13.27 4.35 28.14
CA GLN B 26 14.41 5.22 28.40
C GLN B 26 14.35 6.53 27.62
N GLY B 27 13.79 6.48 26.41
CA GLY B 27 13.67 7.69 25.61
C GLY B 27 12.83 8.73 26.31
N MET B 28 11.69 8.31 26.84
CA MET B 28 10.81 9.24 27.52
C MET B 28 11.39 9.68 28.87
N LEU B 29 12.00 8.74 29.59
CA LEU B 29 12.60 9.06 30.87
C LEU B 29 13.70 10.11 30.66
N ASP B 30 14.47 9.95 29.59
CA ASP B 30 15.52 10.91 29.27
C ASP B 30 14.92 12.31 29.09
N PHE B 31 13.72 12.35 28.53
CA PHE B 31 13.00 13.60 28.31
C PHE B 31 12.63 14.23 29.66
N GLU B 32 12.05 13.41 30.53
CA GLU B 32 11.63 13.84 31.86
C GLU B 32 12.80 14.42 32.64
N ALA B 33 13.91 13.69 32.68
CA ALA B 33 15.08 14.16 33.39
C ALA B 33 15.52 15.49 32.78
N ALA B 34 15.68 15.53 31.47
CA ALA B 34 16.10 16.75 30.81
C ALA B 34 15.14 17.92 31.06
N LEU B 35 13.86 17.61 31.20
CA LEU B 35 12.85 18.65 31.44
C LEU B 35 13.10 19.33 32.79
N ALA B 36 13.20 18.53 33.84
CA ALA B 36 13.44 19.01 35.20
C ALA B 36 14.69 19.88 35.22
N ARG B 37 15.74 19.37 34.58
CA ARG B 37 17.02 20.05 34.49
C ARG B 37 16.85 21.43 33.87
N ALA B 38 16.11 21.48 32.76
CA ALA B 38 15.90 22.73 32.03
C ALA B 38 15.01 23.71 32.78
N GLU B 39 14.00 23.21 33.46
CA GLU B 39 13.10 24.08 34.19
C GLU B 39 13.73 24.63 35.48
N ALA B 40 14.64 23.85 36.06
CA ALA B 40 15.34 24.27 37.27
C ALA B 40 16.17 25.51 36.96
N SER B 41 16.86 25.47 35.82
CA SER B 41 17.70 26.59 35.41
C SER B 41 16.88 27.79 34.96
N ALA B 42 15.56 27.67 35.02
CA ALA B 42 14.68 28.77 34.63
C ALA B 42 13.98 29.23 35.91
N GLY B 43 14.29 28.54 37.00
CA GLY B 43 13.71 28.88 38.29
C GLY B 43 12.32 28.33 38.55
N LEU B 44 11.98 27.21 37.91
CA LEU B 44 10.66 26.63 38.11
C LEU B 44 10.71 25.40 38.99
N VAL B 45 11.90 24.81 39.12
CA VAL B 45 12.08 23.61 39.95
C VAL B 45 13.32 23.68 40.85
N PRO B 46 13.16 23.24 42.11
CA PRO B 46 14.27 23.24 43.07
C PRO B 46 15.33 22.20 42.66
N HIS B 47 16.57 22.64 42.56
CA HIS B 47 17.66 21.76 42.18
C HIS B 47 17.71 20.42 42.93
N SER B 48 17.17 20.38 44.14
CA SER B 48 17.17 19.15 44.91
C SER B 48 16.22 18.11 44.29
N ALA B 49 15.20 18.61 43.59
CA ALA B 49 14.24 17.73 42.94
C ALA B 49 14.85 17.18 41.65
N VAL B 50 15.64 18.02 40.98
CA VAL B 50 16.29 17.61 39.74
C VAL B 50 17.06 16.32 39.96
N ALA B 51 17.82 16.28 41.06
CA ALA B 51 18.60 15.10 41.40
C ALA B 51 17.71 13.90 41.71
N ALA B 52 16.60 14.13 42.40
CA ALA B 52 15.68 13.06 42.75
C ALA B 52 15.08 12.41 41.50
N ILE B 53 14.66 13.27 40.57
CA ILE B 53 14.06 12.83 39.32
C ILE B 53 15.06 12.01 38.49
N GLU B 54 16.22 12.59 38.21
CA GLU B 54 17.23 11.91 37.42
C GLU B 54 17.50 10.50 37.94
N ALA B 55 17.53 10.35 39.26
CA ALA B 55 17.80 9.05 39.87
C ALA B 55 16.70 8.03 39.55
N ALA B 56 15.52 8.53 39.21
CA ALA B 56 14.40 7.65 38.90
C ALA B 56 14.19 7.45 37.41
N CYS B 57 14.92 8.22 36.60
CA CYS B 57 14.80 8.12 35.14
C CYS B 57 15.68 7.00 34.52
N GLN B 58 15.53 5.78 35.02
CA GLN B 58 16.28 4.64 34.50
C GLN B 58 15.22 3.57 34.17
N ALA B 59 15.13 3.20 32.90
CA ALA B 59 14.15 2.22 32.47
C ALA B 59 14.10 0.96 33.33
N GLU B 60 15.26 0.48 33.79
CA GLU B 60 15.35 -0.74 34.60
C GLU B 60 14.41 -0.78 35.80
N ARG B 61 14.18 0.39 36.40
CA ARG B 61 13.33 0.49 37.58
C ARG B 61 11.83 0.33 37.38
N TYR B 62 11.39 0.09 36.14
CA TYR B 62 9.95 -0.02 35.92
C TYR B 62 9.46 -1.36 35.42
N ASP B 63 8.18 -1.63 35.66
CA ASP B 63 7.59 -2.91 35.23
C ASP B 63 6.76 -2.79 33.97
N THR B 64 7.34 -3.28 32.87
CA THR B 64 6.70 -3.26 31.57
C THR B 64 5.32 -3.90 31.61
N GLY B 65 5.25 -5.12 32.12
CA GLY B 65 3.98 -5.80 32.19
C GLY B 65 2.89 -4.93 32.78
N ALA B 66 3.21 -4.31 33.92
CA ALA B 66 2.26 -3.46 34.60
C ALA B 66 1.88 -2.26 33.74
N LEU B 67 2.90 -1.56 33.24
CA LEU B 67 2.69 -0.39 32.39
C LEU B 67 1.81 -0.72 31.19
N ALA B 68 2.03 -1.89 30.60
CA ALA B 68 1.27 -2.30 29.43
C ALA B 68 -0.22 -2.34 29.70
N ASN B 69 -0.64 -2.89 30.84
CA ASN B 69 -2.06 -2.96 31.17
C ASN B 69 -2.65 -1.58 31.43
N ALA B 70 -1.84 -0.70 31.98
CA ALA B 70 -2.29 0.65 32.27
C ALA B 70 -2.50 1.41 30.98
N ILE B 71 -1.61 1.22 30.02
CA ILE B 71 -1.71 1.91 28.75
C ILE B 71 -3.01 1.54 28.06
N ALA B 72 -3.41 0.29 28.21
CA ALA B 72 -4.65 -0.19 27.61
C ALA B 72 -5.85 0.65 28.07
N THR B 73 -5.68 1.36 29.19
CA THR B 73 -6.75 2.18 29.74
C THR B 73 -6.47 3.66 29.58
N ALA B 74 -5.19 4.02 29.56
CA ALA B 74 -4.78 5.41 29.44
C ALA B 74 -4.92 5.97 28.02
N GLY B 75 -4.59 5.15 27.03
CA GLY B 75 -4.69 5.61 25.66
C GLY B 75 -3.34 5.97 25.08
N ASN B 76 -2.32 6.03 25.93
CA ASN B 76 -0.96 6.31 25.51
C ASN B 76 0.03 5.76 26.52
N SER B 77 1.32 5.93 26.25
CA SER B 77 2.37 5.41 27.13
C SER B 77 2.89 6.43 28.17
N ALA B 78 2.85 7.71 27.84
CA ALA B 78 3.34 8.72 28.75
C ALA B 78 2.65 8.79 30.11
N ILE B 79 1.32 8.90 30.13
CA ILE B 79 0.67 9.03 31.43
C ILE B 79 0.92 7.86 32.39
N PRO B 80 0.87 6.61 31.92
CA PRO B 80 1.14 5.59 32.94
C PRO B 80 2.58 5.58 33.41
N LEU B 81 3.50 6.03 32.57
CA LEU B 81 4.92 6.06 32.94
C LEU B 81 5.19 7.20 33.90
N VAL B 82 4.64 8.36 33.59
CA VAL B 82 4.83 9.52 34.45
C VAL B 82 4.28 9.21 35.84
N LYS B 83 3.13 8.53 35.89
CA LYS B 83 2.53 8.18 37.16
C LYS B 83 3.47 7.25 37.92
N ALA B 84 3.97 6.23 37.23
CA ALA B 84 4.88 5.26 37.83
C ALA B 84 6.17 5.94 38.29
N LEU B 85 6.62 6.93 37.51
CA LEU B 85 7.84 7.67 37.84
C LEU B 85 7.57 8.44 39.13
N GLY B 86 6.42 9.10 39.19
CA GLY B 86 6.06 9.85 40.38
C GLY B 86 6.08 9.00 41.64
N LYS B 87 5.49 7.82 41.58
CA LYS B 87 5.44 6.93 42.74
C LYS B 87 6.82 6.43 43.17
N VAL B 88 7.80 6.52 42.26
CA VAL B 88 9.16 6.08 42.58
C VAL B 88 9.93 7.22 43.23
N ILE B 89 9.64 8.45 42.78
CA ILE B 89 10.30 9.63 43.35
C ILE B 89 9.71 9.91 44.74
N ALA B 90 8.49 9.45 44.98
CA ALA B 90 7.84 9.67 46.26
C ALA B 90 8.55 8.91 47.38
N THR B 91 8.94 7.67 47.09
CA THR B 91 9.63 6.84 48.07
C THR B 91 10.80 7.58 48.73
N GLY B 92 11.58 8.29 47.93
CA GLY B 92 12.72 9.01 48.46
C GLY B 92 12.46 10.46 48.83
N VAL B 93 12.26 11.29 47.82
CA VAL B 93 12.00 12.72 48.01
C VAL B 93 10.54 13.07 47.65
N PRO B 94 9.60 12.73 48.55
CA PRO B 94 8.16 12.97 48.41
C PRO B 94 7.73 14.31 47.83
N GLU B 95 8.40 15.37 48.25
CA GLU B 95 8.05 16.72 47.78
C GLU B 95 8.64 17.06 46.42
N ALA B 96 9.31 16.10 45.80
CA ALA B 96 9.89 16.32 44.48
C ALA B 96 8.86 15.88 43.44
N GLU B 97 7.97 14.98 43.85
CA GLU B 97 6.93 14.42 42.98
C GLU B 97 6.11 15.44 42.19
N ARG B 98 5.83 16.59 42.77
CA ARG B 98 5.02 17.60 42.09
C ARG B 98 5.70 18.34 40.94
N TYR B 99 6.99 18.08 40.70
CA TYR B 99 7.73 18.76 39.63
C TYR B 99 7.94 17.95 38.35
N VAL B 100 7.71 16.65 38.43
CA VAL B 100 7.90 15.78 37.27
C VAL B 100 6.87 16.03 36.18
N HIS B 101 7.34 16.09 34.94
CA HIS B 101 6.49 16.31 33.76
C HIS B 101 5.76 17.64 33.81
N LEU B 102 6.36 18.64 34.45
CA LEU B 102 5.75 19.95 34.59
C LEU B 102 5.59 20.77 33.31
N GLY B 103 4.34 21.07 32.96
CA GLY B 103 4.07 21.88 31.78
C GLY B 103 4.11 21.16 30.44
N ALA B 104 4.35 19.85 30.50
CA ALA B 104 4.44 19.05 29.29
C ALA B 104 3.23 18.16 29.13
N THR B 105 2.92 17.82 27.87
CA THR B 105 1.81 16.94 27.58
C THR B 105 2.39 15.56 27.23
N SER B 106 1.56 14.53 27.25
CA SER B 106 2.02 13.18 26.93
C SER B 106 2.82 13.08 25.63
N GLN B 107 2.26 13.62 24.55
CA GLN B 107 2.91 13.57 23.24
C GLN B 107 4.31 14.21 23.22
N ASP B 108 4.54 15.20 24.07
CA ASP B 108 5.85 15.83 24.12
C ASP B 108 6.88 14.78 24.55
N ALA B 109 6.54 14.01 25.58
CA ALA B 109 7.44 13.00 26.08
C ALA B 109 7.59 11.89 25.03
N MET B 110 6.47 11.45 24.47
CA MET B 110 6.47 10.38 23.46
C MET B 110 7.23 10.72 22.16
N ASP B 111 6.88 11.82 21.52
CA ASP B 111 7.57 12.17 20.28
C ASP B 111 9.06 12.42 20.49
N THR B 112 9.39 13.15 21.56
CA THR B 112 10.78 13.47 21.85
C THR B 112 11.54 12.19 22.19
N GLY B 113 10.89 11.29 22.91
CA GLY B 113 11.53 10.04 23.27
C GLY B 113 11.85 9.28 22.00
N LEU B 114 10.89 9.24 21.09
CA LEU B 114 11.02 8.55 19.79
C LEU B 114 12.17 9.19 19.00
N VAL B 115 12.17 10.52 18.90
CA VAL B 115 13.22 11.21 18.19
C VAL B 115 14.57 10.80 18.74
N LEU B 116 14.68 10.66 20.05
CA LEU B 116 15.95 10.23 20.64
C LEU B 116 16.31 8.86 20.10
N GLN B 117 15.32 7.97 20.04
CA GLN B 117 15.57 6.63 19.53
C GLN B 117 15.94 6.69 18.05
N LEU B 118 15.24 7.53 17.29
CA LEU B 118 15.53 7.66 15.87
C LEU B 118 16.96 8.13 15.66
N ARG B 119 17.45 9.00 16.54
CA ARG B 119 18.83 9.49 16.40
C ARG B 119 19.82 8.33 16.57
N ASP B 120 19.58 7.48 17.55
CA ASP B 120 20.48 6.35 17.75
C ASP B 120 20.38 5.44 16.53
N ALA B 121 19.16 5.28 16.02
CA ALA B 121 18.94 4.46 14.83
C ALA B 121 19.64 5.07 13.61
N LEU B 122 19.44 6.37 13.41
CA LEU B 122 20.07 7.08 12.28
C LEU B 122 21.57 6.81 12.32
N ASP B 123 22.15 6.91 13.51
CA ASP B 123 23.58 6.67 13.66
C ASP B 123 24.01 5.27 13.22
N LEU B 124 23.21 4.24 13.51
CA LEU B 124 23.56 2.88 13.09
C LEU B 124 23.50 2.77 11.57
N ILE B 125 22.38 3.19 11.01
CA ILE B 125 22.16 3.14 9.58
C ILE B 125 23.23 3.88 8.79
N GLU B 126 23.73 5.00 9.29
CA GLU B 126 24.78 5.72 8.58
C GLU B 126 26.11 4.97 8.65
N ALA B 127 26.37 4.32 9.78
CA ALA B 127 27.60 3.56 9.93
C ALA B 127 27.56 2.39 8.95
N ASP B 128 26.49 1.59 9.04
CA ASP B 128 26.33 0.44 8.17
C ASP B 128 26.39 0.82 6.70
N LEU B 129 25.70 1.89 6.31
CA LEU B 129 25.72 2.31 4.92
C LEU B 129 27.14 2.64 4.47
N GLY B 130 27.85 3.43 5.27
CA GLY B 130 29.21 3.76 4.91
C GLY B 130 30.09 2.52 4.80
N LYS B 131 29.91 1.60 5.73
CA LYS B 131 30.69 0.38 5.72
C LYS B 131 30.37 -0.41 4.46
N LEU B 132 29.09 -0.58 4.17
CA LEU B 132 28.64 -1.32 2.98
C LEU B 132 29.13 -0.65 1.69
N ALA B 133 29.10 0.68 1.65
CA ALA B 133 29.55 1.41 0.47
C ALA B 133 31.05 1.18 0.24
N ASP B 134 31.82 1.14 1.33
CA ASP B 134 33.26 0.91 1.22
C ASP B 134 33.56 -0.42 0.59
N THR B 135 33.02 -1.49 1.17
CA THR B 135 33.30 -2.80 0.63
C THR B 135 32.73 -2.98 -0.77
N LEU B 136 31.59 -2.36 -1.05
CA LEU B 136 30.99 -2.48 -2.36
C LEU B 136 31.93 -1.75 -3.33
N SER B 137 32.55 -0.69 -2.84
CA SER B 137 33.47 0.10 -3.62
C SER B 137 34.68 -0.71 -4.09
N GLN B 138 35.25 -1.52 -3.19
CA GLN B 138 36.40 -2.34 -3.56
C GLN B 138 35.97 -3.40 -4.57
N GLN B 139 34.88 -4.11 -4.26
CA GLN B 139 34.40 -5.14 -5.16
C GLN B 139 34.17 -4.58 -6.54
N ALA B 140 33.58 -3.38 -6.61
CA ALA B 140 33.34 -2.76 -7.89
C ALA B 140 34.64 -2.64 -8.66
N LEU B 141 35.66 -2.09 -8.00
CA LEU B 141 36.95 -1.90 -8.62
C LEU B 141 37.57 -3.26 -8.97
N LYS B 142 37.59 -4.15 -7.99
CA LYS B 142 38.18 -5.47 -8.21
C LYS B 142 37.64 -6.18 -9.44
N HIS B 143 36.35 -6.04 -9.71
CA HIS B 143 35.79 -6.68 -10.88
C HIS B 143 35.35 -5.66 -11.93
N ALA B 144 36.03 -4.52 -11.97
CA ALA B 144 35.67 -3.47 -12.92
C ALA B 144 35.69 -3.96 -14.35
N ASP B 145 36.45 -5.02 -14.62
CA ASP B 145 36.50 -5.48 -15.99
C ASP B 145 36.33 -6.97 -16.24
N THR B 146 35.74 -7.69 -15.30
CA THR B 146 35.50 -9.10 -15.57
C THR B 146 34.15 -9.04 -16.32
N PRO B 147 34.13 -9.51 -17.57
CA PRO B 147 32.91 -9.48 -18.37
C PRO B 147 31.86 -10.56 -18.11
N LEU B 148 30.59 -10.13 -18.12
CA LEU B 148 29.45 -11.00 -17.95
C LEU B 148 28.46 -10.47 -18.99
N VAL B 149 27.52 -11.31 -19.45
CA VAL B 149 26.53 -10.90 -20.45
C VAL B 149 25.52 -9.94 -19.85
N GLY B 150 25.03 -9.00 -20.66
CA GLY B 150 24.02 -8.08 -20.16
C GLY B 150 22.68 -8.80 -20.21
N ARG B 151 21.78 -8.48 -19.29
CA ARG B 151 20.47 -9.12 -19.30
C ARG B 151 19.37 -8.07 -19.28
N THR B 152 18.61 -8.06 -20.37
CA THR B 152 17.51 -7.14 -20.63
C THR B 152 16.22 -7.97 -20.68
N TRP B 153 15.22 -7.62 -19.87
CA TRP B 153 13.96 -8.38 -19.84
C TRP B 153 14.30 -9.88 -19.66
N LEU B 154 15.38 -10.16 -18.93
CA LEU B 154 15.86 -11.52 -18.69
C LEU B 154 16.43 -12.20 -19.94
N GLN B 155 16.67 -11.40 -20.98
CA GLN B 155 17.22 -11.89 -22.24
C GLN B 155 18.66 -11.40 -22.38
N HIS B 156 19.50 -12.19 -23.03
CA HIS B 156 20.89 -11.83 -23.23
C HIS B 156 20.99 -10.57 -24.10
N ALA B 157 21.88 -9.66 -23.68
CA ALA B 157 22.10 -8.39 -24.38
C ALA B 157 23.60 -8.13 -24.41
N THR B 158 24.01 -7.03 -25.04
CA THR B 158 25.43 -6.70 -25.12
C THR B 158 26.13 -6.81 -23.77
N PRO B 159 27.43 -7.08 -23.78
CA PRO B 159 28.26 -7.24 -22.58
C PRO B 159 28.16 -6.13 -21.56
N VAL B 160 28.50 -6.51 -20.34
CA VAL B 160 28.49 -5.63 -19.18
C VAL B 160 29.62 -6.19 -18.29
N THR B 161 29.94 -5.50 -17.20
CA THR B 161 31.00 -5.96 -16.32
C THR B 161 30.41 -6.12 -14.91
N LEU B 162 30.93 -7.06 -14.13
CA LEU B 162 30.39 -7.27 -12.78
C LEU B 162 30.55 -6.00 -11.98
N GLY B 163 31.71 -5.37 -12.12
CA GLY B 163 31.98 -4.13 -11.42
C GLY B 163 30.95 -3.06 -11.78
N MET B 164 30.56 -3.03 -13.05
CA MET B 164 29.57 -2.05 -13.49
C MET B 164 28.30 -2.23 -12.67
N LYS B 165 27.81 -3.47 -12.60
CA LYS B 165 26.62 -3.79 -11.85
C LYS B 165 26.76 -3.36 -10.39
N LEU B 166 27.84 -3.79 -9.72
CA LEU B 166 28.02 -3.40 -8.33
C LEU B 166 28.14 -1.89 -8.16
N ALA B 167 28.67 -1.20 -9.17
CA ALA B 167 28.82 0.25 -9.11
C ALA B 167 27.45 0.93 -9.03
N GLY B 168 26.45 0.33 -9.68
CA GLY B 168 25.12 0.91 -9.65
C GLY B 168 24.54 0.89 -8.24
N VAL B 169 24.79 -0.20 -7.51
CA VAL B 169 24.30 -0.29 -6.14
C VAL B 169 25.04 0.76 -5.33
N LEU B 170 26.34 0.88 -5.58
CA LEU B 170 27.14 1.87 -4.88
C LEU B 170 26.55 3.26 -5.10
N GLY B 171 26.26 3.58 -6.36
CA GLY B 171 25.68 4.86 -6.70
C GLY B 171 24.43 5.17 -5.90
N ALA B 172 23.52 4.20 -5.82
CA ALA B 172 22.28 4.41 -5.07
C ALA B 172 22.59 4.66 -3.60
N LEU B 173 23.46 3.83 -3.03
CA LEU B 173 23.83 3.95 -1.62
C LEU B 173 24.40 5.31 -1.28
N THR B 174 25.21 5.85 -2.19
CA THR B 174 25.82 7.16 -1.99
C THR B 174 24.70 8.21 -1.93
N ARG B 175 23.75 8.11 -2.87
CA ARG B 175 22.63 9.04 -2.91
C ARG B 175 21.79 8.96 -1.63
N HIS B 176 21.73 7.78 -0.99
CA HIS B 176 20.96 7.66 0.23
C HIS B 176 21.69 8.30 1.40
N ARG B 177 23.01 8.15 1.41
CA ARG B 177 23.79 8.73 2.50
C ARG B 177 23.60 10.24 2.45
N GLN B 178 23.59 10.74 1.23
CA GLN B 178 23.41 12.14 0.92
C GLN B 178 22.04 12.59 1.47
N ARG B 179 21.01 11.80 1.16
CA ARG B 179 19.66 12.09 1.62
C ARG B 179 19.56 12.10 3.15
N LEU B 180 20.16 11.11 3.80
CA LEU B 180 20.14 11.00 5.25
C LEU B 180 20.82 12.22 5.89
N GLN B 181 21.84 12.72 5.21
CA GLN B 181 22.57 13.84 5.73
C GLN B 181 21.69 15.09 5.67
N GLU B 182 20.97 15.24 4.56
CA GLU B 182 20.14 16.41 4.38
C GLU B 182 18.95 16.47 5.32
N LEU B 183 18.39 15.33 5.70
CA LEU B 183 17.22 15.33 6.56
C LEU B 183 17.57 15.36 8.04
N ARG B 184 18.83 15.10 8.37
CA ARG B 184 19.25 15.09 9.77
C ARG B 184 18.83 16.35 10.57
N PRO B 185 19.16 17.54 10.06
CA PRO B 185 18.79 18.77 10.78
C PRO B 185 17.29 19.01 10.89
N ARG B 186 16.55 18.37 9.99
CA ARG B 186 15.10 18.50 9.93
C ARG B 186 14.42 17.52 10.88
N LEU B 187 14.95 16.32 10.96
CA LEU B 187 14.37 15.28 11.80
C LEU B 187 14.67 15.40 13.27
N LEU B 188 15.93 15.66 13.61
CA LEU B 188 16.33 15.75 15.02
C LEU B 188 15.90 17.04 15.74
N VAL B 189 14.60 17.18 15.98
CA VAL B 189 14.06 18.34 16.66
C VAL B 189 13.33 17.91 17.91
N LEU B 190 13.16 18.85 18.82
CA LEU B 190 12.47 18.62 20.07
C LEU B 190 10.97 18.75 19.86
N GLN B 191 10.19 17.97 20.60
CA GLN B 191 8.74 18.09 20.55
C GLN B 191 8.30 18.63 21.91
N PHE B 192 8.06 19.93 21.98
CA PHE B 192 7.65 20.54 23.24
C PHE B 192 6.57 21.59 22.99
N GLY B 193 5.31 21.21 23.20
CA GLY B 193 4.22 22.14 22.99
C GLY B 193 3.15 22.17 24.06
N GLY B 194 3.13 21.17 24.92
CA GLY B 194 2.13 21.14 25.98
C GLY B 194 0.74 20.82 25.47
N ALA B 195 -0.20 20.67 26.39
CA ALA B 195 -1.61 20.34 26.11
C ALA B 195 -2.14 20.63 24.70
N SER B 196 -1.98 21.85 24.20
CA SER B 196 -2.45 22.17 22.86
C SER B 196 -1.38 22.84 21.99
N GLY B 197 -0.11 22.73 22.40
CA GLY B 197 0.98 23.31 21.65
C GLY B 197 1.20 24.80 21.87
N SER B 198 0.51 25.36 22.87
CA SER B 198 0.64 26.78 23.19
C SER B 198 1.69 27.03 24.24
N LEU B 199 2.00 25.98 25.02
CA LEU B 199 3.00 26.09 26.07
C LEU B 199 2.57 27.15 27.09
N ALA B 200 1.27 27.45 27.10
CA ALA B 200 0.71 28.45 27.99
C ALA B 200 0.98 28.17 29.48
N ALA B 201 0.99 26.90 29.85
CA ALA B 201 1.20 26.55 31.26
C ALA B 201 2.51 27.06 31.85
N LEU B 202 3.48 27.39 31.01
CA LEU B 202 4.75 27.88 31.54
C LEU B 202 4.84 29.40 31.51
N GLY B 203 3.78 30.03 31.03
CA GLY B 203 3.79 31.48 30.96
C GLY B 203 4.96 32.04 30.17
N SER B 204 5.63 33.05 30.73
CA SER B 204 6.77 33.68 30.06
C SER B 204 8.08 32.91 30.17
N LYS B 205 8.06 31.78 30.88
CA LYS B 205 9.25 30.95 31.01
C LYS B 205 9.25 29.87 29.91
N ALA B 206 8.28 29.95 28.99
CA ALA B 206 8.14 28.98 27.90
C ALA B 206 9.39 28.84 27.02
N MET B 207 9.71 29.88 26.26
CA MET B 207 10.88 29.83 25.39
C MET B 207 12.18 29.51 26.13
N PRO B 208 12.40 30.14 27.30
CA PRO B 208 13.65 29.85 28.02
C PRO B 208 13.78 28.36 28.36
N VAL B 209 12.68 27.77 28.83
CA VAL B 209 12.68 26.34 29.19
C VAL B 209 12.85 25.49 27.94
N ALA B 210 12.18 25.88 26.86
CA ALA B 210 12.24 25.16 25.59
C ALA B 210 13.67 25.07 25.04
N GLU B 211 14.36 26.21 24.98
CA GLU B 211 15.73 26.25 24.48
C GLU B 211 16.65 25.48 25.39
N ALA B 212 16.48 25.63 26.69
CA ALA B 212 17.30 24.91 27.66
C ALA B 212 17.11 23.42 27.45
N LEU B 213 15.86 23.02 27.24
CA LEU B 213 15.49 21.61 27.03
C LEU B 213 16.11 21.02 25.76
N ALA B 214 16.03 21.76 24.66
CA ALA B 214 16.59 21.32 23.39
C ALA B 214 18.10 21.11 23.56
N GLU B 215 18.75 22.11 24.13
CA GLU B 215 20.19 22.08 24.35
C GLU B 215 20.58 20.89 25.21
N GLN B 216 19.79 20.63 26.23
CA GLN B 216 20.04 19.51 27.13
C GLN B 216 20.06 18.19 26.39
N LEU B 217 19.13 18.01 25.46
CA LEU B 217 19.03 16.77 24.70
C LEU B 217 19.82 16.82 23.39
N LYS B 218 20.52 17.92 23.15
CA LYS B 218 21.29 18.08 21.92
C LYS B 218 20.42 17.94 20.68
N LEU B 219 19.22 18.52 20.77
CA LEU B 219 18.25 18.52 19.68
C LEU B 219 17.98 19.96 19.30
N THR B 220 17.61 20.20 18.04
CA THR B 220 17.30 21.54 17.59
C THR B 220 15.89 21.90 18.07
N LEU B 221 15.63 23.19 18.20
CA LEU B 221 14.31 23.65 18.59
C LEU B 221 13.63 24.00 17.27
N PRO B 222 12.49 23.37 16.97
CA PRO B 222 11.79 23.65 15.71
C PRO B 222 11.13 25.02 15.71
N GLU B 223 10.70 25.50 14.55
CA GLU B 223 10.06 26.81 14.47
C GLU B 223 8.81 26.80 15.38
N GLN B 224 8.16 25.64 15.50
CA GLN B 224 6.97 25.49 16.33
C GLN B 224 6.77 24.00 16.64
N PRO B 225 5.96 23.68 17.67
CA PRO B 225 5.73 22.26 17.99
C PRO B 225 5.07 21.59 16.76
N TRP B 226 5.13 20.26 16.68
CA TRP B 226 4.54 19.55 15.53
C TRP B 226 3.72 18.30 15.91
N HIS B 227 2.81 18.45 16.89
CA HIS B 227 1.98 17.33 17.32
C HIS B 227 1.19 16.70 16.19
N THR B 228 0.75 17.50 15.22
CA THR B 228 -0.02 16.96 14.09
C THR B 228 0.56 17.23 12.70
N GLN B 229 1.81 17.65 12.65
CA GLN B 229 2.49 17.86 11.37
C GLN B 229 3.60 16.80 11.45
N ARG B 230 3.33 15.64 10.86
CA ARG B 230 4.23 14.50 10.90
C ARG B 230 5.20 14.29 9.74
N ASP B 231 5.29 15.23 8.81
CA ASP B 231 6.19 15.06 7.66
C ASP B 231 7.63 14.68 8.01
N ARG B 232 8.14 15.12 9.16
CA ARG B 232 9.51 14.78 9.51
C ARG B 232 9.68 13.28 9.68
N LEU B 233 8.72 12.64 10.34
CA LEU B 233 8.82 11.21 10.57
C LEU B 233 8.60 10.42 9.28
N VAL B 234 7.63 10.84 8.49
CA VAL B 234 7.32 10.14 7.25
C VAL B 234 8.48 10.26 6.27
N GLU B 235 9.15 11.40 6.28
CA GLU B 235 10.28 11.57 5.37
C GLU B 235 11.37 10.55 5.72
N PHE B 236 11.70 10.46 7.01
CA PHE B 236 12.72 9.52 7.45
C PHE B 236 12.37 8.09 7.03
N ALA B 237 11.13 7.71 7.22
CA ALA B 237 10.67 6.37 6.86
C ALA B 237 10.77 6.19 5.35
N SER B 238 10.51 7.28 4.63
CA SER B 238 10.56 7.25 3.19
C SER B 238 11.98 6.96 2.65
N VAL B 239 13.00 7.56 3.25
CA VAL B 239 14.36 7.32 2.80
C VAL B 239 14.74 5.88 3.15
N LEU B 240 14.34 5.44 4.34
CA LEU B 240 14.63 4.07 4.71
C LEU B 240 13.95 3.16 3.66
N GLY B 241 12.83 3.62 3.11
CA GLY B 241 12.12 2.87 2.09
C GLY B 241 12.99 2.75 0.84
N LEU B 242 13.63 3.85 0.49
CA LEU B 242 14.52 3.90 -0.65
C LEU B 242 15.68 2.91 -0.47
N VAL B 243 16.22 2.84 0.73
CA VAL B 243 17.31 1.92 1.04
C VAL B 243 16.82 0.47 0.86
N ALA B 244 15.66 0.13 1.40
CA ALA B 244 15.14 -1.24 1.27
C ALA B 244 15.00 -1.57 -0.19
N GLY B 245 14.47 -0.63 -0.96
CA GLY B 245 14.27 -0.87 -2.38
C GLY B 245 15.55 -1.19 -3.11
N SER B 246 16.58 -0.36 -2.92
CA SER B 246 17.86 -0.56 -3.58
C SER B 246 18.52 -1.87 -3.17
N LEU B 247 18.53 -2.16 -1.87
CA LEU B 247 19.12 -3.43 -1.44
C LEU B 247 18.24 -4.58 -1.98
N GLY B 248 16.97 -4.27 -2.25
CA GLY B 248 16.06 -5.26 -2.79
C GLY B 248 16.49 -5.66 -4.19
N LYS B 249 16.92 -4.67 -4.98
CA LYS B 249 17.36 -4.91 -6.35
C LYS B 249 18.64 -5.74 -6.29
N PHE B 250 19.52 -5.40 -5.36
CA PHE B 250 20.79 -6.12 -5.18
C PHE B 250 20.46 -7.59 -4.83
N GLY B 251 19.57 -7.76 -3.85
CA GLY B 251 19.18 -9.10 -3.46
C GLY B 251 18.60 -9.91 -4.62
N ARG B 252 17.85 -9.25 -5.51
CA ARG B 252 17.27 -9.95 -6.64
C ARG B 252 18.34 -10.41 -7.63
N ASP B 253 19.27 -9.51 -7.95
CA ASP B 253 20.34 -9.84 -8.89
C ASP B 253 21.19 -11.01 -8.40
N ILE B 254 21.45 -11.08 -7.10
CA ILE B 254 22.24 -12.17 -6.56
C ILE B 254 21.49 -13.48 -6.75
N SER B 255 20.22 -13.50 -6.36
CA SER B 255 19.42 -14.70 -6.48
C SER B 255 19.34 -15.18 -7.94
N LEU B 256 19.32 -14.25 -8.88
CA LEU B 256 19.25 -14.62 -10.30
C LEU B 256 20.61 -15.10 -10.80
N LEU B 257 21.69 -14.55 -10.24
CA LEU B 257 23.04 -14.96 -10.63
C LEU B 257 23.36 -16.31 -10.00
N MET B 258 22.69 -16.64 -8.89
CA MET B 258 22.89 -17.92 -8.21
C MET B 258 22.05 -19.06 -8.80
N GLN B 259 21.13 -18.71 -9.71
CA GLN B 259 20.31 -19.71 -10.40
C GLN B 259 21.20 -20.83 -10.95
N THR B 260 20.72 -22.05 -10.89
CA THR B 260 21.51 -23.17 -11.40
C THR B 260 21.95 -22.93 -12.85
N GLU B 261 21.05 -22.45 -13.70
CA GLU B 261 21.39 -22.23 -15.10
C GLU B 261 22.29 -21.04 -15.38
N ALA B 262 22.63 -20.29 -14.32
CA ALA B 262 23.50 -19.13 -14.46
C ALA B 262 24.81 -19.40 -13.72
N GLY B 263 24.72 -19.63 -12.41
CA GLY B 263 25.87 -19.92 -11.57
C GLY B 263 27.05 -18.98 -11.71
N GLU B 264 26.80 -17.67 -11.74
CA GLU B 264 27.89 -16.72 -11.91
C GLU B 264 28.39 -16.09 -10.62
N VAL B 265 27.48 -15.80 -9.71
CA VAL B 265 27.84 -15.19 -8.44
C VAL B 265 27.12 -15.94 -7.34
N PHE B 266 27.79 -16.14 -6.21
CA PHE B 266 27.16 -16.88 -5.11
C PHE B 266 27.33 -16.17 -3.80
N GLU B 267 26.38 -16.42 -2.89
CA GLU B 267 26.43 -15.86 -1.55
C GLU B 267 27.53 -16.64 -0.83
N PRO B 268 28.15 -16.05 0.20
CA PRO B 268 29.19 -16.76 0.92
C PRO B 268 28.68 -18.08 1.44
N SER B 269 29.55 -19.09 1.44
CA SER B 269 29.21 -20.41 1.93
C SER B 269 29.18 -20.41 3.45
N ALA B 270 28.31 -19.57 4.01
CA ALA B 270 28.15 -19.41 5.47
C ALA B 270 28.59 -20.63 6.29
N PRO B 271 29.22 -20.40 7.46
CA PRO B 271 29.67 -21.51 8.31
C PRO B 271 28.52 -22.16 9.09
N MET B 279 23.52 -33.46 -2.51
CA MET B 279 23.05 -32.11 -2.94
C MET B 279 23.58 -31.74 -4.34
N PRO B 280 22.71 -31.17 -5.21
CA PRO B 280 23.12 -30.77 -6.56
C PRO B 280 24.22 -29.73 -6.45
N HIS B 281 24.10 -28.97 -5.38
CA HIS B 281 24.97 -27.89 -4.98
C HIS B 281 23.94 -27.03 -4.31
N LYS B 282 23.09 -27.73 -3.58
CA LYS B 282 21.99 -27.16 -2.80
C LYS B 282 22.52 -25.97 -2.02
N ARG B 283 22.71 -24.86 -2.72
CA ARG B 283 23.21 -23.62 -2.12
C ARG B 283 22.08 -22.63 -2.27
N ASN B 284 21.30 -22.47 -1.21
CA ASN B 284 20.20 -21.53 -1.25
C ASN B 284 20.63 -20.15 -0.83
N PRO B 285 20.10 -19.12 -1.47
CA PRO B 285 20.48 -17.76 -1.11
C PRO B 285 19.67 -17.27 0.11
N VAL B 286 20.03 -17.73 1.31
CA VAL B 286 19.29 -17.32 2.50
C VAL B 286 19.41 -15.82 2.79
N GLY B 287 20.52 -15.23 2.37
CA GLY B 287 20.74 -13.81 2.60
C GLY B 287 19.88 -12.98 1.66
N ALA B 288 19.92 -13.32 0.38
CA ALA B 288 19.12 -12.62 -0.61
C ALA B 288 17.66 -12.62 -0.20
N ALA B 289 17.22 -13.70 0.44
CA ALA B 289 15.83 -13.81 0.90
C ALA B 289 15.47 -12.66 1.83
N VAL B 290 16.39 -12.29 2.72
CA VAL B 290 16.10 -11.19 3.62
C VAL B 290 15.99 -9.86 2.85
N LEU B 291 16.91 -9.59 1.93
CA LEU B 291 16.83 -8.35 1.17
C LEU B 291 15.54 -8.24 0.37
N ILE B 292 15.15 -9.33 -0.29
CA ILE B 292 13.93 -9.33 -1.08
C ILE B 292 12.71 -9.20 -0.18
N GLY B 293 12.75 -9.86 0.97
CA GLY B 293 11.63 -9.74 1.89
C GLY B 293 11.41 -8.31 2.36
N ALA B 294 12.49 -7.63 2.74
CA ALA B 294 12.38 -6.26 3.21
C ALA B 294 11.79 -5.39 2.09
N ALA B 295 12.34 -5.53 0.89
CA ALA B 295 11.85 -4.75 -0.24
C ALA B 295 10.36 -5.01 -0.54
N THR B 296 9.86 -6.16 -0.05
CA THR B 296 8.47 -6.52 -0.26
C THR B 296 7.56 -6.04 0.87
N ARG B 297 8.10 -6.02 2.10
CA ARG B 297 7.34 -5.62 3.29
C ARG B 297 7.26 -4.12 3.57
N VAL B 298 8.37 -3.43 3.35
CA VAL B 298 8.45 -2.00 3.64
C VAL B 298 7.46 -1.08 2.91
N PRO B 299 7.26 -1.27 1.60
CA PRO B 299 6.32 -0.37 0.93
C PRO B 299 4.97 -0.23 1.68
N GLY B 300 4.43 -1.36 2.12
CA GLY B 300 3.18 -1.33 2.85
C GLY B 300 3.28 -0.53 4.14
N LEU B 301 4.34 -0.79 4.92
CA LEU B 301 4.52 -0.07 6.18
C LEU B 301 4.67 1.43 5.94
N LEU B 302 5.36 1.81 4.87
CA LEU B 302 5.54 3.22 4.55
C LEU B 302 4.23 3.91 4.21
N SER B 303 3.41 3.29 3.38
CA SER B 303 2.17 3.92 3.00
C SER B 303 1.33 4.14 4.25
N THR B 304 1.51 3.28 5.25
CA THR B 304 0.75 3.44 6.48
C THR B 304 1.09 4.82 7.06
N LEU B 305 2.37 5.12 7.14
CA LEU B 305 2.79 6.40 7.69
C LEU B 305 2.28 7.55 6.82
N PHE B 306 2.25 7.38 5.51
CA PHE B 306 1.71 8.46 4.66
C PHE B 306 0.22 8.58 4.99
N ALA B 307 -0.45 7.44 5.03
CA ALA B 307 -1.87 7.41 5.31
C ALA B 307 -2.24 8.11 6.60
N ALA B 308 -1.35 8.09 7.59
CA ALA B 308 -1.67 8.71 8.88
C ALA B 308 -1.33 10.19 8.99
N MET B 309 -0.97 10.82 7.89
CA MET B 309 -0.62 12.24 7.96
C MET B 309 -1.73 13.26 8.22
N PRO B 310 -2.93 13.06 7.66
CA PRO B 310 -3.98 14.07 7.92
C PRO B 310 -4.56 14.01 9.33
N GLN B 311 -3.71 14.28 10.32
CA GLN B 311 -4.12 14.23 11.72
C GLN B 311 -4.86 15.52 12.11
N GLU B 312 -6.05 15.35 12.66
CA GLU B 312 -6.90 16.46 13.04
C GLU B 312 -6.50 17.35 14.20
N HIS B 313 -6.62 18.65 13.97
CA HIS B 313 -6.34 19.68 14.95
C HIS B 313 -5.04 19.58 15.76
N GLU B 314 -5.18 19.66 17.08
CA GLU B 314 -4.06 19.65 17.99
C GLU B 314 -3.51 18.28 18.42
N ARG B 315 -4.29 17.23 18.18
CA ARG B 315 -3.85 15.88 18.50
C ARG B 315 -4.89 14.96 17.92
N SER B 316 -4.45 14.02 17.11
CA SER B 316 -5.34 13.08 16.44
C SER B 316 -5.37 11.71 17.08
N LEU B 317 -6.56 11.10 17.21
CA LEU B 317 -6.63 9.77 17.78
C LEU B 317 -6.78 8.72 16.67
N GLY B 318 -6.10 7.60 16.81
CA GLY B 318 -6.16 6.56 15.80
C GLY B 318 -5.00 6.70 14.81
N LEU B 319 -5.02 7.76 14.01
CA LEU B 319 -3.95 8.00 13.04
C LEU B 319 -2.60 8.13 13.72
N TRP B 320 -2.54 8.83 14.85
CA TRP B 320 -1.28 8.97 15.57
C TRP B 320 -0.91 7.62 16.18
N HIS B 321 -1.90 6.90 16.69
CA HIS B 321 -1.65 5.58 17.28
C HIS B 321 -1.05 4.63 16.25
N ALA B 322 -1.44 4.81 14.99
CA ALA B 322 -0.98 3.95 13.93
C ALA B 322 0.52 4.08 13.64
N GLU B 323 1.14 5.18 14.08
CA GLU B 323 2.56 5.38 13.86
C GLU B 323 3.42 4.55 14.81
N TRP B 324 2.99 4.51 16.06
CA TRP B 324 3.71 3.83 17.13
C TRP B 324 4.53 2.58 16.84
N GLU B 325 3.91 1.55 16.27
CA GLU B 325 4.66 0.33 16.03
C GLU B 325 5.20 0.24 14.61
N THR B 326 4.61 1.04 13.71
CA THR B 326 5.01 1.05 12.31
C THR B 326 6.40 1.60 12.03
N LEU B 327 6.73 2.76 12.57
CA LEU B 327 8.07 3.31 12.32
C LEU B 327 9.14 2.33 12.80
N PRO B 328 8.96 1.77 14.01
CA PRO B 328 9.97 0.83 14.49
C PRO B 328 10.14 -0.36 13.57
N ASP B 329 9.04 -0.93 13.10
CA ASP B 329 9.13 -2.07 12.19
C ASP B 329 9.98 -1.75 10.96
N ILE B 330 9.76 -0.57 10.38
CA ILE B 330 10.53 -0.18 9.21
C ILE B 330 12.02 -0.14 9.57
N CYS B 331 12.38 0.51 10.67
CA CYS B 331 13.78 0.59 11.08
C CYS B 331 14.42 -0.77 11.29
N CYS B 332 13.71 -1.67 11.93
CA CYS B 332 14.26 -3.00 12.16
C CYS B 332 14.42 -3.77 10.87
N LEU B 333 13.38 -3.75 10.03
CA LEU B 333 13.41 -4.44 8.75
C LEU B 333 14.63 -4.01 7.93
N VAL B 334 14.85 -2.71 7.82
CA VAL B 334 15.97 -2.20 7.05
C VAL B 334 17.30 -2.53 7.72
N SER B 335 17.36 -2.55 9.05
CA SER B 335 18.62 -2.86 9.71
C SER B 335 19.01 -4.30 9.37
N GLY B 336 18.01 -5.16 9.26
CA GLY B 336 18.26 -6.55 8.95
C GLY B 336 18.73 -6.73 7.52
N ALA B 337 18.22 -5.91 6.60
CA ALA B 337 18.63 -6.01 5.21
C ALA B 337 20.06 -5.47 5.03
N LEU B 338 20.38 -4.36 5.69
CA LEU B 338 21.73 -3.81 5.58
C LEU B 338 22.71 -4.84 6.12
N ARG B 339 22.36 -5.45 7.24
CA ARG B 339 23.22 -6.44 7.85
C ARG B 339 23.54 -7.55 6.89
N GLN B 340 22.48 -8.13 6.32
CA GLN B 340 22.63 -9.22 5.40
C GLN B 340 23.36 -8.82 4.11
N ALA B 341 23.14 -7.59 3.64
CA ALA B 341 23.76 -7.11 2.41
C ALA B 341 25.25 -7.01 2.58
N GLN B 342 25.69 -6.67 3.78
CA GLN B 342 27.11 -6.55 4.07
C GLN B 342 27.78 -7.92 3.95
N VAL B 343 27.14 -8.93 4.55
CA VAL B 343 27.68 -10.28 4.53
C VAL B 343 27.92 -10.73 3.10
N ILE B 344 26.92 -10.64 2.24
CA ILE B 344 27.12 -11.09 0.88
C ILE B 344 28.03 -10.17 0.07
N ALA B 345 28.00 -8.87 0.35
CA ALA B 345 28.85 -7.98 -0.42
C ALA B 345 30.32 -8.28 -0.19
N GLU B 346 30.71 -8.46 1.06
CA GLU B 346 32.11 -8.72 1.31
C GLU B 346 32.58 -10.16 1.09
N GLY B 347 31.66 -11.08 0.87
CA GLY B 347 32.07 -12.45 0.67
C GLY B 347 31.53 -13.19 -0.53
N MET B 348 30.93 -12.50 -1.50
CA MET B 348 30.39 -13.26 -2.61
C MET B 348 31.46 -13.87 -3.50
N GLU B 349 31.18 -15.08 -3.97
CA GLU B 349 32.08 -15.83 -4.82
C GLU B 349 31.74 -15.62 -6.29
N VAL B 350 32.75 -15.31 -7.09
CA VAL B 350 32.53 -15.08 -8.50
C VAL B 350 33.13 -16.18 -9.35
N ASP B 351 32.40 -16.59 -10.38
CA ASP B 351 32.90 -17.62 -11.29
C ASP B 351 33.00 -16.96 -12.66
N ALA B 352 34.14 -16.31 -12.90
CA ALA B 352 34.39 -15.61 -14.15
C ALA B 352 34.38 -16.55 -15.36
N ALA B 353 34.81 -17.79 -15.15
CA ALA B 353 34.85 -18.77 -16.22
C ALA B 353 33.44 -19.11 -16.69
N ARG B 354 32.54 -19.24 -15.73
CA ARG B 354 31.16 -19.54 -16.04
C ARG B 354 30.54 -18.32 -16.75
N MET B 355 30.92 -17.12 -16.31
CA MET B 355 30.40 -15.91 -16.96
C MET B 355 30.79 -15.94 -18.44
N ARG B 356 32.04 -16.34 -18.71
CA ARG B 356 32.54 -16.41 -20.08
C ARG B 356 31.75 -17.42 -20.89
N ARG B 357 31.54 -18.58 -20.31
CA ARG B 357 30.79 -19.65 -20.96
C ARG B 357 29.35 -19.20 -21.30
N ASN B 358 28.69 -18.55 -20.34
CA ASN B 358 27.33 -18.08 -20.54
C ASN B 358 27.28 -17.02 -21.63
N LEU B 359 28.36 -16.25 -21.76
CA LEU B 359 28.43 -15.19 -22.76
C LEU B 359 28.14 -15.65 -24.18
N ASP B 360 28.73 -16.77 -24.63
CA ASP B 360 28.40 -17.20 -25.98
C ASP B 360 27.44 -18.36 -25.98
N LEU B 361 26.34 -18.18 -25.25
CA LEU B 361 25.28 -19.15 -25.17
C LEU B 361 24.42 -18.87 -26.39
N THR B 362 24.46 -17.62 -26.85
CA THR B 362 23.71 -17.21 -28.04
C THR B 362 24.66 -17.24 -29.24
N GLN B 363 25.81 -17.89 -29.02
CA GLN B 363 26.86 -18.05 -30.03
C GLN B 363 27.28 -16.79 -30.77
N GLY B 364 27.63 -15.75 -30.03
CA GLY B 364 28.08 -14.54 -30.66
C GLY B 364 27.03 -13.61 -31.23
N LEU B 365 25.79 -14.04 -31.31
CA LEU B 365 24.75 -13.17 -31.86
C LEU B 365 24.57 -11.92 -31.01
N VAL B 366 24.97 -12.01 -29.75
CA VAL B 366 24.85 -10.89 -28.82
C VAL B 366 25.94 -9.85 -29.07
N LEU B 367 26.88 -10.21 -29.95
CA LEU B 367 27.98 -9.33 -30.31
C LEU B 367 27.84 -8.89 -31.77
N ALA B 368 26.72 -9.24 -32.40
CA ALA B 368 26.49 -8.89 -33.79
C ALA B 368 26.67 -7.40 -34.05
N GLU B 369 26.22 -6.60 -33.11
CA GLU B 369 26.31 -5.14 -33.20
C GLU B 369 27.75 -4.64 -33.28
N ALA B 370 28.65 -5.25 -32.51
CA ALA B 370 30.06 -4.86 -32.48
C ALA B 370 30.71 -5.10 -33.84
N VAL B 371 30.27 -6.14 -34.53
CA VAL B 371 30.79 -6.47 -35.84
C VAL B 371 30.16 -5.54 -36.87
N SER B 372 28.87 -5.27 -36.69
CA SER B 372 28.11 -4.42 -37.59
C SER B 372 28.72 -3.04 -37.81
N ILE B 373 29.25 -2.44 -36.75
CA ILE B 373 29.86 -1.12 -36.90
C ILE B 373 31.16 -1.18 -37.69
N VAL B 374 32.01 -2.17 -37.41
CA VAL B 374 33.26 -2.28 -38.13
C VAL B 374 33.05 -2.59 -39.60
N LEU B 375 32.22 -3.58 -39.91
CA LEU B 375 31.95 -3.92 -41.31
C LEU B 375 31.13 -2.82 -41.97
N ALA B 376 30.70 -1.84 -41.18
CA ALA B 376 29.92 -0.74 -41.73
C ALA B 376 30.86 0.15 -42.54
N GLN B 377 32.07 0.33 -42.02
CA GLN B 377 33.09 1.15 -42.67
C GLN B 377 33.92 0.36 -43.68
N ARG B 378 34.36 -0.85 -43.31
CA ARG B 378 35.16 -1.72 -44.20
C ARG B 378 34.49 -1.89 -45.55
N LEU B 379 33.16 -1.94 -45.52
CA LEU B 379 32.38 -2.07 -46.73
C LEU B 379 31.28 -1.02 -46.65
N GLY B 380 30.15 -1.27 -47.29
CA GLY B 380 29.07 -0.30 -47.24
C GLY B 380 28.13 -0.56 -46.08
N ARG B 381 27.75 0.50 -45.37
CA ARG B 381 26.82 0.36 -44.24
C ARG B 381 25.55 -0.34 -44.74
N ASP B 382 25.27 -0.17 -46.03
CA ASP B 382 24.09 -0.76 -46.68
C ASP B 382 24.35 -2.22 -47.05
N ARG B 383 25.56 -2.50 -47.54
CA ARG B 383 25.95 -3.85 -47.94
C ARG B 383 26.24 -4.71 -46.70
N ALA B 384 26.92 -4.13 -45.73
CA ALA B 384 27.27 -4.82 -44.49
C ALA B 384 26.01 -5.29 -43.77
N HIS B 385 25.01 -4.44 -43.71
CA HIS B 385 23.75 -4.76 -43.06
C HIS B 385 23.22 -6.09 -43.59
N HIS B 386 23.03 -6.17 -44.91
CA HIS B 386 22.53 -7.39 -45.54
C HIS B 386 23.45 -8.57 -45.22
N LEU B 387 24.73 -8.43 -45.52
CA LEU B 387 25.73 -9.48 -45.29
C LEU B 387 25.75 -10.01 -43.86
N LEU B 388 25.40 -9.16 -42.90
CA LEU B 388 25.41 -9.56 -41.48
C LEU B 388 24.18 -10.36 -41.09
N GLU B 389 23.00 -9.91 -41.51
CA GLU B 389 21.77 -10.62 -41.19
C GLU B 389 21.82 -12.00 -41.83
N GLN B 390 22.51 -12.08 -42.97
CA GLN B 390 22.67 -13.34 -43.68
C GLN B 390 23.52 -14.31 -42.85
N CYS B 391 24.61 -13.80 -42.28
CA CYS B 391 25.50 -14.63 -41.45
C CYS B 391 24.84 -15.07 -40.14
N CYS B 392 23.98 -14.23 -39.58
CA CYS B 392 23.27 -14.56 -38.35
C CYS B 392 22.22 -15.63 -38.65
N GLN B 393 21.41 -15.38 -39.68
CA GLN B 393 20.38 -16.32 -40.09
C GLN B 393 20.99 -17.70 -40.31
N ARG B 394 22.23 -17.74 -40.78
CA ARG B 394 22.92 -19.01 -41.04
C ARG B 394 23.52 -19.60 -39.76
N ALA B 395 24.19 -18.78 -38.97
CA ALA B 395 24.79 -19.26 -37.73
C ALA B 395 23.73 -19.95 -36.88
N VAL B 396 22.47 -19.55 -37.10
CA VAL B 396 21.34 -20.12 -36.38
C VAL B 396 20.86 -21.38 -37.08
N ALA B 397 20.56 -21.26 -38.37
CA ALA B 397 20.11 -22.40 -39.17
C ALA B 397 21.07 -23.57 -38.96
N GLU B 398 22.23 -23.54 -39.62
CA GLU B 398 23.22 -24.59 -39.48
C GLU B 398 23.87 -24.52 -38.08
N GLN B 399 23.11 -23.94 -37.15
CA GLN B 399 23.53 -23.77 -35.77
C GLN B 399 25.00 -24.04 -35.42
N ARG B 400 25.77 -22.95 -35.36
CA ARG B 400 27.19 -22.96 -35.01
C ARG B 400 27.59 -21.50 -34.78
N HIS B 401 28.63 -21.30 -33.97
CA HIS B 401 29.10 -19.97 -33.62
C HIS B 401 29.16 -18.97 -34.78
N LEU B 402 28.90 -17.70 -34.48
CA LEU B 402 28.93 -16.67 -35.51
C LEU B 402 30.36 -16.44 -35.97
N ARG B 403 31.33 -16.65 -35.07
CA ARG B 403 32.73 -16.47 -35.40
C ARG B 403 33.06 -17.33 -36.62
N ALA B 404 32.57 -18.56 -36.61
CA ALA B 404 32.78 -19.52 -37.70
C ALA B 404 32.08 -19.05 -38.97
N VAL B 405 30.78 -18.79 -38.87
CA VAL B 405 29.99 -18.34 -40.02
C VAL B 405 30.60 -17.15 -40.74
N LEU B 406 31.22 -16.24 -39.99
CA LEU B 406 31.86 -15.07 -40.58
C LEU B 406 33.21 -15.43 -41.24
N GLY B 407 33.87 -16.44 -40.69
CA GLY B 407 35.15 -16.86 -41.25
C GLY B 407 34.97 -17.55 -42.59
N ASP B 408 33.80 -18.13 -42.81
CA ASP B 408 33.48 -18.82 -44.05
C ASP B 408 32.75 -17.88 -44.99
N GLU B 409 32.75 -16.59 -44.66
CA GLU B 409 32.09 -15.59 -45.47
C GLU B 409 33.12 -14.83 -46.31
N PRO B 410 33.15 -15.09 -47.62
CA PRO B 410 34.09 -14.42 -48.53
C PRO B 410 34.27 -12.92 -48.29
N GLN B 411 33.19 -12.15 -48.41
CA GLN B 411 33.27 -10.70 -48.21
C GLN B 411 33.85 -10.31 -46.86
N VAL B 412 33.43 -11.03 -45.83
CA VAL B 412 33.90 -10.76 -44.48
C VAL B 412 35.36 -11.17 -44.27
N SER B 413 35.69 -12.42 -44.61
CA SER B 413 37.05 -12.91 -44.44
C SER B 413 38.03 -12.23 -45.41
N ALA B 414 37.48 -11.51 -46.40
CA ALA B 414 38.30 -10.80 -47.38
C ALA B 414 38.55 -9.38 -46.88
N GLU B 415 37.71 -8.94 -45.95
CA GLU B 415 37.81 -7.61 -45.36
C GLU B 415 38.42 -7.60 -43.95
N LEU B 416 38.24 -8.71 -43.24
CA LEU B 416 38.78 -8.82 -41.88
C LEU B 416 39.58 -10.11 -41.72
N SER B 417 40.79 -9.97 -41.20
CA SER B 417 41.66 -11.12 -40.99
C SER B 417 41.10 -12.04 -39.90
N GLY B 418 41.71 -13.21 -39.74
CA GLY B 418 41.27 -14.14 -38.72
C GLY B 418 41.56 -13.52 -37.35
N GLU B 419 42.59 -12.67 -37.31
CA GLU B 419 43.00 -11.99 -36.08
C GLU B 419 42.01 -10.88 -35.74
N GLU B 420 41.45 -10.24 -36.76
CA GLU B 420 40.48 -9.16 -36.57
C GLU B 420 39.13 -9.70 -36.11
N LEU B 421 38.70 -10.81 -36.70
CA LEU B 421 37.42 -11.40 -36.31
C LEU B 421 37.51 -11.97 -34.90
N ASP B 422 38.67 -12.50 -34.53
CA ASP B 422 38.83 -13.04 -33.19
C ASP B 422 38.56 -11.97 -32.15
N ARG B 423 38.99 -10.75 -32.45
CA ARG B 423 38.84 -9.61 -31.55
C ARG B 423 37.40 -9.08 -31.52
N LEU B 424 36.79 -8.91 -32.69
CA LEU B 424 35.43 -8.43 -32.76
C LEU B 424 34.43 -9.31 -32.03
N LEU B 425 34.65 -10.62 -32.05
CA LEU B 425 33.76 -11.54 -31.39
C LEU B 425 34.19 -11.84 -29.96
N ASP B 426 35.07 -11.00 -29.42
CA ASP B 426 35.54 -11.14 -28.06
C ASP B 426 34.79 -10.12 -27.22
N PRO B 427 34.05 -10.59 -26.19
CA PRO B 427 33.27 -9.74 -25.29
C PRO B 427 34.12 -8.69 -24.61
N ALA B 428 35.30 -9.10 -24.17
CA ALA B 428 36.18 -8.17 -23.47
C ALA B 428 36.48 -6.90 -24.27
N HIS B 429 36.17 -6.91 -25.57
CA HIS B 429 36.41 -5.74 -26.43
C HIS B 429 35.16 -4.94 -26.74
N TYR B 430 34.08 -5.21 -26.04
CA TYR B 430 32.84 -4.49 -26.28
C TYR B 430 32.21 -4.14 -24.93
N LEU B 431 33.03 -3.68 -24.00
CA LEU B 431 32.58 -3.31 -22.67
C LEU B 431 32.16 -1.84 -22.55
N GLY B 432 32.27 -1.10 -23.65
CA GLY B 432 31.89 0.29 -23.66
C GLY B 432 32.47 1.07 -22.50
N GLN B 433 31.60 1.80 -21.79
CA GLN B 433 32.00 2.64 -20.67
C GLN B 433 32.05 1.93 -19.32
N ALA B 434 31.88 0.61 -19.32
CA ALA B 434 31.88 -0.18 -18.09
C ALA B 434 32.87 0.30 -17.03
N ARG B 435 34.16 0.33 -17.36
CA ARG B 435 35.17 0.76 -16.40
C ARG B 435 35.05 2.23 -15.99
N VAL B 436 34.55 3.06 -16.91
CA VAL B 436 34.36 4.48 -16.60
C VAL B 436 33.26 4.65 -15.54
N TRP B 437 32.13 3.97 -15.73
CA TRP B 437 31.03 4.02 -14.77
C TRP B 437 31.52 3.66 -13.37
N VAL B 438 32.31 2.60 -13.27
CA VAL B 438 32.83 2.16 -11.98
C VAL B 438 33.68 3.27 -11.42
N ALA B 439 34.49 3.88 -12.28
CA ALA B 439 35.38 4.97 -11.88
C ALA B 439 34.64 6.15 -11.26
N ARG B 440 33.63 6.66 -11.99
CA ARG B 440 32.85 7.78 -11.53
C ARG B 440 32.12 7.48 -10.22
N ALA B 441 31.50 6.31 -10.15
CA ALA B 441 30.78 5.93 -8.95
C ALA B 441 31.71 5.87 -7.75
N VAL B 442 32.83 5.17 -7.88
CA VAL B 442 33.76 5.06 -6.77
C VAL B 442 34.29 6.43 -6.41
N SER B 443 34.57 7.23 -7.42
CA SER B 443 35.09 8.57 -7.22
C SER B 443 34.14 9.37 -6.34
N GLU B 444 32.87 9.41 -6.74
CA GLU B 444 31.86 10.14 -6.00
C GLU B 444 31.72 9.63 -4.57
N HIS B 445 31.93 8.33 -4.39
CA HIS B 445 31.88 7.71 -3.06
C HIS B 445 32.98 8.27 -2.17
N GLN B 446 34.16 8.45 -2.75
CA GLN B 446 35.29 8.97 -2.00
C GLN B 446 35.08 10.46 -1.75
N ARG B 447 34.46 11.14 -2.70
CA ARG B 447 34.17 12.57 -2.58
C ARG B 447 33.28 12.80 -1.38
N PHE B 448 32.17 12.06 -1.31
CA PHE B 448 31.22 12.19 -0.23
C PHE B 448 31.88 12.11 1.12
N THR B 449 32.69 11.08 1.31
CA THR B 449 33.41 10.84 2.56
C THR B 449 33.54 12.15 3.34
N ALA B 450 34.16 13.15 2.72
CA ALA B 450 34.33 14.46 3.33
C ALA B 450 33.01 15.23 3.26
N ASN C 3 9.09 -5.98 22.82
CA ASN C 3 8.03 -4.99 22.48
C ASN C 3 6.63 -5.42 22.86
N GLN C 4 6.24 -5.21 24.12
CA GLN C 4 4.90 -5.60 24.51
C GLN C 4 4.14 -4.47 25.21
N LEU C 5 4.75 -3.29 25.29
CA LEU C 5 4.09 -2.15 25.91
C LEU C 5 2.67 -1.90 25.38
N PHE C 6 2.56 -1.75 24.06
CA PHE C 6 1.27 -1.48 23.46
C PHE C 6 0.52 -2.72 23.04
N ASP C 7 1.06 -3.88 23.40
CA ASP C 7 0.42 -5.13 23.00
C ASP C 7 -0.90 -5.47 23.70
N ALA C 8 -1.05 -5.04 24.95
CA ALA C 8 -2.28 -5.31 25.70
C ALA C 8 -3.40 -4.42 25.15
N TYR C 9 -3.00 -3.22 24.74
CA TYR C 9 -3.91 -2.24 24.20
C TYR C 9 -4.30 -2.53 22.74
N PHE C 10 -3.36 -3.06 21.95
CA PHE C 10 -3.61 -3.32 20.53
C PHE C 10 -3.99 -4.75 20.13
N THR C 11 -3.67 -5.73 20.97
CA THR C 11 -3.98 -7.13 20.65
C THR C 11 -4.85 -7.80 21.69
N ALA C 12 -5.66 -8.76 21.27
CA ALA C 12 -6.50 -9.51 22.19
C ALA C 12 -5.62 -10.64 22.72
N PRO C 13 -5.42 -10.71 24.04
CA PRO C 13 -4.61 -11.74 24.69
C PRO C 13 -4.72 -13.16 24.13
N ALA C 14 -5.94 -13.63 23.89
CA ALA C 14 -6.14 -14.97 23.36
C ALA C 14 -5.48 -15.13 21.98
N MET C 15 -5.58 -14.08 21.16
CA MET C 15 -5.00 -14.07 19.82
C MET C 15 -3.47 -14.08 19.91
N ARG C 16 -2.90 -13.25 20.78
CA ARG C 16 -1.45 -13.20 20.94
C ARG C 16 -0.92 -14.59 21.33
N GLU C 17 -1.69 -15.33 22.12
CA GLU C 17 -1.27 -16.66 22.53
C GLU C 17 -1.08 -17.55 21.30
N ILE C 18 -2.03 -17.47 20.37
CA ILE C 18 -1.96 -18.25 19.15
C ILE C 18 -0.75 -17.85 18.32
N PHE C 19 -0.52 -16.55 18.20
CA PHE C 19 0.59 -16.05 17.41
C PHE C 19 1.74 -15.63 18.30
N SER C 20 2.36 -16.64 18.88
CA SER C 20 3.51 -16.45 19.74
C SER C 20 4.49 -17.52 19.24
N ASP C 21 5.71 -17.52 19.76
CA ASP C 21 6.68 -18.53 19.33
C ASP C 21 6.17 -19.93 19.68
N ARG C 22 5.58 -20.06 20.86
CA ARG C 22 5.04 -21.34 21.30
C ARG C 22 4.00 -21.83 20.30
N GLY C 23 3.07 -20.95 19.95
CA GLY C 23 2.01 -21.30 19.02
C GLY C 23 2.52 -21.71 17.66
N ARG C 24 3.52 -20.99 17.16
CA ARG C 24 4.13 -21.27 15.87
C ARG C 24 4.80 -22.63 15.87
N LEU C 25 5.63 -22.85 16.89
CA LEU C 25 6.34 -24.10 17.07
C LEU C 25 5.36 -25.26 17.20
N GLN C 26 4.38 -25.11 18.09
CA GLN C 26 3.41 -26.17 18.29
C GLN C 26 2.70 -26.60 17.01
N GLY C 27 2.38 -25.62 16.15
CA GLY C 27 1.71 -25.93 14.90
C GLY C 27 2.55 -26.88 14.06
N MET C 28 3.84 -26.61 13.94
CA MET C 28 4.72 -27.45 13.16
C MET C 28 4.89 -28.82 13.79
N LEU C 29 5.05 -28.83 15.11
CA LEU C 29 5.21 -30.09 15.85
C LEU C 29 3.97 -30.97 15.66
N ASP C 30 2.80 -30.35 15.70
CA ASP C 30 1.55 -31.06 15.51
C ASP C 30 1.60 -31.75 14.15
N PHE C 31 2.17 -31.05 13.17
CA PHE C 31 2.28 -31.60 11.82
C PHE C 31 3.18 -32.84 11.82
N GLU C 32 4.36 -32.72 12.42
CA GLU C 32 5.30 -33.83 12.51
C GLU C 32 4.68 -35.06 13.18
N ALA C 33 4.00 -34.86 14.31
CA ALA C 33 3.39 -35.98 15.03
C ALA C 33 2.33 -36.61 14.15
N ALA C 34 1.49 -35.78 13.54
CA ALA C 34 0.44 -36.31 12.69
C ALA C 34 1.02 -37.01 11.46
N LEU C 35 2.19 -36.56 11.02
CA LEU C 35 2.86 -37.17 9.86
C LEU C 35 3.27 -38.61 10.15
N ALA C 36 3.96 -38.80 11.28
CA ALA C 36 4.42 -40.13 11.70
C ALA C 36 3.24 -41.08 11.87
N ARG C 37 2.19 -40.55 12.49
CA ARG C 37 0.97 -41.30 12.74
C ARG C 37 0.34 -41.76 11.43
N ALA C 38 0.28 -40.88 10.45
CA ALA C 38 -0.32 -41.22 9.17
C ALA C 38 0.55 -42.16 8.33
N GLU C 39 1.88 -42.02 8.42
CA GLU C 39 2.76 -42.88 7.63
C GLU C 39 2.86 -44.26 8.27
N ALA C 40 2.63 -44.33 9.57
CA ALA C 40 2.68 -45.59 10.28
C ALA C 40 1.55 -46.47 9.77
N SER C 41 0.36 -45.88 9.64
CA SER C 41 -0.80 -46.61 9.16
C SER C 41 -0.73 -46.90 7.67
N ALA C 42 0.40 -46.59 7.05
CA ALA C 42 0.57 -46.85 5.63
C ALA C 42 1.68 -47.88 5.53
N GLY C 43 2.25 -48.22 6.68
CA GLY C 43 3.32 -49.18 6.76
C GLY C 43 4.68 -48.61 6.44
N LEU C 44 4.89 -47.33 6.71
CA LEU C 44 6.17 -46.69 6.42
C LEU C 44 6.97 -46.42 7.69
N VAL C 45 6.28 -46.41 8.82
CA VAL C 45 6.92 -46.12 10.09
C VAL C 45 6.51 -47.09 11.19
N PRO C 46 7.48 -47.61 11.96
CA PRO C 46 7.16 -48.55 13.05
C PRO C 46 6.38 -47.83 14.14
N HIS C 47 5.27 -48.41 14.56
CA HIS C 47 4.41 -47.83 15.60
C HIS C 47 5.16 -47.45 16.87
N SER C 48 6.32 -48.05 17.10
CA SER C 48 7.11 -47.72 18.28
C SER C 48 7.73 -46.33 18.14
N ALA C 49 8.03 -45.94 16.90
CA ALA C 49 8.61 -44.62 16.67
C ALA C 49 7.54 -43.54 16.79
N VAL C 50 6.32 -43.85 16.33
CA VAL C 50 5.22 -42.91 16.40
C VAL C 50 5.09 -42.40 17.83
N ALA C 51 5.16 -43.31 18.79
CA ALA C 51 5.05 -42.95 20.21
C ALA C 51 6.22 -42.05 20.64
N ALA C 52 7.43 -42.39 20.18
CA ALA C 52 8.62 -41.63 20.52
C ALA C 52 8.52 -40.19 20.01
N ILE C 53 8.08 -40.06 18.77
CA ILE C 53 7.92 -38.76 18.11
C ILE C 53 6.89 -37.87 18.83
N GLU C 54 5.69 -38.41 19.03
CA GLU C 54 4.62 -37.66 19.70
C GLU C 54 5.08 -37.09 21.03
N ALA C 55 5.86 -37.88 21.77
CA ALA C 55 6.34 -37.44 23.07
C ALA C 55 7.26 -36.24 22.97
N ALA C 56 7.87 -36.04 21.80
CA ALA C 56 8.80 -34.92 21.63
C ALA C 56 8.14 -33.71 20.95
N CYS C 57 6.94 -33.93 20.43
CA CYS C 57 6.22 -32.85 19.74
C CYS C 57 5.48 -31.89 20.69
N GLN C 58 6.21 -31.35 21.66
CA GLN C 58 5.65 -30.41 22.61
C GLN C 58 6.55 -29.18 22.60
N ALA C 59 5.99 -28.05 22.19
CA ALA C 59 6.73 -26.80 22.10
C ALA C 59 7.62 -26.48 23.30
N GLU C 60 7.10 -26.77 24.49
CA GLU C 60 7.81 -26.50 25.74
C GLU C 60 9.23 -27.06 25.79
N ARG C 61 9.45 -28.19 25.14
CA ARG C 61 10.76 -28.85 25.15
C ARG C 61 11.85 -28.21 24.29
N TYR C 62 11.56 -27.08 23.65
CA TYR C 62 12.55 -26.45 22.78
C TYR C 62 13.00 -25.04 23.18
N ASP C 63 14.20 -24.66 22.75
CA ASP C 63 14.76 -23.36 23.08
C ASP C 63 14.64 -22.38 21.92
N THR C 64 13.69 -21.46 22.05
CA THR C 64 13.42 -20.46 21.04
C THR C 64 14.66 -19.67 20.67
N GLY C 65 15.37 -19.19 21.69
CA GLY C 65 16.58 -18.41 21.44
C GLY C 65 17.55 -19.14 20.55
N ALA C 66 17.76 -20.42 20.84
CA ALA C 66 18.68 -21.23 20.06
C ALA C 66 18.16 -21.41 18.64
N LEU C 67 16.88 -21.73 18.49
CA LEU C 67 16.29 -21.94 17.17
C LEU C 67 16.38 -20.67 16.34
N ALA C 68 16.14 -19.54 16.97
CA ALA C 68 16.18 -18.26 16.26
C ALA C 68 17.51 -18.01 15.53
N ASN C 69 18.63 -18.32 16.19
CA ASN C 69 19.94 -18.13 15.60
C ASN C 69 20.20 -19.12 14.48
N ALA C 70 19.65 -20.31 14.62
CA ALA C 70 19.81 -21.35 13.62
C ALA C 70 19.06 -20.93 12.37
N ILE C 71 17.85 -20.40 12.57
CA ILE C 71 17.00 -19.96 11.46
C ILE C 71 17.72 -18.93 10.61
N ALA C 72 18.49 -18.06 11.25
CA ALA C 72 19.23 -17.02 10.54
C ALA C 72 20.22 -17.60 9.54
N THR C 73 20.51 -18.89 9.67
CA THR C 73 21.45 -19.54 8.78
C THR C 73 20.75 -20.56 7.88
N ALA C 74 19.64 -21.10 8.36
CA ALA C 74 18.89 -22.08 7.62
C ALA C 74 18.01 -21.48 6.51
N GLY C 75 17.41 -20.32 6.79
CA GLY C 75 16.57 -19.69 5.80
C GLY C 75 15.09 -19.90 6.04
N ASN C 76 14.78 -20.76 7.01
CA ASN C 76 13.39 -21.04 7.37
C ASN C 76 13.38 -21.59 8.79
N SER C 77 12.19 -21.88 9.31
CA SER C 77 12.06 -22.38 10.67
C SER C 77 11.95 -23.90 10.77
N ALA C 78 11.47 -24.54 9.70
CA ALA C 78 11.30 -25.99 9.76
C ALA C 78 12.59 -26.78 9.93
N ILE C 79 13.62 -26.52 9.12
CA ILE C 79 14.82 -27.34 9.26
C ILE C 79 15.49 -27.28 10.64
N PRO C 80 15.58 -26.09 11.27
CA PRO C 80 16.23 -26.10 12.59
C PRO C 80 15.34 -26.79 13.63
N LEU C 81 14.04 -26.70 13.43
CA LEU C 81 13.13 -27.34 14.36
C LEU C 81 13.22 -28.86 14.21
N VAL C 82 13.15 -29.35 12.99
CA VAL C 82 13.21 -30.79 12.76
C VAL C 82 14.53 -31.36 13.28
N LYS C 83 15.60 -30.59 13.13
CA LYS C 83 16.91 -31.04 13.60
C LYS C 83 16.87 -31.17 15.14
N ALA C 84 16.36 -30.13 15.80
CA ALA C 84 16.25 -30.14 17.25
C ALA C 84 15.31 -31.26 17.72
N LEU C 85 14.24 -31.50 16.95
CA LEU C 85 13.30 -32.55 17.30
C LEU C 85 14.03 -33.89 17.21
N GLY C 86 14.84 -34.06 16.17
CA GLY C 86 15.59 -35.29 16.00
C GLY C 86 16.54 -35.58 17.14
N LYS C 87 17.21 -34.54 17.64
CA LYS C 87 18.15 -34.67 18.75
C LYS C 87 17.46 -34.99 20.09
N VAL C 88 16.16 -34.73 20.16
CA VAL C 88 15.38 -34.99 21.38
C VAL C 88 14.89 -36.43 21.35
N ILE C 89 14.52 -36.90 20.17
CA ILE C 89 14.04 -38.25 20.00
C ILE C 89 15.21 -39.24 20.12
N ALA C 90 16.41 -38.75 19.84
CA ALA C 90 17.62 -39.57 19.93
C ALA C 90 17.89 -39.98 21.37
N THR C 91 17.76 -39.04 22.29
CA THR C 91 17.99 -39.29 23.71
C THR C 91 17.26 -40.53 24.20
N GLY C 92 16.00 -40.70 23.79
CA GLY C 92 15.24 -41.85 24.23
C GLY C 92 15.27 -43.03 23.28
N VAL C 93 14.62 -42.88 22.12
CA VAL C 93 14.55 -43.94 21.12
C VAL C 93 15.40 -43.56 19.90
N PRO C 94 16.73 -43.73 20.00
CA PRO C 94 17.70 -43.42 18.94
C PRO C 94 17.35 -43.86 17.52
N GLU C 95 16.79 -45.05 17.38
CA GLU C 95 16.44 -45.57 16.05
C GLU C 95 15.11 -45.06 15.52
N ALA C 96 14.48 -44.12 16.24
CA ALA C 96 13.22 -43.55 15.80
C ALA C 96 13.54 -42.27 15.03
N GLU C 97 14.69 -41.68 15.33
CA GLU C 97 15.15 -40.45 14.71
C GLU C 97 15.05 -40.41 13.19
N ARG C 98 15.30 -41.53 12.53
CA ARG C 98 15.27 -41.56 11.07
C ARG C 98 13.88 -41.49 10.42
N TYR C 99 12.82 -41.49 11.22
CA TYR C 99 11.46 -41.45 10.68
C TYR C 99 10.77 -40.09 10.75
N VAL C 100 11.34 -39.18 11.51
CA VAL C 100 10.75 -37.86 11.66
C VAL C 100 10.86 -37.05 10.38
N HIS C 101 9.77 -36.37 10.03
CA HIS C 101 9.72 -35.51 8.84
C HIS C 101 9.98 -36.29 7.55
N LEU C 102 9.58 -37.56 7.52
CA LEU C 102 9.80 -38.40 6.35
C LEU C 102 8.95 -38.04 5.13
N GLY C 103 9.61 -37.72 4.03
CA GLY C 103 8.93 -37.41 2.79
C GLY C 103 8.33 -36.01 2.68
N ALA C 104 8.57 -35.18 3.67
CA ALA C 104 8.01 -33.83 3.65
C ALA C 104 9.09 -32.78 3.52
N THR C 105 8.71 -31.63 2.98
CA THR C 105 9.64 -30.51 2.82
C THR C 105 9.33 -29.45 3.88
N SER C 106 10.29 -28.57 4.17
CA SER C 106 10.09 -27.53 5.19
C SER C 106 8.74 -26.81 5.09
N GLN C 107 8.43 -26.30 3.89
CA GLN C 107 7.18 -25.57 3.69
C GLN C 107 5.93 -26.35 4.03
N ASP C 108 5.98 -27.68 3.90
CA ASP C 108 4.84 -28.50 4.24
C ASP C 108 4.54 -28.31 5.73
N ALA C 109 5.59 -28.42 6.54
CA ALA C 109 5.46 -28.27 7.99
C ALA C 109 5.06 -26.85 8.35
N MET C 110 5.69 -25.87 7.71
CA MET C 110 5.42 -24.46 7.97
C MET C 110 4.01 -24.00 7.57
N ASP C 111 3.60 -24.25 6.33
CA ASP C 111 2.27 -23.85 5.91
C ASP C 111 1.18 -24.58 6.71
N THR C 112 1.32 -25.90 6.84
CA THR C 112 0.32 -26.66 7.59
C THR C 112 0.26 -26.18 9.04
N GLY C 113 1.42 -25.92 9.65
CA GLY C 113 1.44 -25.42 11.01
C GLY C 113 0.67 -24.11 11.07
N LEU C 114 0.92 -23.23 10.10
CA LEU C 114 0.26 -21.92 10.01
C LEU C 114 -1.26 -22.12 9.89
N VAL C 115 -1.68 -23.00 8.98
CA VAL C 115 -3.11 -23.25 8.80
C VAL C 115 -3.73 -23.65 10.13
N LEU C 116 -3.02 -24.47 10.89
CA LEU C 116 -3.55 -24.90 12.19
C LEU C 116 -3.77 -23.66 13.05
N GLN C 117 -2.78 -22.76 13.08
CA GLN C 117 -2.93 -21.54 13.87
C GLN C 117 -4.08 -20.69 13.32
N LEU C 118 -4.21 -20.62 11.99
CA LEU C 118 -5.27 -19.82 11.41
C LEU C 118 -6.62 -20.40 11.78
N ARG C 119 -6.68 -21.72 11.93
CA ARG C 119 -7.94 -22.35 12.30
C ARG C 119 -8.35 -21.90 13.71
N ASP C 120 -7.40 -21.91 14.65
CA ASP C 120 -7.72 -21.45 16.00
C ASP C 120 -8.13 -20.00 15.95
N ALA C 121 -7.41 -19.21 15.15
CA ALA C 121 -7.70 -17.79 15.02
C ALA C 121 -9.07 -17.56 14.39
N LEU C 122 -9.41 -18.33 13.36
CA LEU C 122 -10.71 -18.17 12.72
C LEU C 122 -11.80 -18.39 13.76
N ASP C 123 -11.60 -19.43 14.59
CA ASP C 123 -12.56 -19.76 15.64
C ASP C 123 -12.78 -18.61 16.62
N LEU C 124 -11.71 -17.90 17.00
CA LEU C 124 -11.85 -16.78 17.92
C LEU C 124 -12.63 -15.66 17.25
N ILE C 125 -12.20 -15.32 16.04
CA ILE C 125 -12.83 -14.24 15.29
C ILE C 125 -14.30 -14.49 15.05
N GLU C 126 -14.68 -15.73 14.77
CA GLU C 126 -16.10 -16.01 14.56
C GLU C 126 -16.88 -15.84 15.87
N ALA C 127 -16.26 -16.25 16.98
CA ALA C 127 -16.91 -16.14 18.28
C ALA C 127 -17.13 -14.66 18.54
N ASP C 128 -16.04 -13.90 18.59
CA ASP C 128 -16.11 -12.48 18.85
C ASP C 128 -17.11 -11.74 17.94
N LEU C 129 -17.10 -12.06 16.65
CA LEU C 129 -18.02 -11.41 15.73
C LEU C 129 -19.48 -11.66 16.13
N GLY C 130 -19.83 -12.94 16.30
CA GLY C 130 -21.19 -13.28 16.70
C GLY C 130 -21.58 -12.57 17.99
N LYS C 131 -20.67 -12.57 18.95
CA LYS C 131 -20.94 -11.92 20.23
C LYS C 131 -21.18 -10.44 19.95
N LEU C 132 -20.29 -9.80 19.20
CA LEU C 132 -20.45 -8.39 18.88
C LEU C 132 -21.74 -8.10 18.09
N ALA C 133 -22.10 -8.99 17.18
CA ALA C 133 -23.30 -8.84 16.37
C ALA C 133 -24.55 -8.87 17.26
N ASP C 134 -24.55 -9.77 18.24
CA ASP C 134 -25.66 -9.92 19.19
C ASP C 134 -25.92 -8.65 19.97
N THR C 135 -24.91 -8.18 20.69
CA THR C 135 -25.07 -6.97 21.49
C THR C 135 -25.40 -5.77 20.60
N LEU C 136 -24.78 -5.70 19.43
CA LEU C 136 -25.04 -4.62 18.51
C LEU C 136 -26.51 -4.70 18.09
N SER C 137 -27.00 -5.93 17.97
CA SER C 137 -28.39 -6.17 17.57
C SER C 137 -29.39 -5.57 18.57
N GLN C 138 -29.13 -5.82 19.86
CA GLN C 138 -29.99 -5.32 20.90
C GLN C 138 -29.97 -3.81 20.89
N GLN C 139 -28.78 -3.23 20.98
CA GLN C 139 -28.63 -1.78 20.96
C GLN C 139 -29.43 -1.20 19.79
N ALA C 140 -29.30 -1.83 18.63
CA ALA C 140 -30.00 -1.36 17.44
C ALA C 140 -31.49 -1.26 17.74
N LEU C 141 -32.08 -2.35 18.26
CA LEU C 141 -33.49 -2.37 18.59
C LEU C 141 -33.81 -1.37 19.68
N LYS C 142 -33.02 -1.38 20.75
CA LYS C 142 -33.23 -0.48 21.86
C LYS C 142 -33.34 0.98 21.44
N HIS C 143 -32.53 1.40 20.48
CA HIS C 143 -32.58 2.79 20.02
C HIS C 143 -33.14 2.93 18.61
N ALA C 144 -33.93 1.95 18.20
CA ALA C 144 -34.52 1.93 16.87
C ALA C 144 -35.22 3.24 16.50
N ASP C 145 -35.68 3.99 17.50
CA ASP C 145 -36.36 5.22 17.20
C ASP C 145 -35.96 6.44 17.99
N THR C 146 -34.78 6.44 18.62
CA THR C 146 -34.37 7.64 19.32
C THR C 146 -33.78 8.46 18.19
N PRO C 147 -34.38 9.63 17.89
CA PRO C 147 -33.89 10.49 16.80
C PRO C 147 -32.61 11.32 17.03
N LEU C 148 -31.81 11.41 15.97
CA LEU C 148 -30.58 12.21 15.97
C LEU C 148 -30.49 12.81 14.56
N VAL C 149 -29.86 13.96 14.42
CA VAL C 149 -29.74 14.61 13.10
C VAL C 149 -28.87 13.80 12.11
N GLY C 150 -29.21 13.86 10.83
CA GLY C 150 -28.39 13.15 9.87
C GLY C 150 -27.18 14.00 9.52
N ARG C 151 -26.03 13.39 9.32
CA ARG C 151 -24.85 14.18 8.97
C ARG C 151 -24.28 13.73 7.64
N THR C 152 -24.27 14.67 6.72
CA THR C 152 -23.81 14.51 5.35
C THR C 152 -22.63 15.46 5.11
N TRP C 153 -21.48 14.92 4.70
CA TRP C 153 -20.30 15.76 4.48
C TRP C 153 -20.09 16.58 5.77
N LEU C 154 -20.44 15.98 6.90
CA LEU C 154 -20.34 16.62 8.21
C LEU C 154 -21.31 17.78 8.41
N GLN C 155 -22.28 17.89 7.52
CA GLN C 155 -23.30 18.93 7.58
C GLN C 155 -24.61 18.29 8.02
N HIS C 156 -25.46 19.06 8.69
CA HIS C 156 -26.76 18.55 9.14
C HIS C 156 -27.66 18.19 7.96
N ALA C 157 -28.33 17.06 8.08
CA ALA C 157 -29.22 16.55 7.03
C ALA C 157 -30.49 16.04 7.70
N THR C 158 -31.45 15.60 6.90
CA THR C 158 -32.70 15.09 7.45
C THR C 158 -32.45 14.05 8.55
N PRO C 159 -33.37 13.96 9.53
CA PRO C 159 -33.27 13.03 10.66
C PRO C 159 -32.93 11.61 10.31
N VAL C 160 -32.34 10.96 11.31
CA VAL C 160 -31.89 9.57 11.26
C VAL C 160 -32.10 9.07 12.70
N THR C 161 -31.99 7.77 12.92
CA THR C 161 -32.17 7.22 14.26
C THR C 161 -30.85 6.56 14.68
N LEU C 162 -30.56 6.51 15.97
CA LEU C 162 -29.31 5.90 16.44
C LEU C 162 -29.29 4.43 16.08
N GLY C 163 -30.43 3.76 16.24
CA GLY C 163 -30.50 2.36 15.90
C GLY C 163 -30.24 2.14 14.42
N MET C 164 -30.64 3.11 13.59
CA MET C 164 -30.43 2.99 12.14
C MET C 164 -28.92 2.87 11.93
N LYS C 165 -28.17 3.80 12.53
CA LYS C 165 -26.73 3.81 12.41
C LYS C 165 -26.14 2.48 12.86
N LEU C 166 -26.43 2.06 14.09
CA LEU C 166 -25.90 0.79 14.58
C LEU C 166 -26.33 -0.39 13.70
N ALA C 167 -27.50 -0.32 13.09
CA ALA C 167 -27.97 -1.41 12.24
C ALA C 167 -27.04 -1.55 11.03
N GLY C 168 -26.49 -0.42 10.57
CA GLY C 168 -25.57 -0.46 9.44
C GLY C 168 -24.35 -1.31 9.77
N VAL C 169 -23.75 -1.03 10.92
CA VAL C 169 -22.59 -1.79 11.36
C VAL C 169 -22.98 -3.27 11.50
N LEU C 170 -24.18 -3.54 12.01
CA LEU C 170 -24.65 -4.91 12.15
C LEU C 170 -24.71 -5.55 10.77
N GLY C 171 -25.27 -4.82 9.81
CA GLY C 171 -25.38 -5.34 8.45
C GLY C 171 -24.02 -5.82 7.93
N ALA C 172 -23.02 -4.94 8.00
CA ALA C 172 -21.68 -5.25 7.55
C ALA C 172 -21.11 -6.47 8.27
N LEU C 173 -21.21 -6.51 9.61
CA LEU C 173 -20.69 -7.66 10.37
C LEU C 173 -21.35 -8.98 9.94
N THR C 174 -22.65 -8.94 9.66
CA THR C 174 -23.37 -10.13 9.22
C THR C 174 -22.75 -10.61 7.92
N ARG C 175 -22.51 -9.68 7.00
CA ARG C 175 -21.90 -10.02 5.70
C ARG C 175 -20.50 -10.64 5.87
N HIS C 176 -19.76 -10.22 6.89
CA HIS C 176 -18.42 -10.76 7.12
C HIS C 176 -18.48 -12.16 7.69
N ARG C 177 -19.46 -12.41 8.55
CA ARG C 177 -19.60 -13.72 9.15
C ARG C 177 -19.91 -14.70 8.03
N GLN C 178 -20.69 -14.23 7.08
CA GLN C 178 -21.10 -14.98 5.91
C GLN C 178 -19.85 -15.30 5.06
N ARG C 179 -19.01 -14.29 4.85
CA ARG C 179 -17.79 -14.46 4.08
C ARG C 179 -16.82 -15.42 4.75
N LEU C 180 -16.70 -15.32 6.07
CA LEU C 180 -15.80 -16.20 6.81
C LEU C 180 -16.30 -17.64 6.70
N GLN C 181 -17.62 -17.78 6.60
CA GLN C 181 -18.21 -19.10 6.50
C GLN C 181 -17.89 -19.70 5.13
N GLU C 182 -18.00 -18.89 4.08
CA GLU C 182 -17.74 -19.35 2.74
C GLU C 182 -16.27 -19.73 2.45
N LEU C 183 -15.32 -19.06 3.09
CA LEU C 183 -13.90 -19.33 2.86
C LEU C 183 -13.36 -20.47 3.71
N ARG C 184 -14.05 -20.78 4.80
CA ARG C 184 -13.59 -21.83 5.69
C ARG C 184 -13.16 -23.14 5.00
N PRO C 185 -13.99 -23.68 4.09
CA PRO C 185 -13.64 -24.93 3.40
C PRO C 185 -12.48 -24.77 2.43
N ARG C 186 -12.28 -23.53 2.01
CA ARG C 186 -11.22 -23.18 1.07
C ARG C 186 -9.88 -22.98 1.75
N LEU C 187 -9.88 -22.35 2.92
CA LEU C 187 -8.68 -22.06 3.69
C LEU C 187 -8.09 -23.20 4.52
N LEU C 188 -8.93 -23.99 5.18
CA LEU C 188 -8.45 -25.08 6.03
C LEU C 188 -8.06 -26.34 5.26
N VAL C 189 -7.01 -26.23 4.48
CA VAL C 189 -6.50 -27.34 3.68
C VAL C 189 -5.10 -27.70 4.14
N LEU C 190 -4.71 -28.94 3.85
CA LEU C 190 -3.38 -29.42 4.21
C LEU C 190 -2.38 -29.01 3.15
N GLN C 191 -1.14 -28.77 3.57
CA GLN C 191 -0.07 -28.44 2.64
C GLN C 191 0.93 -29.59 2.68
N PHE C 192 0.78 -30.54 1.77
CA PHE C 192 1.67 -31.69 1.74
C PHE C 192 2.09 -31.97 0.30
N GLY C 193 3.29 -31.52 -0.07
CA GLY C 193 3.75 -31.74 -1.43
C GLY C 193 5.20 -32.19 -1.55
N GLY C 194 5.97 -32.04 -0.48
CA GLY C 194 7.36 -32.43 -0.53
C GLY C 194 8.24 -31.50 -1.36
N ALA C 195 9.52 -31.80 -1.38
CA ALA C 195 10.54 -31.02 -2.12
C ALA C 195 10.07 -30.15 -3.27
N SER C 196 9.36 -30.74 -4.23
CA SER C 196 8.89 -29.94 -5.37
C SER C 196 7.40 -30.07 -5.64
N GLY C 197 6.66 -30.56 -4.64
CA GLY C 197 5.22 -30.72 -4.78
C GLY C 197 4.79 -31.97 -5.51
N SER C 198 5.72 -32.86 -5.84
CA SER C 198 5.37 -34.09 -6.54
C SER C 198 5.16 -35.24 -5.56
N LEU C 199 5.66 -35.10 -4.33
CA LEU C 199 5.52 -36.13 -3.33
C LEU C 199 6.12 -37.46 -3.82
N ALA C 200 7.03 -37.37 -4.79
CA ALA C 200 7.68 -38.55 -5.36
C ALA C 200 8.42 -39.41 -4.33
N ALA C 201 8.97 -38.79 -3.30
CA ALA C 201 9.70 -39.53 -2.28
C ALA C 201 8.88 -40.60 -1.58
N LEU C 202 7.55 -40.50 -1.63
CA LEU C 202 6.69 -41.49 -0.99
C LEU C 202 6.22 -42.57 -1.97
N GLY C 203 6.62 -42.43 -3.22
CA GLY C 203 6.22 -43.41 -4.22
C GLY C 203 4.72 -43.56 -4.29
N SER C 204 4.25 -44.81 -4.30
CA SER C 204 2.83 -45.12 -4.39
C SER C 204 2.06 -44.97 -3.08
N LYS C 205 2.76 -44.72 -1.98
CA LYS C 205 2.09 -44.52 -0.68
C LYS C 205 1.76 -43.04 -0.48
N ALA C 206 1.99 -42.24 -1.52
CA ALA C 206 1.75 -40.80 -1.47
C ALA C 206 0.33 -40.39 -1.09
N MET C 207 -0.64 -40.73 -1.93
CA MET C 207 -2.01 -40.38 -1.63
C MET C 207 -2.51 -40.97 -0.33
N PRO C 208 -2.18 -42.24 -0.07
CA PRO C 208 -2.64 -42.85 1.18
C PRO C 208 -2.13 -42.08 2.40
N VAL C 209 -0.85 -41.73 2.40
CA VAL C 209 -0.31 -40.97 3.52
C VAL C 209 -0.96 -39.59 3.60
N ALA C 210 -1.18 -38.99 2.43
CA ALA C 210 -1.79 -37.66 2.33
C ALA C 210 -3.17 -37.61 2.97
N GLU C 211 -4.05 -38.53 2.57
CA GLU C 211 -5.40 -38.56 3.09
C GLU C 211 -5.39 -38.87 4.58
N ALA C 212 -4.58 -39.83 4.99
CA ALA C 212 -4.49 -40.17 6.40
C ALA C 212 -4.05 -38.92 7.18
N LEU C 213 -3.08 -38.19 6.65
CA LEU C 213 -2.56 -37.00 7.30
C LEU C 213 -3.59 -35.89 7.42
N ALA C 214 -4.36 -35.67 6.36
CA ALA C 214 -5.38 -34.64 6.36
C ALA C 214 -6.42 -34.97 7.43
N GLU C 215 -6.87 -36.23 7.43
CA GLU C 215 -7.86 -36.71 8.40
C GLU C 215 -7.33 -36.58 9.83
N GLN C 216 -6.05 -36.89 10.02
CA GLN C 216 -5.41 -36.79 11.33
C GLN C 216 -5.51 -35.38 11.90
N LEU C 217 -5.27 -34.38 11.05
CA LEU C 217 -5.32 -32.99 11.48
C LEU C 217 -6.70 -32.36 11.28
N LYS C 218 -7.67 -33.15 10.83
CA LYS C 218 -9.01 -32.64 10.59
C LYS C 218 -8.97 -31.47 9.61
N LEU C 219 -8.19 -31.63 8.55
CA LEU C 219 -8.07 -30.62 7.50
C LEU C 219 -8.41 -31.28 6.17
N THR C 220 -8.93 -30.51 5.23
CA THR C 220 -9.27 -31.02 3.93
C THR C 220 -8.00 -31.20 3.07
N LEU C 221 -8.04 -32.16 2.17
CA LEU C 221 -6.92 -32.39 1.25
C LEU C 221 -7.29 -31.55 0.03
N PRO C 222 -6.40 -30.63 -0.40
CA PRO C 222 -6.66 -29.77 -1.57
C PRO C 222 -6.50 -30.55 -2.86
N GLU C 223 -6.96 -30.00 -3.98
CA GLU C 223 -6.83 -30.71 -5.26
C GLU C 223 -5.37 -30.98 -5.59
N GLN C 224 -4.47 -30.11 -5.11
CA GLN C 224 -3.03 -30.26 -5.32
C GLN C 224 -2.32 -29.37 -4.31
N PRO C 225 -1.02 -29.64 -4.06
CA PRO C 225 -0.28 -28.79 -3.10
C PRO C 225 -0.28 -27.32 -3.58
N TRP C 226 -0.06 -26.38 -2.68
CA TRP C 226 -0.07 -24.97 -3.06
C TRP C 226 1.12 -24.12 -2.54
N HIS C 227 2.34 -24.67 -2.64
CA HIS C 227 3.55 -23.98 -2.20
C HIS C 227 3.70 -22.57 -2.77
N THR C 228 3.27 -22.37 -4.01
CA THR C 228 3.38 -21.02 -4.59
C THR C 228 2.07 -20.43 -5.09
N GLN C 229 0.96 -21.03 -4.69
CA GLN C 229 -0.37 -20.51 -5.04
C GLN C 229 -0.91 -20.09 -3.68
N ARG C 230 -0.76 -18.81 -3.36
CA ARG C 230 -1.12 -18.28 -2.05
C ARG C 230 -2.47 -17.60 -1.87
N ASP C 231 -3.34 -17.68 -2.87
CA ASP C 231 -4.64 -17.02 -2.78
C ASP C 231 -5.45 -17.34 -1.52
N ARG C 232 -5.36 -18.57 -1.02
CA ARG C 232 -6.12 -18.91 0.19
C ARG C 232 -5.76 -18.02 1.38
N LEU C 233 -4.47 -17.80 1.59
CA LEU C 233 -4.03 -16.96 2.69
C LEU C 233 -4.38 -15.49 2.47
N VAL C 234 -4.21 -15.01 1.24
CA VAL C 234 -4.50 -13.61 0.97
C VAL C 234 -5.99 -13.33 1.09
N GLU C 235 -6.82 -14.30 0.72
CA GLU C 235 -8.26 -14.09 0.82
C GLU C 235 -8.66 -13.88 2.30
N PHE C 236 -8.19 -14.78 3.17
CA PHE C 236 -8.49 -14.69 4.59
C PHE C 236 -8.06 -13.33 5.17
N ALA C 237 -6.88 -12.85 4.79
CA ALA C 237 -6.37 -11.57 5.26
C ALA C 237 -7.25 -10.45 4.74
N SER C 238 -7.72 -10.65 3.52
CA SER C 238 -8.57 -9.68 2.88
C SER C 238 -9.90 -9.50 3.63
N VAL C 239 -10.53 -10.60 4.04
CA VAL C 239 -11.78 -10.49 4.80
C VAL C 239 -11.50 -9.84 6.16
N LEU C 240 -10.40 -10.21 6.81
CA LEU C 240 -10.05 -9.57 8.09
C LEU C 240 -9.88 -8.07 7.83
N GLY C 241 -9.43 -7.74 6.62
CA GLY C 241 -9.25 -6.34 6.26
C GLY C 241 -10.58 -5.66 6.21
N LEU C 242 -11.56 -6.35 5.64
CA LEU C 242 -12.93 -5.83 5.53
C LEU C 242 -13.46 -5.54 6.96
N VAL C 243 -13.19 -6.46 7.89
CA VAL C 243 -13.62 -6.31 9.27
C VAL C 243 -12.97 -5.07 9.92
N ALA C 244 -11.67 -4.91 9.74
CA ALA C 244 -11.02 -3.74 10.32
C ALA C 244 -11.65 -2.46 9.76
N GLY C 245 -11.90 -2.45 8.45
CA GLY C 245 -12.49 -1.28 7.81
C GLY C 245 -13.85 -0.95 8.39
N SER C 246 -14.71 -1.96 8.55
CA SER C 246 -16.03 -1.72 9.10
C SER C 246 -15.96 -1.20 10.53
N LEU C 247 -15.20 -1.88 11.39
CA LEU C 247 -15.06 -1.42 12.78
C LEU C 247 -14.38 -0.03 12.78
N GLY C 248 -13.69 0.27 11.70
CA GLY C 248 -13.01 1.56 11.59
C GLY C 248 -14.05 2.65 11.45
N LYS C 249 -15.07 2.37 10.66
CA LYS C 249 -16.17 3.31 10.42
C LYS C 249 -16.88 3.55 11.76
N PHE C 250 -17.12 2.46 12.49
CA PHE C 250 -17.78 2.52 13.80
C PHE C 250 -16.97 3.36 14.77
N GLY C 251 -15.67 3.10 14.84
CA GLY C 251 -14.81 3.87 15.72
C GLY C 251 -14.79 5.33 15.36
N ARG C 252 -14.86 5.65 14.06
CA ARG C 252 -14.85 7.04 13.65
C ARG C 252 -16.13 7.72 14.12
N ASP C 253 -17.26 7.08 13.86
CA ASP C 253 -18.56 7.63 14.24
C ASP C 253 -18.64 7.92 15.74
N ILE C 254 -18.11 7.02 16.56
CA ILE C 254 -18.13 7.21 18.00
C ILE C 254 -17.32 8.44 18.36
N SER C 255 -16.09 8.52 17.86
CA SER C 255 -15.24 9.65 18.17
C SER C 255 -15.85 10.98 17.74
N LEU C 256 -16.64 10.98 16.67
CA LEU C 256 -17.27 12.20 16.20
C LEU C 256 -18.48 12.56 17.08
N LEU C 257 -19.17 11.54 17.58
CA LEU C 257 -20.33 11.75 18.45
C LEU C 257 -19.86 12.13 19.84
N MET C 258 -18.62 11.77 20.19
CA MET C 258 -18.06 12.11 21.50
C MET C 258 -17.49 13.53 21.49
N GLN C 259 -17.43 14.15 20.32
CA GLN C 259 -16.92 15.52 20.18
C GLN C 259 -17.62 16.43 21.19
N THR C 260 -16.86 17.39 21.73
CA THR C 260 -17.42 18.34 22.68
C THR C 260 -18.65 19.04 22.09
N GLU C 261 -18.59 19.47 20.83
CA GLU C 261 -19.73 20.16 20.23
C GLU C 261 -20.87 19.23 19.80
N ALA C 262 -20.76 17.95 20.10
CA ALA C 262 -21.82 17.02 19.72
C ALA C 262 -22.34 16.35 20.99
N GLY C 263 -21.44 15.70 21.71
CA GLY C 263 -21.78 15.03 22.95
C GLY C 263 -23.07 14.22 22.91
N GLU C 264 -23.23 13.37 21.90
CA GLU C 264 -24.43 12.55 21.81
C GLU C 264 -24.23 11.12 22.26
N VAL C 265 -23.07 10.56 21.97
CA VAL C 265 -22.77 9.19 22.39
C VAL C 265 -21.37 9.16 23.02
N PHE C 266 -21.18 8.28 23.99
CA PHE C 266 -19.90 8.21 24.67
C PHE C 266 -19.46 6.78 24.93
N GLU C 267 -18.15 6.59 24.95
CA GLU C 267 -17.56 5.29 25.26
C GLU C 267 -17.79 5.11 26.76
N PRO C 268 -17.86 3.86 27.23
CA PRO C 268 -18.07 3.63 28.66
C PRO C 268 -16.96 4.33 29.44
N SER C 269 -17.24 4.76 30.66
CA SER C 269 -16.23 5.42 31.47
C SER C 269 -15.51 4.40 32.35
N THR C 278 -8.47 18.75 36.95
CA THR C 278 -9.80 18.26 37.45
C THR C 278 -10.23 16.95 36.77
N MET C 279 -11.52 16.63 36.87
CA MET C 279 -12.07 15.42 36.28
C MET C 279 -13.51 15.59 35.79
N PRO C 280 -13.75 16.51 34.84
CA PRO C 280 -15.11 16.73 34.32
C PRO C 280 -15.27 16.46 32.80
N HIS C 281 -15.13 17.52 32.01
CA HIS C 281 -15.27 17.47 30.55
C HIS C 281 -14.22 16.60 29.85
N LYS C 282 -13.29 16.05 30.63
CA LYS C 282 -12.22 15.20 30.10
C LYS C 282 -12.66 13.74 29.91
N ARG C 283 -12.95 13.39 28.66
CA ARG C 283 -13.38 12.04 28.32
C ARG C 283 -12.88 11.70 26.92
N ASN C 284 -11.70 11.10 26.85
CA ASN C 284 -11.09 10.72 25.59
C ASN C 284 -11.53 9.34 25.12
N PRO C 285 -11.78 9.18 23.81
CA PRO C 285 -12.20 7.89 23.25
C PRO C 285 -10.99 6.99 23.01
N VAL C 286 -10.47 6.37 24.07
CA VAL C 286 -9.30 5.51 23.96
C VAL C 286 -9.64 4.24 23.21
N GLY C 287 -10.89 3.83 23.26
CA GLY C 287 -11.30 2.63 22.55
C GLY C 287 -11.38 2.88 21.04
N ALA C 288 -12.03 3.97 20.67
CA ALA C 288 -12.18 4.32 19.26
C ALA C 288 -10.81 4.46 18.61
N ALA C 289 -9.83 4.90 19.40
CA ALA C 289 -8.46 5.08 18.91
C ALA C 289 -7.95 3.75 18.34
N VAL C 290 -8.22 2.66 19.06
CA VAL C 290 -7.79 1.36 18.58
C VAL C 290 -8.47 0.99 17.27
N LEU C 291 -9.79 1.17 17.20
CA LEU C 291 -10.49 0.83 15.97
C LEU C 291 -9.95 1.66 14.80
N ILE C 292 -9.78 2.96 15.00
CA ILE C 292 -9.30 3.78 13.92
C ILE C 292 -7.87 3.39 13.54
N GLY C 293 -7.06 3.08 14.56
CA GLY C 293 -5.69 2.68 14.29
C GLY C 293 -5.62 1.44 13.42
N ALA C 294 -6.41 0.42 13.77
CA ALA C 294 -6.42 -0.81 12.99
C ALA C 294 -6.86 -0.54 11.55
N ALA C 295 -7.92 0.24 11.40
CA ALA C 295 -8.43 0.56 10.07
C ALA C 295 -7.38 1.32 9.25
N THR C 296 -6.39 1.88 9.94
CA THR C 296 -5.34 2.65 9.29
C THR C 296 -4.09 1.83 8.97
N ARG C 297 -3.80 0.85 9.82
CA ARG C 297 -2.63 0.01 9.67
C ARG C 297 -2.82 -1.20 8.75
N VAL C 298 -3.99 -1.81 8.82
CA VAL C 298 -4.26 -3.02 8.07
C VAL C 298 -4.16 -2.91 6.54
N PRO C 299 -4.67 -1.83 5.94
CA PRO C 299 -4.56 -1.74 4.48
C PRO C 299 -3.14 -2.01 3.97
N GLY C 300 -2.16 -1.43 4.64
CA GLY C 300 -0.79 -1.63 4.20
C GLY C 300 -0.35 -3.07 4.34
N LEU C 301 -0.68 -3.70 5.47
CA LEU C 301 -0.30 -5.08 5.69
C LEU C 301 -0.93 -5.98 4.65
N LEU C 302 -2.18 -5.71 4.33
CA LEU C 302 -2.88 -6.51 3.34
C LEU C 302 -2.23 -6.44 1.97
N SER C 303 -1.90 -5.23 1.53
CA SER C 303 -1.31 -5.08 0.22
C SER C 303 0.01 -5.85 0.16
N THR C 304 0.66 -6.02 1.30
CA THR C 304 1.91 -6.77 1.32
C THR C 304 1.61 -8.20 0.92
N LEU C 305 0.54 -8.77 1.46
CA LEU C 305 0.19 -10.13 1.08
C LEU C 305 -0.16 -10.20 -0.40
N PHE C 306 -0.87 -9.20 -0.94
CA PHE C 306 -1.19 -9.20 -2.36
C PHE C 306 0.11 -9.09 -3.16
N ALA C 307 0.98 -8.18 -2.71
CA ALA C 307 2.26 -7.95 -3.35
C ALA C 307 3.14 -9.21 -3.42
N ALA C 308 2.96 -10.13 -2.47
CA ALA C 308 3.79 -11.34 -2.45
C ALA C 308 3.21 -12.52 -3.22
N MET C 309 2.14 -12.32 -3.98
CA MET C 309 1.55 -13.43 -4.70
C MET C 309 2.29 -14.03 -5.88
N PRO C 310 2.96 -13.21 -6.70
CA PRO C 310 3.67 -13.83 -7.83
C PRO C 310 4.94 -14.57 -7.42
N GLN C 311 4.77 -15.67 -6.69
CA GLN C 311 5.90 -16.46 -6.22
C GLN C 311 6.35 -17.42 -7.30
N GLU C 312 7.64 -17.35 -7.62
CA GLU C 312 8.23 -18.15 -8.68
C GLU C 312 8.32 -19.64 -8.50
N HIS C 313 8.00 -20.34 -9.59
CA HIS C 313 8.08 -21.78 -9.68
C HIS C 313 7.56 -22.58 -8.47
N GLU C 314 8.37 -23.53 -8.01
CA GLU C 314 8.01 -24.41 -6.90
C GLU C 314 8.17 -23.89 -5.49
N ARG C 315 8.91 -22.81 -5.32
CA ARG C 315 9.09 -22.22 -4.01
C ARG C 315 9.86 -20.93 -4.25
N SER C 316 9.29 -19.84 -3.74
CA SER C 316 9.84 -18.51 -3.94
C SER C 316 10.57 -17.97 -2.71
N LEU C 317 11.72 -17.33 -2.93
CA LEU C 317 12.46 -16.79 -1.80
C LEU C 317 12.22 -15.31 -1.72
N GLY C 318 12.04 -14.80 -0.51
CA GLY C 318 11.80 -13.38 -0.32
C GLY C 318 10.31 -13.09 -0.24
N LEU C 319 9.59 -13.31 -1.33
CA LEU C 319 8.17 -13.07 -1.36
C LEU C 319 7.47 -13.96 -0.33
N TRP C 320 7.89 -15.23 -0.25
CA TRP C 320 7.30 -16.15 0.73
C TRP C 320 7.69 -15.72 2.14
N HIS C 321 8.93 -15.26 2.32
CA HIS C 321 9.39 -14.82 3.64
C HIS C 321 8.58 -13.61 4.10
N ALA C 322 8.14 -12.78 3.16
CA ALA C 322 7.38 -11.59 3.49
C ALA C 322 6.03 -11.90 4.15
N GLU C 323 5.52 -13.10 3.93
CA GLU C 323 4.24 -13.49 4.49
C GLU C 323 4.31 -13.80 5.98
N TRP C 324 5.39 -14.46 6.39
CA TRP C 324 5.60 -14.93 7.76
C TRP C 324 5.14 -14.06 8.93
N GLU C 325 5.58 -12.82 9.02
CA GLU C 325 5.16 -11.98 10.15
C GLU C 325 3.97 -11.09 9.83
N THR C 326 3.70 -10.91 8.54
CA THR C 326 2.61 -10.05 8.11
C THR C 326 1.21 -10.58 8.44
N LEU C 327 0.94 -11.83 8.09
CA LEU C 327 -0.38 -12.40 8.37
C LEU C 327 -0.68 -12.35 9.86
N PRO C 328 0.28 -12.78 10.70
CA PRO C 328 0.02 -12.74 12.15
C PRO C 328 -0.30 -11.32 12.64
N ASP C 329 0.42 -10.32 12.13
CA ASP C 329 0.16 -8.94 12.54
C ASP C 329 -1.29 -8.58 12.25
N ILE C 330 -1.76 -8.98 11.07
CA ILE C 330 -3.13 -8.66 10.70
C ILE C 330 -4.10 -9.30 11.70
N CYS C 331 -3.92 -10.58 11.99
CA CYS C 331 -4.82 -11.25 12.92
C CYS C 331 -4.84 -10.56 14.30
N CYS C 332 -3.66 -10.21 14.80
CA CYS C 332 -3.56 -9.56 16.10
C CYS C 332 -4.22 -8.19 16.09
N LEU C 333 -3.92 -7.41 15.07
CA LEU C 333 -4.51 -6.08 14.93
C LEU C 333 -6.04 -6.15 14.97
N VAL C 334 -6.60 -7.04 14.18
CA VAL C 334 -8.04 -7.17 14.13
C VAL C 334 -8.62 -7.72 15.43
N SER C 335 -7.94 -8.67 16.06
CA SER C 335 -8.45 -9.23 17.30
C SER C 335 -8.60 -8.11 18.33
N GLY C 336 -7.65 -7.18 18.33
CA GLY C 336 -7.70 -6.09 19.28
C GLY C 336 -8.81 -5.11 18.99
N ALA C 337 -9.14 -4.94 17.71
CA ALA C 337 -10.20 -4.03 17.32
C ALA C 337 -11.55 -4.62 17.72
N LEU C 338 -11.71 -5.93 17.48
CA LEU C 338 -12.95 -6.61 17.85
C LEU C 338 -13.16 -6.50 19.34
N ARG C 339 -12.07 -6.70 20.08
CA ARG C 339 -12.14 -6.63 21.54
C ARG C 339 -12.65 -5.28 22.02
N GLN C 340 -12.01 -4.24 21.52
CA GLN C 340 -12.36 -2.88 21.90
C GLN C 340 -13.76 -2.49 21.41
N ALA C 341 -14.16 -2.97 20.24
CA ALA C 341 -15.47 -2.65 19.69
C ALA C 341 -16.57 -3.25 20.54
N GLN C 342 -16.28 -4.39 21.15
CA GLN C 342 -17.24 -5.07 22.01
C GLN C 342 -17.46 -4.24 23.27
N VAL C 343 -16.37 -3.75 23.83
CA VAL C 343 -16.47 -2.95 25.03
C VAL C 343 -17.36 -1.75 24.80
N ILE C 344 -17.09 -0.97 23.76
CA ILE C 344 -17.90 0.22 23.54
C ILE C 344 -19.31 -0.11 23.07
N ALA C 345 -19.49 -1.19 22.31
CA ALA C 345 -20.82 -1.54 21.83
C ALA C 345 -21.78 -1.87 22.97
N GLU C 346 -21.31 -2.60 23.98
CA GLU C 346 -22.20 -2.97 25.06
C GLU C 346 -22.32 -1.98 26.19
N GLY C 347 -21.52 -0.93 26.19
CA GLY C 347 -21.61 0.03 27.26
C GLY C 347 -21.64 1.48 26.88
N MET C 348 -21.90 1.82 25.62
CA MET C 348 -21.89 3.25 25.30
C MET C 348 -23.07 3.97 25.90
N GLU C 349 -22.82 5.21 26.32
CA GLU C 349 -23.80 6.08 26.95
C GLU C 349 -24.46 6.99 25.93
N VAL C 350 -25.79 7.02 25.93
CA VAL C 350 -26.51 7.86 24.99
C VAL C 350 -27.17 9.06 25.66
N ASP C 351 -27.08 10.23 25.03
CA ASP C 351 -27.70 11.44 25.55
C ASP C 351 -28.75 11.86 24.53
N ALA C 352 -29.92 11.22 24.59
CA ALA C 352 -31.02 11.50 23.67
C ALA C 352 -31.45 12.96 23.74
N ALA C 353 -31.31 13.56 24.92
CA ALA C 353 -31.67 14.96 25.15
C ALA C 353 -30.81 15.90 24.33
N ARG C 354 -29.50 15.65 24.37
CA ARG C 354 -28.54 16.44 23.62
C ARG C 354 -28.77 16.25 22.11
N MET C 355 -29.14 15.03 21.72
CA MET C 355 -29.42 14.75 20.32
C MET C 355 -30.58 15.61 19.85
N ARG C 356 -31.61 15.73 20.69
CA ARG C 356 -32.78 16.56 20.38
C ARG C 356 -32.33 18.01 20.21
N ARG C 357 -31.57 18.47 21.19
CA ARG C 357 -31.07 19.83 21.20
C ARG C 357 -30.27 20.14 19.94
N ASN C 358 -29.36 19.23 19.57
CA ASN C 358 -28.54 19.44 18.38
C ASN C 358 -29.38 19.45 17.12
N LEU C 359 -30.50 18.72 17.15
CA LEU C 359 -31.38 18.63 15.99
C LEU C 359 -31.87 19.98 15.46
N ASP C 360 -32.29 20.89 16.31
CA ASP C 360 -32.72 22.19 15.77
C ASP C 360 -31.66 23.25 16.02
N LEU C 361 -30.45 22.93 15.58
CA LEU C 361 -29.30 23.81 15.69
C LEU C 361 -29.38 24.64 14.41
N THR C 362 -30.06 24.08 13.41
CA THR C 362 -30.27 24.76 12.14
C THR C 362 -31.67 25.36 12.18
N GLN C 363 -32.27 25.32 13.36
CA GLN C 363 -33.61 25.84 13.62
C GLN C 363 -34.70 25.36 12.67
N GLY C 364 -34.81 24.05 12.52
CA GLY C 364 -35.84 23.50 11.67
C GLY C 364 -35.63 23.55 10.17
N LEU C 365 -34.56 24.21 9.72
CA LEU C 365 -34.33 24.28 8.28
C LEU C 365 -34.07 22.88 7.71
N VAL C 366 -33.57 21.99 8.55
CA VAL C 366 -33.28 20.62 8.14
C VAL C 366 -34.56 19.82 7.94
N LEU C 367 -35.67 20.41 8.39
CA LEU C 367 -36.98 19.78 8.30
C LEU C 367 -37.85 20.46 7.25
N ALA C 368 -37.28 21.45 6.57
CA ALA C 368 -37.99 22.19 5.52
C ALA C 368 -38.65 21.24 4.52
N GLU C 369 -37.93 20.18 4.15
CA GLU C 369 -38.41 19.17 3.21
C GLU C 369 -39.72 18.51 3.64
N ALA C 370 -39.82 18.18 4.93
CA ALA C 370 -41.00 17.52 5.50
C ALA C 370 -42.24 18.39 5.40
N VAL C 371 -42.04 19.71 5.48
CA VAL C 371 -43.15 20.65 5.39
C VAL C 371 -43.46 20.88 3.91
N SER C 372 -42.41 20.93 3.09
CA SER C 372 -42.53 21.15 1.66
C SER C 372 -43.49 20.19 0.97
N ILE C 373 -43.47 18.92 1.38
CA ILE C 373 -44.36 17.93 0.77
C ILE C 373 -45.82 18.15 1.16
N VAL C 374 -46.07 18.43 2.44
CA VAL C 374 -47.42 18.67 2.92
C VAL C 374 -48.03 19.94 2.29
N LEU C 375 -47.32 21.07 2.38
CA LEU C 375 -47.84 22.29 1.78
C LEU C 375 -47.88 22.16 0.25
N ALA C 376 -47.32 21.07 -0.27
CA ALA C 376 -47.31 20.84 -1.70
C ALA C 376 -48.72 20.51 -2.16
N GLN C 377 -49.42 19.72 -1.35
CA GLN C 377 -50.79 19.32 -1.63
C GLN C 377 -51.82 20.34 -1.10
N ARG C 378 -51.61 20.84 0.11
CA ARG C 378 -52.52 21.83 0.71
C ARG C 378 -52.72 23.03 -0.23
N LEU C 379 -51.64 23.42 -0.90
CA LEU C 379 -51.69 24.54 -1.84
C LEU C 379 -51.10 24.04 -3.16
N GLY C 380 -50.49 24.94 -3.92
CA GLY C 380 -49.90 24.52 -5.18
C GLY C 380 -48.42 24.18 -5.00
N ARG C 381 -48.00 23.03 -5.55
CA ARG C 381 -46.61 22.62 -5.44
C ARG C 381 -45.72 23.77 -5.93
N ASP C 382 -46.28 24.55 -6.85
CA ASP C 382 -45.58 25.69 -7.42
C ASP C 382 -45.62 26.89 -6.47
N ARG C 383 -46.76 27.09 -5.80
CA ARG C 383 -46.94 28.19 -4.87
C ARG C 383 -46.23 27.89 -3.55
N ALA C 384 -46.33 26.64 -3.11
CA ALA C 384 -45.70 26.19 -1.87
C ALA C 384 -44.19 26.39 -1.91
N HIS C 385 -43.60 26.04 -3.04
CA HIS C 385 -42.17 26.19 -3.23
C HIS C 385 -41.74 27.60 -2.88
N HIS C 386 -42.34 28.58 -3.58
CA HIS C 386 -42.04 29.99 -3.35
C HIS C 386 -42.22 30.33 -1.88
N LEU C 387 -43.42 30.08 -1.39
CA LEU C 387 -43.80 30.37 -0.02
C LEU C 387 -42.84 29.78 1.03
N LEU C 388 -42.25 28.64 0.73
CA LEU C 388 -41.35 27.99 1.67
C LEU C 388 -39.96 28.61 1.66
N GLU C 389 -39.43 28.91 0.48
CA GLU C 389 -38.11 29.52 0.39
C GLU C 389 -38.16 30.88 1.07
N GLN C 390 -39.31 31.53 0.97
CA GLN C 390 -39.51 32.84 1.56
C GLN C 390 -39.42 32.73 3.08
N CYS C 391 -40.05 31.70 3.63
CA CYS C 391 -40.06 31.47 5.07
C CYS C 391 -38.67 31.10 5.61
N CYS C 392 -37.92 30.35 4.83
CA CYS C 392 -36.59 29.95 5.25
C CYS C 392 -35.68 31.16 5.20
N GLN C 393 -35.74 31.91 4.10
CA GLN C 393 -34.94 33.11 3.93
C GLN C 393 -35.15 34.06 5.10
N ARG C 394 -36.37 34.07 5.64
CA ARG C 394 -36.73 34.94 6.76
C ARG C 394 -36.28 34.37 8.09
N ALA C 395 -36.54 33.07 8.30
CA ALA C 395 -36.15 32.42 9.55
C ALA C 395 -34.65 32.60 9.77
N VAL C 396 -33.94 32.81 8.68
CA VAL C 396 -32.49 33.03 8.71
C VAL C 396 -32.20 34.51 8.99
N ALA C 397 -32.73 35.37 8.13
CA ALA C 397 -32.56 36.81 8.28
C ALA C 397 -32.86 37.24 9.71
N GLU C 398 -34.14 37.33 10.06
CA GLU C 398 -34.51 37.72 11.42
C GLU C 398 -34.22 36.59 12.40
N GLN C 399 -33.29 35.72 12.00
CA GLN C 399 -32.86 34.57 12.79
C GLN C 399 -33.76 34.15 13.95
N ARG C 400 -34.59 33.16 13.68
CA ARG C 400 -35.51 32.57 14.64
C ARG C 400 -36.07 31.29 14.01
N HIS C 401 -36.39 30.32 14.86
CA HIS C 401 -36.89 29.03 14.41
C HIS C 401 -37.87 29.13 13.25
N LEU C 402 -37.88 28.10 12.40
CA LEU C 402 -38.76 28.06 11.25
C LEU C 402 -40.20 27.84 11.72
N ARG C 403 -40.35 27.14 12.85
CA ARG C 403 -41.67 26.88 13.41
C ARG C 403 -42.41 28.19 13.58
N ALA C 404 -41.70 29.18 14.12
CA ALA C 404 -42.25 30.50 14.35
C ALA C 404 -42.57 31.21 13.03
N VAL C 405 -41.57 31.32 12.17
CA VAL C 405 -41.76 31.99 10.89
C VAL C 405 -42.98 31.45 10.14
N LEU C 406 -43.23 30.15 10.23
CA LEU C 406 -44.37 29.54 9.55
C LEU C 406 -45.68 29.86 10.25
N GLY C 407 -45.62 30.08 11.55
CA GLY C 407 -46.82 30.42 12.31
C GLY C 407 -47.28 31.83 12.01
N ASP C 408 -46.35 32.70 11.61
CA ASP C 408 -46.66 34.08 11.27
C ASP C 408 -46.88 34.26 9.79
N GLU C 409 -47.00 33.13 9.09
CA GLU C 409 -47.22 33.14 7.66
C GLU C 409 -48.69 32.90 7.35
N PRO C 410 -49.39 33.93 6.87
CA PRO C 410 -50.81 33.85 6.54
C PRO C 410 -51.23 32.60 5.77
N GLN C 411 -50.69 32.42 4.56
CA GLN C 411 -51.05 31.25 3.76
C GLN C 411 -50.80 29.93 4.47
N VAL C 412 -49.69 29.84 5.20
CA VAL C 412 -49.35 28.62 5.91
C VAL C 412 -50.25 28.40 7.13
N SER C 413 -50.34 29.38 8.01
CA SER C 413 -51.17 29.24 9.19
C SER C 413 -52.65 29.17 8.84
N ALA C 414 -52.97 29.50 7.59
CA ALA C 414 -54.35 29.47 7.12
C ALA C 414 -54.66 28.08 6.56
N GLU C 415 -53.60 27.33 6.23
CA GLU C 415 -53.74 25.98 5.70
C GLU C 415 -53.40 24.90 6.72
N LEU C 416 -52.53 25.25 7.67
CA LEU C 416 -52.12 24.30 8.69
C LEU C 416 -52.30 24.87 10.09
N SER C 417 -52.97 24.11 10.95
CA SER C 417 -53.23 24.53 12.31
C SER C 417 -51.95 24.61 13.11
N GLY C 418 -52.04 25.10 14.33
CA GLY C 418 -50.87 25.20 15.18
C GLY C 418 -50.45 23.81 15.60
N GLU C 419 -51.43 22.90 15.67
CA GLU C 419 -51.18 21.52 16.05
C GLU C 419 -50.52 20.78 14.90
N GLU C 420 -50.86 21.16 13.67
CA GLU C 420 -50.29 20.53 12.49
C GLU C 420 -48.82 20.94 12.29
N LEU C 421 -48.54 22.23 12.51
CA LEU C 421 -47.18 22.73 12.35
C LEU C 421 -46.26 22.15 13.41
N ASP C 422 -46.79 21.94 14.61
CA ASP C 422 -45.97 21.37 15.68
C ASP C 422 -45.48 19.99 15.32
N ARG C 423 -46.32 19.24 14.61
CA ARG C 423 -45.99 17.88 14.20
C ARG C 423 -44.98 17.88 13.03
N LEU C 424 -45.24 18.69 12.00
CA LEU C 424 -44.35 18.74 10.85
C LEU C 424 -42.93 19.12 11.23
N LEU C 425 -42.79 20.04 12.17
CA LEU C 425 -41.45 20.46 12.58
C LEU C 425 -40.89 19.58 13.69
N ASP C 426 -41.50 18.42 13.92
CA ASP C 426 -40.99 17.51 14.94
C ASP C 426 -40.22 16.41 14.22
N PRO C 427 -38.93 16.23 14.56
CA PRO C 427 -38.04 15.24 13.95
C PRO C 427 -38.59 13.82 14.02
N ALA C 428 -39.15 13.47 15.18
CA ALA C 428 -39.70 12.14 15.39
C ALA C 428 -40.72 11.73 14.34
N HIS C 429 -41.22 12.71 13.58
CA HIS C 429 -42.21 12.42 12.54
C HIS C 429 -41.64 12.42 11.13
N TYR C 430 -40.32 12.41 11.01
CA TYR C 430 -39.69 12.40 9.71
C TYR C 430 -38.51 11.43 9.76
N LEU C 431 -38.76 10.24 10.31
CA LEU C 431 -37.75 9.20 10.44
C LEU C 431 -37.74 8.21 9.27
N GLY C 432 -38.60 8.42 8.30
CA GLY C 432 -38.66 7.55 7.15
C GLY C 432 -38.64 6.07 7.50
N GLN C 433 -37.78 5.31 6.84
CA GLN C 433 -37.69 3.88 7.08
C GLN C 433 -36.76 3.46 8.22
N ALA C 434 -36.25 4.43 8.97
CA ALA C 434 -35.34 4.14 10.08
C ALA C 434 -35.65 2.83 10.80
N ARG C 435 -36.84 2.73 11.39
CA ARG C 435 -37.22 1.53 12.12
C ARG C 435 -37.29 0.28 11.27
N VAL C 436 -37.60 0.44 9.98
CA VAL C 436 -37.65 -0.69 9.06
C VAL C 436 -36.25 -1.25 8.81
N TRP C 437 -35.30 -0.34 8.59
CA TRP C 437 -33.92 -0.72 8.36
C TRP C 437 -33.43 -1.57 9.54
N VAL C 438 -33.63 -1.05 10.75
CA VAL C 438 -33.19 -1.78 11.93
C VAL C 438 -33.83 -3.17 11.91
N ALA C 439 -35.12 -3.23 11.57
CA ALA C 439 -35.84 -4.49 11.54
C ALA C 439 -35.20 -5.50 10.59
N ARG C 440 -35.01 -5.09 9.33
CA ARG C 440 -34.44 -5.98 8.33
C ARG C 440 -33.06 -6.48 8.74
N ALA C 441 -32.24 -5.57 9.25
CA ALA C 441 -30.89 -5.91 9.67
C ALA C 441 -30.93 -6.93 10.80
N VAL C 442 -31.71 -6.64 11.83
CA VAL C 442 -31.80 -7.55 12.95
C VAL C 442 -32.33 -8.89 12.48
N SER C 443 -33.34 -8.83 11.63
CA SER C 443 -33.93 -10.05 11.09
C SER C 443 -32.85 -10.93 10.46
N GLU C 444 -32.15 -10.36 9.49
CA GLU C 444 -31.09 -11.08 8.80
C GLU C 444 -30.04 -11.64 9.76
N HIS C 445 -29.81 -10.92 10.85
CA HIS C 445 -28.84 -11.37 11.84
C HIS C 445 -29.34 -12.65 12.51
N GLN C 446 -30.64 -12.72 12.76
CA GLN C 446 -31.24 -13.89 13.40
C GLN C 446 -31.34 -15.05 12.41
N ARG C 447 -31.55 -14.73 11.15
CA ARG C 447 -31.63 -15.75 10.11
C ARG C 447 -30.28 -16.47 10.01
N PHE C 448 -29.21 -15.69 9.90
CA PHE C 448 -27.86 -16.23 9.78
C PHE C 448 -27.59 -17.26 10.86
N THR C 449 -27.81 -16.88 12.12
CA THR C 449 -27.58 -17.75 13.27
C THR C 449 -27.64 -19.22 12.89
N ALA C 450 -28.71 -19.61 12.21
CA ALA C 450 -28.89 -20.99 11.74
C ALA C 450 -28.09 -21.24 10.44
N ASN D 3 -4.60 10.65 -22.32
CA ASN D 3 -3.69 9.51 -21.99
C ASN D 3 -4.19 8.14 -22.43
N GLN D 4 -3.95 7.81 -23.70
CA GLN D 4 -4.39 6.52 -24.20
C GLN D 4 -3.27 5.75 -24.89
N LEU D 5 -2.05 6.26 -24.80
CA LEU D 5 -0.90 5.59 -25.43
C LEU D 5 -0.76 4.15 -24.99
N PHE D 6 -0.69 3.94 -23.69
CA PHE D 6 -0.52 2.60 -23.13
C PHE D 6 -1.83 1.88 -22.85
N ASP D 7 -2.94 2.52 -23.18
CA ASP D 7 -4.21 1.93 -22.89
C ASP D 7 -4.60 0.67 -23.66
N ALA D 8 -4.10 0.54 -24.88
CA ALA D 8 -4.40 -0.65 -25.68
C ALA D 8 -3.59 -1.82 -25.15
N TYR D 9 -2.40 -1.50 -24.64
CA TYR D 9 -1.48 -2.48 -24.08
C TYR D 9 -1.87 -2.93 -22.68
N PHE D 10 -2.37 -2.02 -21.85
CA PHE D 10 -2.75 -2.35 -20.47
C PHE D 10 -4.23 -2.66 -20.17
N THR D 11 -5.13 -2.23 -21.05
CA THR D 11 -6.56 -2.44 -20.81
C THR D 11 -7.22 -3.22 -21.94
N ALA D 12 -8.26 -3.98 -21.61
CA ALA D 12 -9.00 -4.74 -22.60
C ALA D 12 -10.06 -3.77 -23.13
N PRO D 13 -10.08 -3.53 -24.46
CA PRO D 13 -11.03 -2.61 -25.10
C PRO D 13 -12.47 -2.65 -24.62
N ALA D 14 -13.00 -3.85 -24.40
CA ALA D 14 -14.37 -4.00 -23.94
C ALA D 14 -14.54 -3.39 -22.55
N MET D 15 -13.53 -3.58 -21.70
CA MET D 15 -13.55 -3.07 -20.34
C MET D 15 -13.44 -1.53 -20.33
N ARG D 16 -12.59 -0.98 -21.19
CA ARG D 16 -12.45 0.47 -21.24
C ARG D 16 -13.79 1.10 -21.65
N GLU D 17 -14.55 0.41 -22.49
CA GLU D 17 -15.83 0.92 -22.95
C GLU D 17 -16.77 1.08 -21.74
N ILE D 18 -16.78 0.08 -20.87
CA ILE D 18 -17.61 0.13 -19.69
C ILE D 18 -17.17 1.29 -18.80
N PHE D 19 -15.86 1.45 -18.62
CA PHE D 19 -15.37 2.51 -17.76
C PHE D 19 -14.85 3.68 -18.56
N SER D 20 -15.79 4.35 -19.19
CA SER D 20 -15.54 5.53 -20.01
C SER D 20 -16.54 6.53 -19.51
N ASP D 21 -16.43 7.78 -19.95
CA ASP D 21 -17.39 8.77 -19.51
C ASP D 21 -18.79 8.34 -19.91
N ARG D 22 -18.91 7.86 -21.14
CA ARG D 22 -20.19 7.42 -21.66
C ARG D 22 -20.80 6.35 -20.76
N GLY D 23 -19.98 5.38 -20.37
CA GLY D 23 -20.46 4.31 -19.51
C GLY D 23 -20.89 4.79 -18.14
N ARG D 24 -20.13 5.72 -17.61
CA ARG D 24 -20.42 6.29 -16.29
C ARG D 24 -21.76 7.03 -16.35
N LEU D 25 -21.89 7.92 -17.33
CA LEU D 25 -23.11 8.70 -17.54
C LEU D 25 -24.30 7.76 -17.73
N GLN D 26 -24.17 6.81 -18.65
CA GLN D 26 -25.29 5.91 -18.91
C GLN D 26 -25.78 5.20 -17.67
N GLY D 27 -24.85 4.77 -16.83
CA GLY D 27 -25.26 4.08 -15.61
C GLY D 27 -26.22 4.93 -14.79
N MET D 28 -25.87 6.19 -14.58
CA MET D 28 -26.71 7.09 -13.81
C MET D 28 -28.04 7.39 -14.51
N LEU D 29 -27.99 7.62 -15.81
CA LEU D 29 -29.21 7.89 -16.56
C LEU D 29 -30.12 6.68 -16.46
N ASP D 30 -29.54 5.48 -16.56
CA ASP D 30 -30.33 4.24 -16.46
C ASP D 30 -31.08 4.25 -15.13
N PHE D 31 -30.41 4.75 -14.10
CA PHE D 31 -31.01 4.83 -12.78
C PHE D 31 -32.19 5.80 -12.80
N GLU D 32 -31.97 6.99 -13.36
CA GLU D 32 -33.02 8.02 -13.45
C GLU D 32 -34.28 7.53 -14.17
N ALA D 33 -34.08 6.93 -15.35
CA ALA D 33 -35.20 6.40 -16.11
C ALA D 33 -35.91 5.37 -15.26
N ALA D 34 -35.17 4.40 -14.75
CA ALA D 34 -35.77 3.36 -13.91
C ALA D 34 -36.55 3.95 -12.72
N LEU D 35 -36.04 5.07 -12.17
CA LEU D 35 -36.67 5.73 -11.01
C LEU D 35 -38.07 6.21 -11.38
N ALA D 36 -38.15 7.00 -12.45
CA ALA D 36 -39.42 7.53 -12.93
C ALA D 36 -40.43 6.38 -13.14
N ARG D 37 -39.97 5.35 -13.84
CA ARG D 37 -40.77 4.18 -14.13
C ARG D 37 -41.33 3.56 -12.85
N ALA D 38 -40.46 3.37 -11.86
CA ALA D 38 -40.87 2.75 -10.61
C ALA D 38 -41.80 3.61 -9.78
N GLU D 39 -41.60 4.92 -9.82
CA GLU D 39 -42.44 5.80 -9.04
C GLU D 39 -43.80 6.02 -9.71
N ALA D 40 -43.82 5.88 -11.04
CA ALA D 40 -45.05 6.04 -11.78
C ALA D 40 -46.02 4.93 -11.36
N SER D 41 -45.50 3.71 -11.31
CA SER D 41 -46.29 2.55 -10.92
C SER D 41 -46.67 2.57 -9.44
N ALA D 42 -46.29 3.63 -8.74
CA ALA D 42 -46.60 3.76 -7.32
C ALA D 42 -47.54 4.96 -7.17
N GLY D 43 -47.80 5.59 -8.32
CA GLY D 43 -48.69 6.74 -8.35
C GLY D 43 -48.04 8.05 -7.93
N LEU D 44 -46.75 8.20 -8.21
CA LEU D 44 -46.05 9.42 -7.84
C LEU D 44 -45.68 10.25 -9.05
N VAL D 45 -45.71 9.63 -10.22
CA VAL D 45 -45.35 10.33 -11.45
C VAL D 45 -46.26 9.96 -12.63
N PRO D 46 -46.74 10.99 -13.37
CA PRO D 46 -47.62 10.78 -14.52
C PRO D 46 -46.89 10.03 -15.63
N HIS D 47 -47.50 8.92 -16.07
CA HIS D 47 -46.92 8.09 -17.13
C HIS D 47 -46.42 8.87 -18.35
N SER D 48 -46.97 10.06 -18.57
CA SER D 48 -46.56 10.87 -19.70
C SER D 48 -45.15 11.40 -19.48
N ALA D 49 -44.79 11.61 -18.21
CA ALA D 49 -43.47 12.11 -17.84
C ALA D 49 -42.43 10.99 -17.98
N VAL D 50 -42.83 9.77 -17.61
CA VAL D 50 -41.96 8.61 -17.69
C VAL D 50 -41.38 8.50 -19.09
N ALA D 51 -42.23 8.69 -20.09
CA ALA D 51 -41.80 8.62 -21.47
C ALA D 51 -40.83 9.76 -21.82
N ALA D 52 -41.12 10.95 -21.31
CA ALA D 52 -40.27 12.12 -21.57
C ALA D 52 -38.87 11.91 -21.02
N ILE D 53 -38.81 11.46 -19.77
CA ILE D 53 -37.54 11.19 -19.10
C ILE D 53 -36.71 10.13 -19.82
N GLU D 54 -37.29 8.96 -20.08
CA GLU D 54 -36.56 7.89 -20.77
C GLU D 54 -35.95 8.36 -22.08
N ALA D 55 -36.62 9.27 -22.76
CA ALA D 55 -36.15 9.79 -24.03
C ALA D 55 -34.87 10.60 -23.85
N ALA D 56 -34.70 11.18 -22.67
CA ALA D 56 -33.53 12.00 -22.39
C ALA D 56 -32.42 11.24 -21.65
N CYS D 57 -32.70 10.00 -21.26
CA CYS D 57 -31.71 9.19 -20.55
C CYS D 57 -30.77 8.43 -21.49
N GLN D 58 -30.10 9.17 -22.37
CA GLN D 58 -29.15 8.60 -23.31
C GLN D 58 -27.86 9.45 -23.19
N ALA D 59 -26.76 8.80 -22.83
CA ALA D 59 -25.47 9.48 -22.64
C ALA D 59 -25.05 10.38 -23.78
N GLU D 60 -25.31 9.94 -25.01
CA GLU D 60 -24.96 10.68 -26.21
C GLU D 60 -25.45 12.13 -26.20
N ARG D 61 -26.60 12.36 -25.59
CA ARG D 61 -27.20 13.70 -25.56
C ARG D 61 -26.53 14.72 -24.66
N TYR D 62 -25.48 14.31 -23.94
CA TYR D 62 -24.82 15.24 -23.01
C TYR D 62 -23.38 15.61 -23.31
N ASP D 63 -22.96 16.76 -22.81
CA ASP D 63 -21.62 17.23 -23.05
C ASP D 63 -20.69 17.05 -21.84
N THR D 64 -19.81 16.07 -21.95
CA THR D 64 -18.86 15.73 -20.92
C THR D 64 -18.03 16.93 -20.51
N GLY D 65 -17.42 17.59 -21.49
CA GLY D 65 -16.61 18.76 -21.17
C GLY D 65 -17.32 19.73 -20.22
N ALA D 66 -18.56 20.07 -20.56
CA ALA D 66 -19.37 20.98 -19.75
C ALA D 66 -19.66 20.41 -18.36
N LEU D 67 -20.06 19.15 -18.30
CA LEU D 67 -20.36 18.50 -17.03
C LEU D 67 -19.11 18.48 -16.13
N ALA D 68 -17.96 18.21 -16.73
CA ALA D 68 -16.71 18.17 -16.00
C ALA D 68 -16.48 19.44 -15.19
N ASN D 69 -16.64 20.59 -15.84
CA ASN D 69 -16.42 21.88 -15.19
C ASN D 69 -17.43 22.12 -14.08
N ALA D 70 -18.64 21.62 -14.29
CA ALA D 70 -19.69 21.80 -13.30
C ALA D 70 -19.42 20.94 -12.07
N ILE D 71 -18.92 19.74 -12.30
CA ILE D 71 -18.61 18.82 -11.20
C ILE D 71 -17.59 19.46 -10.27
N ALA D 72 -16.63 20.17 -10.86
CA ALA D 72 -15.58 20.83 -10.10
C ALA D 72 -16.15 21.81 -9.07
N THR D 73 -17.39 22.19 -9.27
CA THR D 73 -18.06 23.14 -8.38
C THR D 73 -19.13 22.47 -7.53
N ALA D 74 -19.70 21.38 -8.07
CA ALA D 74 -20.75 20.65 -7.39
C ALA D 74 -20.26 19.72 -6.31
N GLY D 75 -19.14 19.06 -6.55
CA GLY D 75 -18.62 18.14 -5.55
C GLY D 75 -18.92 16.69 -5.89
N ASN D 76 -19.74 16.48 -6.92
CA ASN D 76 -20.07 15.15 -7.37
C ASN D 76 -20.56 15.19 -8.80
N SER D 77 -20.92 14.03 -9.35
CA SER D 77 -21.38 13.97 -10.73
C SER D 77 -22.89 13.99 -10.89
N ALA D 78 -23.62 13.48 -9.90
CA ALA D 78 -25.07 13.42 -9.97
C ALA D 78 -25.77 14.76 -10.18
N ILE D 79 -25.52 15.73 -9.31
CA ILE D 79 -26.24 17.00 -9.48
C ILE D 79 -26.04 17.72 -10.83
N PRO D 80 -24.80 17.76 -11.36
CA PRO D 80 -24.71 18.45 -12.65
C PRO D 80 -25.40 17.67 -13.76
N LEU D 81 -25.40 16.36 -13.63
CA LEU D 81 -26.05 15.52 -14.65
C LEU D 81 -27.55 15.71 -14.57
N VAL D 82 -28.09 15.60 -13.35
CA VAL D 82 -29.53 15.74 -13.13
C VAL D 82 -30.00 17.09 -13.64
N LYS D 83 -29.25 18.15 -13.36
CA LYS D 83 -29.62 19.48 -13.83
C LYS D 83 -29.65 19.49 -15.37
N ALA D 84 -28.62 18.94 -15.99
CA ALA D 84 -28.55 18.89 -17.44
C ALA D 84 -29.69 18.05 -18.01
N LEU D 85 -30.05 16.98 -17.29
CA LEU D 85 -31.12 16.11 -17.74
C LEU D 85 -32.42 16.93 -17.72
N GLY D 86 -32.64 17.67 -16.63
CA GLY D 86 -33.83 18.48 -16.51
C GLY D 86 -33.98 19.48 -17.64
N LYS D 87 -32.87 20.14 -18.00
CA LYS D 87 -32.89 21.13 -19.08
C LYS D 87 -33.15 20.52 -20.45
N VAL D 88 -33.00 19.21 -20.57
CA VAL D 88 -33.23 18.52 -21.83
C VAL D 88 -34.69 18.11 -21.90
N ILE D 89 -35.23 17.70 -20.76
CA ILE D 89 -36.62 17.30 -20.68
C ILE D 89 -37.53 18.53 -20.79
N ALA D 90 -37.01 19.70 -20.44
CA ALA D 90 -37.77 20.94 -20.50
C ALA D 90 -38.08 21.35 -21.94
N THR D 91 -37.13 21.10 -22.83
CA THR D 91 -37.29 21.42 -24.24
C THR D 91 -38.57 20.82 -24.84
N GLY D 92 -38.84 19.57 -24.48
CA GLY D 92 -40.03 18.91 -25.00
C GLY D 92 -41.24 18.96 -24.09
N VAL D 93 -41.17 18.25 -22.97
CA VAL D 93 -42.27 18.21 -22.00
C VAL D 93 -41.88 18.96 -20.72
N PRO D 94 -41.94 20.31 -20.76
CA PRO D 94 -41.60 21.21 -19.65
C PRO D 94 -42.15 20.83 -18.27
N GLU D 95 -43.37 20.31 -18.23
CA GLU D 95 -43.98 19.94 -16.96
C GLU D 95 -43.58 18.55 -16.46
N ALA D 96 -42.64 17.92 -17.16
CA ALA D 96 -42.15 16.61 -16.77
C ALA D 96 -40.89 16.82 -15.92
N GLU D 97 -40.23 17.95 -16.14
CA GLU D 97 -39.01 18.32 -15.43
C GLU D 97 -39.04 18.17 -13.91
N ARG D 98 -40.18 18.43 -13.29
CA ARG D 98 -40.29 18.36 -11.83
C ARG D 98 -40.32 16.95 -11.24
N TYR D 99 -40.33 15.93 -12.09
CA TYR D 99 -40.38 14.55 -11.61
C TYR D 99 -39.06 13.78 -11.65
N VAL D 100 -38.08 14.34 -12.36
CA VAL D 100 -36.79 13.67 -12.47
C VAL D 100 -36.05 13.67 -11.14
N HIS D 101 -35.43 12.53 -10.83
CA HIS D 101 -34.62 12.38 -9.62
C HIS D 101 -35.44 12.62 -8.35
N LEU D 102 -36.72 12.30 -8.39
CA LEU D 102 -37.61 12.51 -7.25
C LEU D 102 -37.38 11.60 -6.04
N GLY D 103 -37.08 12.22 -4.90
CA GLY D 103 -36.86 11.48 -3.66
C GLY D 103 -35.51 10.81 -3.51
N ALA D 104 -34.64 10.97 -4.50
CA ALA D 104 -33.32 10.36 -4.47
C ALA D 104 -32.21 11.36 -4.21
N THR D 105 -31.10 10.88 -3.65
CA THR D 105 -29.97 11.72 -3.36
C THR D 105 -28.91 11.43 -4.42
N SER D 106 -27.93 12.31 -4.56
CA SER D 106 -26.86 12.13 -5.55
C SER D 106 -26.17 10.77 -5.48
N GLN D 107 -25.78 10.35 -4.29
CA GLN D 107 -25.09 9.06 -4.14
C GLN D 107 -25.94 7.87 -4.62
N ASP D 108 -27.27 7.99 -4.51
CA ASP D 108 -28.14 6.90 -4.95
C ASP D 108 -27.91 6.66 -6.43
N ALA D 109 -27.85 7.75 -7.20
CA ALA D 109 -27.64 7.64 -8.64
C ALA D 109 -26.23 7.18 -8.98
N MET D 110 -25.26 7.73 -8.27
CA MET D 110 -23.86 7.40 -8.48
C MET D 110 -23.50 5.93 -8.12
N ASP D 111 -23.84 5.49 -6.92
CA ASP D 111 -23.53 4.13 -6.53
C ASP D 111 -24.30 3.11 -7.37
N THR D 112 -25.57 3.36 -7.61
CA THR D 112 -26.34 2.41 -8.41
C THR D 112 -25.80 2.37 -9.82
N GLY D 113 -25.47 3.54 -10.37
CA GLY D 113 -24.92 3.59 -11.71
C GLY D 113 -23.65 2.76 -11.78
N LEU D 114 -22.84 2.87 -10.73
CA LEU D 114 -21.57 2.14 -10.60
C LEU D 114 -21.87 0.64 -10.57
N VAL D 115 -22.81 0.24 -9.71
CA VAL D 115 -23.17 -1.16 -9.61
C VAL D 115 -23.57 -1.70 -10.97
N LEU D 116 -24.25 -0.88 -11.75
CA LEU D 116 -24.64 -1.35 -13.09
C LEU D 116 -23.37 -1.59 -13.91
N GLN D 117 -22.41 -0.67 -13.83
CA GLN D 117 -21.16 -0.83 -14.57
C GLN D 117 -20.42 -2.04 -14.06
N LEU D 118 -20.45 -2.22 -12.74
CA LEU D 118 -19.76 -3.36 -12.15
C LEU D 118 -20.36 -4.67 -12.64
N ARG D 119 -21.67 -4.70 -12.83
CA ARG D 119 -22.28 -5.93 -13.30
C ARG D 119 -21.79 -6.25 -14.71
N ASP D 120 -21.74 -5.25 -15.59
CA ASP D 120 -21.25 -5.49 -16.94
C ASP D 120 -19.82 -5.97 -16.88
N ALA D 121 -19.05 -5.40 -15.94
CA ALA D 121 -17.66 -5.77 -15.76
C ALA D 121 -17.54 -7.20 -15.24
N LEU D 122 -18.34 -7.53 -14.23
CA LEU D 122 -18.31 -8.86 -13.65
C LEU D 122 -18.54 -9.88 -14.75
N ASP D 123 -19.50 -9.57 -15.62
CA ASP D 123 -19.85 -10.45 -16.74
C ASP D 123 -18.68 -10.69 -17.69
N LEU D 124 -17.90 -9.65 -17.98
CA LEU D 124 -16.74 -9.81 -18.87
C LEU D 124 -15.69 -10.70 -18.21
N ILE D 125 -15.37 -10.36 -16.96
CA ILE D 125 -14.39 -11.06 -16.17
C ILE D 125 -14.71 -12.53 -16.05
N GLU D 126 -15.97 -12.86 -15.81
CA GLU D 126 -16.35 -14.28 -15.69
C GLU D 126 -16.16 -14.99 -17.02
N ALA D 127 -16.49 -14.33 -18.12
CA ALA D 127 -16.34 -14.92 -19.45
C ALA D 127 -14.87 -15.23 -19.69
N ASP D 128 -14.04 -14.20 -19.63
CA ASP D 128 -12.61 -14.34 -19.83
C ASP D 128 -11.99 -15.39 -18.90
N LEU D 129 -12.37 -15.40 -17.63
CA LEU D 129 -11.83 -16.40 -16.71
C LEU D 129 -12.16 -17.79 -17.18
N GLY D 130 -13.44 -18.02 -17.52
CA GLY D 130 -13.87 -19.33 -17.98
C GLY D 130 -13.12 -19.72 -19.25
N LYS D 131 -12.99 -18.78 -20.16
CA LYS D 131 -12.28 -19.04 -21.40
C LYS D 131 -10.83 -19.44 -21.07
N LEU D 132 -10.15 -18.59 -20.30
CA LEU D 132 -8.77 -18.86 -19.89
C LEU D 132 -8.61 -20.18 -19.16
N ALA D 133 -9.53 -20.50 -18.26
CA ALA D 133 -9.46 -21.76 -17.53
C ALA D 133 -9.59 -22.95 -18.47
N ASP D 134 -10.44 -22.82 -19.48
CA ASP D 134 -10.63 -23.89 -20.45
C ASP D 134 -9.33 -24.20 -21.18
N THR D 135 -8.77 -23.17 -21.81
CA THR D 135 -7.54 -23.35 -22.57
C THR D 135 -6.39 -23.79 -21.68
N LEU D 136 -6.38 -23.33 -20.45
CA LEU D 136 -5.33 -23.68 -19.50
C LEU D 136 -5.48 -25.14 -19.14
N SER D 137 -6.73 -25.58 -19.09
CA SER D 137 -7.08 -26.96 -18.78
C SER D 137 -6.53 -27.92 -19.83
N GLN D 138 -6.67 -27.55 -21.10
CA GLN D 138 -6.19 -28.38 -22.20
C GLN D 138 -4.66 -28.50 -22.20
N GLN D 139 -3.99 -27.36 -22.07
CA GLN D 139 -2.54 -27.33 -22.02
C GLN D 139 -2.04 -28.18 -20.85
N ALA D 140 -2.71 -28.10 -19.71
CA ALA D 140 -2.33 -28.89 -18.55
C ALA D 140 -2.34 -30.37 -18.94
N LEU D 141 -3.44 -30.81 -19.52
CA LEU D 141 -3.55 -32.20 -19.95
C LEU D 141 -2.51 -32.54 -21.00
N LYS D 142 -2.41 -31.69 -22.03
CA LYS D 142 -1.46 -31.90 -23.11
C LYS D 142 -0.05 -32.13 -22.61
N HIS D 143 0.37 -31.38 -21.59
CA HIS D 143 1.73 -31.54 -21.06
C HIS D 143 1.74 -32.17 -19.67
N ALA D 144 0.71 -32.93 -19.34
CA ALA D 144 0.62 -33.57 -18.03
C ALA D 144 1.86 -34.37 -17.67
N ASP D 145 2.61 -34.81 -18.66
CA ASP D 145 3.79 -35.59 -18.33
C ASP D 145 5.07 -35.25 -19.07
N THR D 146 5.17 -34.02 -19.59
CA THR D 146 6.42 -33.63 -20.21
C THR D 146 7.24 -33.14 -19.01
N PRO D 147 8.35 -33.81 -18.70
CA PRO D 147 9.19 -33.43 -17.57
C PRO D 147 10.11 -32.23 -17.70
N LEU D 148 10.19 -31.46 -16.61
CA LEU D 148 11.05 -30.29 -16.54
C LEU D 148 11.59 -30.33 -15.10
N VAL D 149 12.75 -29.73 -14.86
CA VAL D 149 13.33 -29.74 -13.51
C VAL D 149 12.54 -28.86 -12.54
N GLY D 150 12.52 -29.24 -11.27
CA GLY D 150 11.80 -28.44 -10.29
C GLY D 150 12.71 -27.30 -9.86
N ARG D 151 12.15 -26.12 -9.62
CA ARG D 151 12.97 -25.00 -9.20
C ARG D 151 12.48 -24.44 -7.87
N THR D 152 13.38 -24.54 -6.90
CA THR D 152 13.17 -24.13 -5.52
C THR D 152 14.17 -23.02 -5.17
N TRP D 153 13.69 -21.86 -4.75
CA TRP D 153 14.59 -20.74 -4.44
C TRP D 153 15.48 -20.53 -5.67
N LEU D 154 14.91 -20.74 -6.86
CA LEU D 154 15.62 -20.61 -8.12
C LEU D 154 16.75 -21.64 -8.29
N GLN D 155 16.74 -22.68 -7.46
CA GLN D 155 17.72 -23.76 -7.53
C GLN D 155 17.04 -25.03 -8.08
N HIS D 156 17.81 -25.89 -8.73
CA HIS D 156 17.25 -27.12 -9.27
C HIS D 156 16.82 -28.06 -8.14
N ALA D 157 15.68 -28.70 -8.33
CA ALA D 157 15.11 -29.61 -7.34
C ALA D 157 14.54 -30.80 -8.12
N THR D 158 13.97 -31.75 -7.39
CA THR D 158 13.39 -32.94 -8.02
C THR D 158 12.43 -32.56 -9.12
N PRO D 159 12.30 -33.42 -10.12
CA PRO D 159 11.45 -33.25 -11.29
C PRO D 159 10.02 -32.84 -11.00
N VAL D 160 9.45 -32.20 -12.01
CA VAL D 160 8.11 -31.68 -12.00
C VAL D 160 7.64 -31.82 -13.47
N THR D 161 6.38 -31.54 -13.76
CA THR D 161 5.88 -31.67 -15.11
C THR D 161 5.35 -30.30 -15.54
N LEU D 162 5.36 -29.98 -16.84
CA LEU D 162 4.85 -28.66 -17.23
C LEU D 162 3.35 -28.58 -16.93
N GLY D 163 2.65 -29.70 -17.12
CA GLY D 163 1.23 -29.75 -16.86
C GLY D 163 0.92 -29.48 -15.40
N MET D 164 1.80 -29.97 -14.52
CA MET D 164 1.63 -29.77 -13.09
C MET D 164 1.63 -28.28 -12.81
N LYS D 165 2.61 -27.58 -13.39
CA LYS D 165 2.71 -26.14 -13.18
C LYS D 165 1.46 -25.45 -13.68
N LEU D 166 1.06 -25.68 -14.93
CA LEU D 166 -0.14 -25.06 -15.46
C LEU D 166 -1.38 -25.44 -14.65
N ALA D 167 -1.38 -26.63 -14.07
CA ALA D 167 -2.53 -27.09 -13.28
C ALA D 167 -2.72 -26.20 -12.04
N GLY D 168 -1.61 -25.75 -11.45
CA GLY D 168 -1.70 -24.88 -10.30
C GLY D 168 -2.36 -23.55 -10.64
N VAL D 169 -2.08 -23.00 -11.82
CA VAL D 169 -2.69 -21.76 -12.21
C VAL D 169 -4.17 -22.04 -12.42
N LEU D 170 -4.48 -23.17 -13.04
CA LEU D 170 -5.87 -23.57 -13.25
C LEU D 170 -6.59 -23.64 -11.91
N GLY D 171 -5.98 -24.33 -10.94
CA GLY D 171 -6.59 -24.42 -9.63
C GLY D 171 -6.97 -23.06 -9.06
N ALA D 172 -6.02 -22.13 -9.06
CA ALA D 172 -6.26 -20.80 -8.53
C ALA D 172 -7.42 -20.14 -9.27
N LEU D 173 -7.40 -20.21 -10.60
CA LEU D 173 -8.47 -19.58 -11.39
C LEU D 173 -9.86 -20.14 -11.05
N THR D 174 -9.93 -21.45 -10.81
CA THR D 174 -11.20 -22.08 -10.45
C THR D 174 -11.72 -21.49 -9.13
N ARG D 175 -10.82 -21.35 -8.15
CA ARG D 175 -11.19 -20.79 -6.87
C ARG D 175 -11.67 -19.35 -7.01
N HIS D 176 -11.16 -18.62 -8.00
CA HIS D 176 -11.60 -17.24 -8.17
C HIS D 176 -12.96 -17.17 -8.80
N ARG D 177 -13.24 -18.13 -9.69
CA ARG D 177 -14.53 -18.17 -10.36
C ARG D 177 -15.58 -18.42 -9.30
N GLN D 178 -15.20 -19.29 -8.37
CA GLN D 178 -16.02 -19.69 -7.23
C GLN D 178 -16.30 -18.47 -6.37
N ARG D 179 -15.26 -17.70 -6.06
CA ARG D 179 -15.38 -16.50 -5.23
C ARG D 179 -16.27 -15.45 -5.90
N LEU D 180 -16.07 -15.25 -7.19
CA LEU D 180 -16.86 -14.29 -7.98
C LEU D 180 -18.35 -14.68 -7.94
N GLN D 181 -18.59 -15.97 -7.91
CA GLN D 181 -19.95 -16.49 -7.88
C GLN D 181 -20.58 -16.21 -6.53
N GLU D 182 -19.81 -16.42 -5.46
CA GLU D 182 -20.34 -16.22 -4.12
C GLU D 182 -20.62 -14.77 -3.77
N LEU D 183 -19.89 -13.84 -4.38
CA LEU D 183 -20.10 -12.43 -4.06
C LEU D 183 -21.14 -11.76 -4.97
N ARG D 184 -21.49 -12.42 -6.06
CA ARG D 184 -22.45 -11.85 -6.99
C ARG D 184 -23.75 -11.34 -6.32
N PRO D 185 -24.43 -12.20 -5.54
CA PRO D 185 -25.68 -11.80 -4.87
C PRO D 185 -25.49 -10.68 -3.85
N ARG D 186 -24.27 -10.57 -3.35
CA ARG D 186 -23.91 -9.58 -2.34
C ARG D 186 -23.61 -8.23 -2.99
N LEU D 187 -22.90 -8.26 -4.11
CA LEU D 187 -22.49 -7.05 -4.81
C LEU D 187 -23.57 -6.33 -5.62
N LEU D 188 -24.34 -7.09 -6.38
CA LEU D 188 -25.38 -6.52 -7.23
C LEU D 188 -26.64 -6.11 -6.47
N VAL D 189 -26.50 -5.06 -5.66
CA VAL D 189 -27.62 -4.55 -4.88
C VAL D 189 -27.88 -3.10 -5.26
N LEU D 190 -29.11 -2.65 -5.00
CA LEU D 190 -29.51 -1.29 -5.31
C LEU D 190 -29.08 -0.33 -4.20
N GLN D 191 -28.82 0.92 -4.57
CA GLN D 191 -28.45 1.95 -3.60
C GLN D 191 -29.54 3.00 -3.68
N PHE D 192 -30.48 2.93 -2.74
CA PHE D 192 -31.61 3.87 -2.73
C PHE D 192 -31.93 4.22 -1.28
N GLY D 193 -31.45 5.37 -0.84
CA GLY D 193 -31.69 5.76 0.54
C GLY D 193 -32.04 7.21 0.70
N GLY D 194 -31.82 8.01 -0.34
CA GLY D 194 -32.14 9.42 -0.24
C GLY D 194 -31.21 10.19 0.71
N ALA D 195 -31.39 11.50 0.75
CA ALA D 195 -30.58 12.42 1.56
C ALA D 195 -29.80 11.85 2.72
N SER D 196 -30.46 11.12 3.62
CA SER D 196 -29.75 10.56 4.76
C SER D 196 -30.02 9.07 4.93
N GLY D 197 -30.48 8.43 3.86
CA GLY D 197 -30.76 7.01 3.92
C GLY D 197 -32.05 6.62 4.62
N SER D 198 -32.90 7.59 4.92
CA SER D 198 -34.16 7.31 5.61
C SER D 198 -35.29 7.15 4.59
N LEU D 199 -35.07 7.69 3.40
CA LEU D 199 -36.06 7.63 2.33
C LEU D 199 -37.37 8.31 2.79
N ALA D 200 -37.27 9.17 3.79
CA ALA D 200 -38.43 9.87 4.32
C ALA D 200 -39.22 10.68 3.28
N ALA D 201 -38.53 11.28 2.32
CA ALA D 201 -39.19 12.08 1.29
C ALA D 201 -40.28 11.35 0.50
N LEU D 202 -40.23 10.02 0.51
CA LEU D 202 -41.23 9.24 -0.20
C LEU D 202 -42.35 8.82 0.73
N GLY D 203 -42.22 9.15 2.00
CA GLY D 203 -43.26 8.77 2.93
C GLY D 203 -43.52 7.27 2.89
N SER D 204 -44.79 6.88 2.88
CA SER D 204 -45.19 5.48 2.87
C SER D 204 -45.04 4.76 1.53
N LYS D 205 -44.67 5.50 0.48
CA LYS D 205 -44.46 4.91 -0.84
C LYS D 205 -43.00 4.48 -1.00
N ALA D 206 -42.22 4.62 0.07
CA ALA D 206 -40.80 4.29 0.09
C ALA D 206 -40.47 2.85 -0.37
N MET D 207 -40.90 1.86 0.42
CA MET D 207 -40.63 0.47 0.08
C MET D 207 -41.21 0.06 -1.27
N PRO D 208 -42.44 0.49 -1.56
CA PRO D 208 -43.01 0.11 -2.86
C PRO D 208 -42.16 0.62 -4.00
N VAL D 209 -41.73 1.88 -3.90
CA VAL D 209 -40.91 2.45 -4.96
C VAL D 209 -39.57 1.73 -5.01
N ALA D 210 -39.02 1.44 -3.84
CA ALA D 210 -37.75 0.73 -3.71
C ALA D 210 -37.74 -0.62 -4.42
N GLU D 211 -38.72 -1.46 -4.10
CA GLU D 211 -38.82 -2.78 -4.70
C GLU D 211 -39.06 -2.68 -6.21
N ALA D 212 -39.93 -1.77 -6.61
CA ALA D 212 -40.20 -1.58 -8.03
C ALA D 212 -38.89 -1.22 -8.73
N LEU D 213 -38.15 -0.28 -8.14
CA LEU D 213 -36.88 0.19 -8.70
C LEU D 213 -35.84 -0.93 -8.85
N ALA D 214 -35.70 -1.75 -7.81
CA ALA D 214 -34.76 -2.85 -7.81
C ALA D 214 -35.08 -3.79 -8.97
N GLU D 215 -36.34 -4.21 -9.01
CA GLU D 215 -36.84 -5.11 -10.05
C GLU D 215 -36.61 -4.54 -11.46
N GLN D 216 -36.83 -3.24 -11.60
CA GLN D 216 -36.64 -2.55 -12.87
C GLN D 216 -35.22 -2.70 -13.40
N LEU D 217 -34.26 -2.57 -12.49
CA LEU D 217 -32.85 -2.66 -12.83
C LEU D 217 -32.30 -4.07 -12.70
N LYS D 218 -33.14 -5.00 -12.28
CA LYS D 218 -32.70 -6.37 -12.11
C LYS D 218 -31.59 -6.45 -11.07
N LEU D 219 -31.78 -5.71 -9.98
CA LEU D 219 -30.84 -5.69 -8.89
C LEU D 219 -31.57 -6.09 -7.63
N THR D 220 -30.86 -6.68 -6.68
CA THR D 220 -31.48 -7.06 -5.43
C THR D 220 -31.65 -5.82 -4.55
N LEU D 221 -32.59 -5.87 -3.63
CA LEU D 221 -32.83 -4.80 -2.69
C LEU D 221 -32.07 -5.22 -1.43
N PRO D 222 -31.11 -4.40 -0.97
CA PRO D 222 -30.33 -4.74 0.24
C PRO D 222 -31.16 -4.58 1.52
N GLU D 223 -30.71 -5.15 2.62
CA GLU D 223 -31.45 -5.04 3.86
C GLU D 223 -31.65 -3.56 4.21
N GLN D 224 -30.69 -2.72 3.81
CA GLN D 224 -30.74 -1.28 4.07
C GLN D 224 -29.79 -0.56 3.13
N PRO D 225 -29.94 0.77 2.99
CA PRO D 225 -29.04 1.54 2.12
C PRO D 225 -27.61 1.41 2.66
N TRP D 226 -26.62 1.60 1.81
CA TRP D 226 -25.22 1.49 2.27
C TRP D 226 -24.31 2.64 1.84
N HIS D 227 -24.78 3.88 2.01
CA HIS D 227 -23.98 5.04 1.64
C HIS D 227 -22.58 5.07 2.25
N THR D 228 -22.44 4.62 3.50
CA THR D 228 -21.14 4.64 4.14
C THR D 228 -20.67 3.25 4.66
N GLN D 229 -21.25 2.20 4.11
CA GLN D 229 -20.87 0.82 4.42
C GLN D 229 -20.42 0.31 3.05
N ARG D 230 -19.12 0.43 2.76
CA ARG D 230 -18.59 0.06 1.45
C ARG D 230 -17.95 -1.33 1.27
N ASP D 231 -18.14 -2.23 2.23
CA ASP D 231 -17.53 -3.54 2.11
C ASP D 231 -17.81 -4.27 0.80
N ARG D 232 -19.02 -4.10 0.25
CA ARG D 232 -19.37 -4.76 -1.00
C ARG D 232 -18.40 -4.39 -2.13
N LEU D 233 -18.08 -3.11 -2.28
CA LEU D 233 -17.17 -2.68 -3.34
C LEU D 233 -15.72 -3.12 -3.08
N VAL D 234 -15.31 -3.05 -1.81
CA VAL D 234 -13.96 -3.44 -1.46
C VAL D 234 -13.76 -4.94 -1.63
N GLU D 235 -14.79 -5.74 -1.35
CA GLU D 235 -14.65 -7.18 -1.55
C GLU D 235 -14.44 -7.52 -3.03
N PHE D 236 -15.23 -6.88 -3.89
CA PHE D 236 -15.11 -7.12 -5.33
C PHE D 236 -13.70 -6.76 -5.81
N ALA D 237 -13.19 -5.63 -5.33
CA ALA D 237 -11.85 -5.18 -5.71
C ALA D 237 -10.81 -6.16 -5.21
N SER D 238 -11.10 -6.73 -4.04
CA SER D 238 -10.20 -7.68 -3.43
C SER D 238 -10.06 -8.97 -4.23
N VAL D 239 -11.16 -9.48 -4.76
CA VAL D 239 -11.09 -10.71 -5.55
C VAL D 239 -10.33 -10.41 -6.84
N LEU D 240 -10.58 -9.24 -7.41
CA LEU D 240 -9.87 -8.86 -8.63
C LEU D 240 -8.38 -8.81 -8.30
N GLY D 241 -8.09 -8.44 -7.04
CA GLY D 241 -6.72 -8.36 -6.57
C GLY D 241 -6.12 -9.74 -6.60
N LEU D 242 -6.87 -10.71 -6.09
CA LEU D 242 -6.43 -12.10 -6.07
C LEU D 242 -6.13 -12.58 -7.50
N VAL D 243 -6.99 -12.22 -8.45
CA VAL D 243 -6.80 -12.60 -9.84
C VAL D 243 -5.51 -12.00 -10.40
N ALA D 244 -5.28 -10.73 -10.11
CA ALA D 244 -4.06 -10.07 -10.59
C ALA D 244 -2.87 -10.85 -10.07
N GLY D 245 -2.92 -11.16 -8.78
CA GLY D 245 -1.84 -11.88 -8.14
C GLY D 245 -1.53 -13.21 -8.78
N SER D 246 -2.56 -14.02 -9.01
CA SER D 246 -2.34 -15.32 -9.61
C SER D 246 -1.79 -15.21 -11.02
N LEU D 247 -2.36 -14.33 -11.83
CA LEU D 247 -1.86 -14.15 -13.19
C LEU D 247 -0.45 -13.57 -13.14
N GLY D 248 -0.13 -12.89 -12.03
CA GLY D 248 1.20 -12.31 -11.88
C GLY D 248 2.23 -13.40 -11.68
N LYS D 249 1.84 -14.47 -11.01
CA LYS D 249 2.74 -15.61 -10.76
C LYS D 249 2.97 -16.29 -12.10
N PHE D 250 1.90 -16.41 -12.87
CA PHE D 250 1.96 -17.04 -14.19
C PHE D 250 2.90 -16.23 -15.07
N GLY D 251 2.74 -14.91 -15.06
CA GLY D 251 3.59 -14.05 -15.87
C GLY D 251 5.05 -14.16 -15.47
N ARG D 252 5.30 -14.30 -14.17
CA ARG D 252 6.68 -14.41 -13.69
C ARG D 252 7.28 -15.71 -14.20
N ASP D 253 6.56 -16.81 -14.01
CA ASP D 253 7.03 -18.12 -14.45
C ASP D 253 7.39 -18.16 -15.95
N ILE D 254 6.59 -17.51 -16.79
CA ILE D 254 6.88 -17.47 -18.21
C ILE D 254 8.16 -16.71 -18.45
N SER D 255 8.28 -15.54 -17.85
CA SER D 255 9.48 -14.73 -18.06
C SER D 255 10.74 -15.47 -17.64
N LEU D 256 10.65 -16.26 -16.57
CA LEU D 256 11.82 -17.02 -16.11
C LEU D 256 12.12 -18.20 -17.04
N LEU D 257 11.06 -18.78 -17.61
CA LEU D 257 11.23 -19.91 -18.51
C LEU D 257 11.72 -19.43 -19.88
N MET D 258 11.47 -18.15 -20.17
CA MET D 258 11.93 -17.57 -21.43
C MET D 258 13.36 -17.04 -21.33
N GLN D 259 13.96 -17.10 -20.14
CA GLN D 259 15.34 -16.64 -19.94
C GLN D 259 16.24 -17.35 -20.92
N THR D 260 17.27 -16.66 -21.39
CA THR D 260 18.20 -17.25 -22.34
C THR D 260 18.86 -18.50 -21.79
N GLU D 261 19.20 -18.49 -20.51
CA GLU D 261 19.81 -19.68 -19.94
C GLU D 261 18.81 -20.79 -19.60
N ALA D 262 17.53 -20.60 -19.89
CA ALA D 262 16.51 -21.65 -19.63
C ALA D 262 15.89 -22.08 -20.97
N GLY D 263 15.26 -21.13 -21.65
CA GLY D 263 14.64 -21.36 -22.95
C GLY D 263 13.77 -22.58 -23.04
N GLU D 264 12.85 -22.72 -22.10
CA GLU D 264 11.98 -23.88 -22.09
C GLU D 264 10.57 -23.59 -22.59
N VAL D 265 10.04 -22.42 -22.28
CA VAL D 265 8.70 -22.06 -22.71
C VAL D 265 8.79 -20.66 -23.26
N PHE D 266 8.00 -20.36 -24.27
CA PHE D 266 8.04 -19.03 -24.88
C PHE D 266 6.66 -18.47 -25.18
N GLU D 267 6.56 -17.15 -25.15
CA GLU D 267 5.32 -16.48 -25.49
C GLU D 267 5.18 -16.63 -27.00
N PRO D 268 3.95 -16.57 -27.51
CA PRO D 268 3.72 -16.70 -28.95
C PRO D 268 4.44 -15.66 -29.77
N SER D 269 4.36 -15.84 -31.09
CA SER D 269 4.92 -14.97 -32.12
C SER D 269 6.30 -15.40 -32.62
N ALA D 270 6.36 -16.58 -33.25
CA ALA D 270 7.60 -17.15 -33.81
C ALA D 270 8.59 -17.56 -32.71
N PRO D 271 9.78 -18.08 -33.09
CA PRO D 271 10.78 -18.50 -32.09
C PRO D 271 11.02 -17.44 -31.00
N GLY D 272 10.14 -17.44 -30.00
CA GLY D 272 10.25 -16.46 -28.94
C GLY D 272 9.24 -15.34 -29.14
N LYS D 273 9.67 -14.26 -29.81
CA LYS D 273 8.80 -13.12 -30.09
C LYS D 273 9.23 -12.37 -31.34
N GLY D 274 8.34 -12.30 -32.32
CA GLY D 274 8.61 -11.61 -33.57
C GLY D 274 9.69 -12.23 -34.44
N GLY D 275 10.34 -11.40 -35.26
CA GLY D 275 11.39 -11.87 -36.15
C GLY D 275 12.56 -12.41 -35.35
N SER D 276 12.55 -13.72 -35.11
CA SER D 276 13.59 -14.39 -34.34
C SER D 276 14.97 -14.45 -35.00
N SER D 277 15.35 -13.40 -35.71
CA SER D 277 16.65 -13.35 -36.38
C SER D 277 17.77 -13.65 -35.38
N THR D 278 18.28 -12.60 -34.74
CA THR D 278 19.32 -12.75 -33.74
C THR D 278 18.68 -13.17 -32.43
N MET D 279 18.46 -14.48 -32.30
CA MET D 279 17.85 -15.10 -31.12
C MET D 279 18.14 -14.47 -29.76
N PRO D 280 19.43 -14.18 -29.46
CA PRO D 280 19.92 -13.57 -28.21
C PRO D 280 18.94 -12.74 -27.41
N HIS D 281 18.43 -11.68 -28.04
CA HIS D 281 17.48 -10.81 -27.39
C HIS D 281 16.10 -10.92 -28.03
N LYS D 282 15.64 -9.82 -28.60
CA LYS D 282 14.33 -9.70 -29.24
C LYS D 282 13.16 -10.60 -28.82
N ARG D 283 13.40 -11.88 -28.52
CA ARG D 283 12.25 -12.66 -28.10
C ARG D 283 11.94 -12.17 -26.69
N ASN D 284 11.40 -10.94 -26.61
CA ASN D 284 11.05 -10.33 -25.34
C ASN D 284 9.63 -10.71 -24.94
N PRO D 285 9.42 -11.00 -23.64
CA PRO D 285 8.09 -11.37 -23.16
C PRO D 285 7.19 -10.15 -22.91
N VAL D 286 6.72 -9.53 -24.00
CA VAL D 286 5.90 -8.33 -23.87
C VAL D 286 4.58 -8.62 -23.17
N GLY D 287 4.11 -9.85 -23.29
CA GLY D 287 2.86 -10.21 -22.64
C GLY D 287 3.04 -10.37 -21.14
N ALA D 288 4.07 -11.11 -20.72
CA ALA D 288 4.33 -11.31 -19.30
C ALA D 288 4.52 -9.98 -18.58
N ALA D 289 5.10 -8.99 -19.28
CA ALA D 289 5.30 -7.68 -18.69
C ALA D 289 3.96 -7.14 -18.22
N VAL D 290 2.91 -7.34 -19.01
CA VAL D 290 1.60 -6.85 -18.59
C VAL D 290 1.12 -7.53 -17.33
N LEU D 291 1.24 -8.86 -17.27
CA LEU D 291 0.77 -9.59 -16.09
C LEU D 291 1.57 -9.18 -14.86
N ILE D 292 2.88 -9.02 -15.03
CA ILE D 292 3.72 -8.63 -13.89
C ILE D 292 3.41 -7.21 -13.48
N GLY D 293 3.16 -6.36 -14.48
CA GLY D 293 2.84 -4.98 -14.17
C GLY D 293 1.59 -4.89 -13.32
N ALA D 294 0.55 -5.62 -13.72
CA ALA D 294 -0.72 -5.59 -13.01
C ALA D 294 -0.59 -6.09 -11.58
N ALA D 295 0.16 -7.17 -11.39
CA ALA D 295 0.37 -7.76 -10.06
C ALA D 295 1.18 -6.82 -9.17
N THR D 296 1.84 -5.84 -9.79
CA THR D 296 2.63 -4.85 -9.06
C THR D 296 1.82 -3.60 -8.73
N ARG D 297 0.94 -3.20 -9.65
CA ARG D 297 0.10 -2.00 -9.49
C ARG D 297 -1.12 -2.16 -8.63
N VAL D 298 -1.83 -3.27 -8.80
CA VAL D 298 -3.07 -3.50 -8.10
C VAL D 298 -3.05 -3.46 -6.57
N PRO D 299 -2.04 -4.07 -5.93
CA PRO D 299 -2.02 -4.03 -4.45
C PRO D 299 -2.20 -2.61 -3.87
N GLY D 300 -1.53 -1.64 -4.46
CA GLY D 300 -1.67 -0.28 -3.98
C GLY D 300 -3.07 0.28 -4.20
N LEU D 301 -3.65 -0.01 -5.37
CA LEU D 301 -4.99 0.48 -5.65
C LEU D 301 -6.01 -0.16 -4.72
N LEU D 302 -5.76 -1.42 -4.39
CA LEU D 302 -6.65 -2.13 -3.48
C LEU D 302 -6.61 -1.57 -2.06
N SER D 303 -5.41 -1.27 -1.59
CA SER D 303 -5.28 -0.75 -0.24
C SER D 303 -5.98 0.57 -0.14
N THR D 304 -6.08 1.30 -1.26
CA THR D 304 -6.77 2.58 -1.22
C THR D 304 -8.24 2.36 -0.87
N LEU D 305 -8.86 1.38 -1.50
CA LEU D 305 -10.25 1.10 -1.20
C LEU D 305 -10.38 0.66 0.26
N PHE D 306 -9.42 -0.12 0.76
CA PHE D 306 -9.51 -0.51 2.16
C PHE D 306 -9.38 0.74 3.03
N ALA D 307 -8.41 1.57 2.72
CA ALA D 307 -8.16 2.79 3.48
C ALA D 307 -9.37 3.76 3.52
N ALA D 308 -10.25 3.69 2.52
CA ALA D 308 -11.39 4.59 2.46
C ALA D 308 -12.66 4.03 3.09
N MET D 309 -12.55 2.93 3.83
CA MET D 309 -13.73 2.34 4.44
C MET D 309 -14.34 3.05 5.66
N PRO D 310 -13.50 3.65 6.53
CA PRO D 310 -14.11 4.31 7.70
C PRO D 310 -14.80 5.64 7.36
N GLN D 311 -15.79 5.58 6.47
CA GLN D 311 -16.52 6.77 6.04
C GLN D 311 -17.51 7.22 7.11
N GLU D 312 -17.41 8.50 7.48
CA GLU D 312 -18.23 9.05 8.56
C GLU D 312 -19.70 9.26 8.32
N HIS D 313 -20.48 8.90 9.34
CA HIS D 313 -21.92 9.08 9.35
C HIS D 313 -22.69 8.66 8.11
N GLU D 314 -23.57 9.55 7.64
CA GLU D 314 -24.42 9.26 6.49
C GLU D 314 -23.82 9.44 5.10
N ARG D 315 -22.73 10.19 5.01
CA ARG D 315 -22.06 10.40 3.74
C ARG D 315 -20.73 11.05 4.10
N SER D 316 -19.65 10.48 3.58
CA SER D 316 -18.31 10.95 3.87
C SER D 316 -17.70 11.71 2.71
N LEU D 317 -16.94 12.77 2.99
CA LEU D 317 -16.29 13.54 1.93
C LEU D 317 -14.80 13.21 1.92
N GLY D 318 -14.24 13.06 0.74
CA GLY D 318 -12.83 12.73 0.64
C GLY D 318 -12.66 11.23 0.48
N LEU D 319 -12.97 10.48 1.52
CA LEU D 319 -12.85 9.02 1.48
C LEU D 319 -13.71 8.43 0.36
N TRP D 320 -14.94 8.91 0.25
CA TRP D 320 -15.83 8.45 -0.80
C TRP D 320 -15.31 8.89 -2.16
N HIS D 321 -14.80 10.11 -2.25
CA HIS D 321 -14.27 10.61 -3.52
C HIS D 321 -13.10 9.74 -3.97
N ALA D 322 -12.31 9.23 -3.03
CA ALA D 322 -11.17 8.38 -3.35
C ALA D 322 -11.53 7.08 -4.10
N GLU D 323 -12.76 6.61 -3.97
CA GLU D 323 -13.16 5.39 -4.64
C GLU D 323 -13.41 5.59 -6.14
N TRP D 324 -14.00 6.73 -6.48
CA TRP D 324 -14.39 7.02 -7.86
C TRP D 324 -13.51 6.54 -9.03
N GLU D 325 -12.25 6.90 -9.04
CA GLU D 325 -11.39 6.48 -10.13
C GLU D 325 -10.62 5.21 -9.81
N THR D 326 -10.44 4.92 -8.53
CA THR D 326 -9.70 3.74 -8.12
C THR D 326 -10.28 2.40 -8.53
N LEU D 327 -11.57 2.20 -8.28
CA LEU D 327 -12.20 0.93 -8.63
C LEU D 327 -12.14 0.69 -10.13
N PRO D 328 -12.40 1.73 -10.94
CA PRO D 328 -12.32 1.49 -12.38
C PRO D 328 -10.90 1.10 -12.79
N ASP D 329 -9.90 1.78 -12.25
CA ASP D 329 -8.52 1.44 -12.62
C ASP D 329 -8.23 -0.02 -12.36
N ILE D 330 -8.69 -0.52 -11.21
CA ILE D 330 -8.45 -1.92 -10.86
C ILE D 330 -9.06 -2.84 -11.92
N CYS D 331 -10.33 -2.60 -12.26
CA CYS D 331 -11.02 -3.38 -13.26
C CYS D 331 -10.30 -3.38 -14.61
N CYS D 332 -9.85 -2.21 -15.03
CA CYS D 332 -9.17 -2.12 -16.31
C CYS D 332 -7.84 -2.85 -16.30
N LEU D 333 -7.08 -2.66 -15.23
CA LEU D 333 -5.77 -3.30 -15.06
C LEU D 333 -5.89 -4.82 -15.16
N VAL D 334 -6.89 -5.35 -14.46
CA VAL D 334 -7.11 -6.79 -14.47
C VAL D 334 -7.61 -7.27 -15.84
N SER D 335 -8.49 -6.50 -16.49
CA SER D 335 -9.01 -6.89 -17.79
C SER D 335 -7.86 -7.00 -18.78
N GLY D 336 -6.89 -6.12 -18.65
CA GLY D 336 -5.74 -6.17 -19.53
C GLY D 336 -4.88 -7.39 -19.26
N ALA D 337 -4.79 -7.80 -17.99
CA ALA D 337 -3.99 -8.98 -17.65
C ALA D 337 -4.65 -10.25 -18.13
N LEU D 338 -5.96 -10.34 -17.96
CA LEU D 338 -6.70 -11.52 -18.41
C LEU D 338 -6.51 -11.67 -19.90
N ARG D 339 -6.64 -10.55 -20.61
CA ARG D 339 -6.49 -10.53 -22.04
C ARG D 339 -5.15 -11.11 -22.48
N GLN D 340 -4.09 -10.57 -21.90
CA GLN D 340 -2.73 -10.99 -22.24
C GLN D 340 -2.43 -12.42 -21.81
N ALA D 341 -2.98 -12.84 -20.67
CA ALA D 341 -2.76 -14.20 -20.18
C ALA D 341 -3.38 -15.21 -21.15
N GLN D 342 -4.51 -14.84 -21.76
CA GLN D 342 -5.19 -15.69 -22.71
C GLN D 342 -4.28 -15.91 -23.93
N VAL D 343 -3.75 -14.81 -24.46
CA VAL D 343 -2.88 -14.90 -25.62
C VAL D 343 -1.72 -15.86 -25.38
N ILE D 344 -1.01 -15.71 -24.27
CA ILE D 344 0.11 -16.60 -24.05
C ILE D 344 -0.31 -18.00 -23.68
N ALA D 345 -1.41 -18.14 -22.95
CA ALA D 345 -1.84 -19.48 -22.56
C ALA D 345 -2.15 -20.38 -23.74
N GLU D 346 -2.83 -19.84 -24.75
CA GLU D 346 -3.20 -20.65 -25.88
C GLU D 346 -2.13 -20.75 -26.94
N GLY D 347 -1.10 -19.92 -26.85
CA GLY D 347 -0.09 -19.97 -27.87
C GLY D 347 1.35 -20.18 -27.44
N MET D 348 1.60 -20.54 -26.18
CA MET D 348 2.99 -20.67 -25.82
C MET D 348 3.66 -21.87 -26.46
N GLU D 349 4.94 -21.67 -26.78
CA GLU D 349 5.80 -22.66 -27.41
C GLU D 349 6.63 -23.41 -26.39
N VAL D 350 6.61 -24.74 -26.46
CA VAL D 350 7.36 -25.53 -25.52
C VAL D 350 8.54 -26.22 -26.20
N ASP D 351 9.67 -26.28 -25.49
CA ASP D 351 10.87 -26.95 -25.99
C ASP D 351 11.20 -28.06 -24.99
N ALA D 352 10.52 -29.20 -25.16
CA ALA D 352 10.70 -30.36 -24.30
C ALA D 352 12.11 -30.89 -24.31
N ALA D 353 12.79 -30.77 -25.44
CA ALA D 353 14.17 -31.24 -25.58
C ALA D 353 15.10 -30.40 -24.72
N ARG D 354 14.89 -29.09 -24.73
CA ARG D 354 15.71 -28.17 -23.92
C ARG D 354 15.43 -28.42 -22.44
N MET D 355 14.19 -28.75 -22.11
CA MET D 355 13.83 -29.05 -20.72
C MET D 355 14.59 -30.31 -20.26
N ARG D 356 14.71 -31.29 -21.16
CA ARG D 356 15.44 -32.53 -20.87
C ARG D 356 16.90 -32.19 -20.61
N ARG D 357 17.46 -31.39 -21.50
CA ARG D 357 18.85 -30.98 -21.44
C ARG D 357 19.14 -30.24 -20.13
N ASN D 358 18.26 -29.31 -19.77
CA ASN D 358 18.44 -28.55 -18.54
C ASN D 358 18.37 -29.46 -17.32
N LEU D 359 17.57 -30.52 -17.42
CA LEU D 359 17.41 -31.45 -16.32
C LEU D 359 18.69 -32.04 -15.79
N ASP D 360 19.62 -32.45 -16.64
CA ASP D 360 20.85 -32.97 -16.06
C ASP D 360 22.01 -31.97 -16.13
N LEU D 361 21.71 -30.75 -15.70
CA LEU D 361 22.68 -29.67 -15.65
C LEU D 361 23.44 -29.87 -14.35
N THR D 362 22.80 -30.54 -13.40
CA THR D 362 23.43 -30.84 -12.12
C THR D 362 23.96 -32.27 -12.19
N GLN D 363 23.96 -32.81 -13.41
CA GLN D 363 24.44 -34.15 -13.70
C GLN D 363 23.85 -35.26 -12.84
N GLY D 364 22.53 -35.31 -12.77
CA GLY D 364 21.85 -36.35 -12.00
C GLY D 364 21.82 -36.17 -10.49
N LEU D 365 22.52 -35.18 -9.95
CA LEU D 365 22.51 -34.98 -8.51
C LEU D 365 21.11 -34.67 -7.99
N VAL D 366 20.27 -34.16 -8.88
CA VAL D 366 18.90 -33.80 -8.51
C VAL D 366 18.02 -35.06 -8.40
N LEU D 367 18.57 -36.19 -8.82
CA LEU D 367 17.86 -37.44 -8.79
C LEU D 367 18.49 -38.38 -7.77
N ALA D 368 19.44 -37.86 -7.00
CA ALA D 368 20.12 -38.66 -5.98
C ALA D 368 19.10 -39.33 -5.06
N GLU D 369 18.08 -38.58 -4.68
CA GLU D 369 17.02 -39.05 -3.79
C GLU D 369 16.31 -40.31 -4.34
N ALA D 370 15.96 -40.28 -5.62
CA ALA D 370 15.27 -41.40 -6.28
C ALA D 370 16.09 -42.69 -6.21
N VAL D 371 17.41 -42.53 -6.21
CA VAL D 371 18.34 -43.65 -6.14
C VAL D 371 18.48 -44.07 -4.69
N SER D 372 18.54 -43.09 -3.80
CA SER D 372 18.69 -43.32 -2.37
C SER D 372 17.63 -44.25 -1.77
N ILE D 373 16.39 -44.15 -2.23
CA ILE D 373 15.32 -45.00 -1.71
C ILE D 373 15.50 -46.44 -2.20
N VAL D 374 15.83 -46.62 -3.47
CA VAL D 374 16.02 -47.96 -4.00
C VAL D 374 17.21 -48.66 -3.36
N LEU D 375 18.36 -48.00 -3.31
CA LEU D 375 19.53 -48.61 -2.70
C LEU D 375 19.35 -48.72 -1.20
N ALA D 376 18.25 -48.17 -0.68
CA ALA D 376 17.96 -48.23 0.74
C ALA D 376 17.52 -49.65 1.10
N GLN D 377 16.74 -50.25 0.21
CA GLN D 377 16.23 -51.61 0.39
C GLN D 377 17.19 -52.68 -0.15
N ARG D 378 17.78 -52.44 -1.33
CA ARG D 378 18.74 -53.38 -1.92
C ARG D 378 19.88 -53.69 -0.94
N LEU D 379 20.32 -52.67 -0.22
CA LEU D 379 21.39 -52.80 0.77
C LEU D 379 20.86 -52.24 2.08
N GLY D 380 21.76 -51.72 2.92
CA GLY D 380 21.32 -51.17 4.19
C GLY D 380 21.06 -49.68 4.07
N ARG D 381 19.91 -49.23 4.60
CA ARG D 381 19.57 -47.82 4.56
C ARG D 381 20.74 -47.03 5.14
N ASP D 382 21.47 -47.68 6.04
CA ASP D 382 22.62 -47.07 6.70
C ASP D 382 23.86 -47.12 5.80
N ARG D 383 24.04 -48.24 5.10
CA ARG D 383 25.18 -48.41 4.21
C ARG D 383 24.99 -47.63 2.90
N ALA D 384 23.76 -47.66 2.39
CA ALA D 384 23.42 -46.97 1.15
C ALA D 384 23.67 -45.47 1.29
N HIS D 385 23.32 -44.91 2.44
CA HIS D 385 23.51 -43.48 2.70
C HIS D 385 24.96 -43.11 2.46
N HIS D 386 25.86 -43.80 3.15
CA HIS D 386 27.30 -43.56 3.01
C HIS D 386 27.72 -43.70 1.55
N LEU D 387 27.45 -44.87 0.98
CA LEU D 387 27.79 -45.16 -0.41
C LEU D 387 27.29 -44.16 -1.45
N LEU D 388 26.16 -43.51 -1.17
CA LEU D 388 25.60 -42.54 -2.10
C LEU D 388 26.28 -41.19 -2.00
N GLU D 389 26.52 -40.72 -0.78
CA GLU D 389 27.20 -39.44 -0.60
C GLU D 389 28.58 -39.54 -1.23
N GLN D 390 29.15 -40.73 -1.16
CA GLN D 390 30.48 -40.98 -1.71
C GLN D 390 30.47 -40.83 -3.24
N CYS D 391 29.44 -41.39 -3.87
CA CYS D 391 29.30 -41.31 -5.33
C CYS D 391 29.03 -39.90 -5.81
N CYS D 392 28.28 -39.13 -5.02
CA CYS D 392 27.97 -37.76 -5.40
C CYS D 392 29.23 -36.91 -5.26
N GLN D 393 29.91 -37.03 -4.12
CA GLN D 393 31.13 -36.28 -3.86
C GLN D 393 32.11 -36.50 -5.02
N ARG D 394 32.09 -37.72 -5.57
CA ARG D 394 32.98 -38.07 -6.67
C ARG D 394 32.47 -37.52 -8.01
N ALA D 395 31.19 -37.75 -8.29
CA ALA D 395 30.60 -37.27 -9.54
C ALA D 395 30.90 -35.78 -9.69
N VAL D 396 31.11 -35.12 -8.57
CA VAL D 396 31.40 -33.69 -8.56
C VAL D 396 32.89 -33.47 -8.74
N ALA D 397 33.68 -34.08 -7.85
CA ALA D 397 35.14 -33.97 -7.91
C ALA D 397 35.59 -34.23 -9.35
N GLU D 398 35.64 -35.50 -9.74
CA GLU D 398 36.04 -35.86 -11.10
C GLU D 398 34.98 -35.44 -12.12
N GLN D 399 34.16 -34.48 -11.71
CA GLN D 399 33.06 -33.95 -12.51
C GLN D 399 32.65 -34.76 -13.73
N ARG D 400 31.58 -35.52 -13.55
CA ARG D 400 30.97 -36.36 -14.58
C ARG D 400 29.65 -36.87 -14.03
N HIS D 401 28.70 -37.14 -14.93
CA HIS D 401 27.38 -37.59 -14.55
C HIS D 401 27.37 -38.64 -13.45
N LEU D 402 26.32 -38.60 -12.62
CA LEU D 402 26.17 -39.54 -11.51
C LEU D 402 25.88 -40.95 -12.06
N ARG D 403 25.21 -41.01 -13.21
CA ARG D 403 24.91 -42.30 -13.83
C ARG D 403 26.20 -43.09 -14.00
N ALA D 404 27.25 -42.41 -14.46
CA ALA D 404 28.55 -43.03 -14.67
C ALA D 404 29.17 -43.45 -13.35
N VAL D 405 29.36 -42.49 -12.45
CA VAL D 405 29.95 -42.77 -11.15
C VAL D 405 29.33 -43.97 -10.46
N LEU D 406 28.02 -44.16 -10.61
CA LEU D 406 27.32 -45.30 -9.99
C LEU D 406 27.59 -46.61 -10.73
N GLY D 407 27.85 -46.50 -12.03
CA GLY D 407 28.12 -47.68 -12.82
C GLY D 407 29.49 -48.25 -12.51
N ASP D 408 30.39 -47.39 -12.05
CA ASP D 408 31.74 -47.78 -11.70
C ASP D 408 31.85 -48.07 -10.20
N GLU D 409 30.69 -48.15 -9.55
CA GLU D 409 30.66 -48.42 -8.11
C GLU D 409 30.32 -49.89 -7.88
N PRO D 410 31.30 -50.68 -7.46
CA PRO D 410 31.13 -52.12 -7.19
C PRO D 410 29.83 -52.49 -6.47
N GLN D 411 29.63 -51.97 -5.26
CA GLN D 411 28.41 -52.29 -4.51
C GLN D 411 27.15 -51.94 -5.27
N VAL D 412 27.17 -50.78 -5.94
CA VAL D 412 26.01 -50.34 -6.70
C VAL D 412 25.77 -51.16 -7.96
N SER D 413 26.79 -51.33 -8.78
CA SER D 413 26.68 -52.10 -10.01
C SER D 413 26.48 -53.60 -9.73
N ALA D 414 26.70 -54.00 -8.49
CA ALA D 414 26.53 -55.40 -8.08
C ALA D 414 25.12 -55.63 -7.59
N GLU D 415 24.44 -54.55 -7.22
CA GLU D 415 23.07 -54.60 -6.72
C GLU D 415 22.04 -54.16 -7.77
N LEU D 416 22.47 -53.29 -8.68
CA LEU D 416 21.58 -52.78 -9.73
C LEU D 416 22.22 -52.93 -11.10
N SER D 417 21.48 -53.54 -12.02
CA SER D 417 21.97 -53.74 -13.37
C SER D 417 22.11 -52.42 -14.11
N GLY D 418 22.67 -52.48 -15.31
CA GLY D 418 22.84 -51.28 -16.11
C GLY D 418 21.48 -50.78 -16.58
N GLU D 419 20.52 -51.70 -16.69
CA GLU D 419 19.16 -51.36 -17.12
C GLU D 419 18.41 -50.70 -15.98
N GLU D 420 18.71 -51.12 -14.75
CA GLU D 420 18.05 -50.56 -13.57
C GLU D 420 18.55 -49.13 -13.30
N LEU D 421 19.86 -48.93 -13.40
CA LEU D 421 20.44 -47.61 -13.17
C LEU D 421 19.98 -46.63 -14.23
N ASP D 422 19.77 -47.11 -15.45
CA ASP D 422 19.31 -46.24 -16.53
C ASP D 422 17.95 -45.69 -16.19
N ARG D 423 17.13 -46.50 -15.53
CA ARG D 423 15.78 -46.09 -15.15
C ARG D 423 15.79 -45.14 -13.96
N LEU D 424 16.56 -45.46 -12.93
CA LEU D 424 16.64 -44.63 -11.74
C LEU D 424 17.11 -43.22 -12.02
N LEU D 425 18.03 -43.07 -12.96
CA LEU D 425 18.56 -41.76 -13.30
C LEU D 425 17.78 -41.10 -14.41
N ASP D 426 16.58 -41.62 -14.69
CA ASP D 426 15.72 -41.03 -15.71
C ASP D 426 14.65 -40.23 -15.00
N PRO D 427 14.56 -38.92 -15.30
CA PRO D 427 13.58 -38.00 -14.71
C PRO D 427 12.15 -38.47 -14.88
N ALA D 428 11.85 -38.97 -16.07
CA ALA D 428 10.49 -39.44 -16.37
C ALA D 428 9.95 -40.43 -15.34
N HIS D 429 10.85 -41.06 -14.59
CA HIS D 429 10.46 -42.05 -13.59
C HIS D 429 10.40 -41.53 -12.16
N TYR D 430 10.50 -40.21 -12.00
CA TYR D 430 10.44 -39.63 -10.67
C TYR D 430 9.54 -38.40 -10.71
N LEU D 431 8.38 -38.57 -11.34
CA LEU D 431 7.40 -37.50 -11.47
C LEU D 431 6.38 -37.47 -10.35
N GLY D 432 6.49 -38.39 -9.40
CA GLY D 432 5.54 -38.44 -8.30
C GLY D 432 4.08 -38.34 -8.72
N GLN D 433 3.34 -37.46 -8.05
CA GLN D 433 1.92 -37.28 -8.34
C GLN D 433 1.62 -36.25 -9.44
N ALA D 434 2.64 -35.85 -10.18
CA ALA D 434 2.48 -34.89 -11.26
C ALA D 434 1.19 -35.05 -12.05
N ARG D 435 1.00 -36.22 -12.65
CA ARG D 435 -0.19 -36.49 -13.45
C ARG D 435 -1.50 -36.48 -12.63
N VAL D 436 -1.41 -36.90 -11.37
CA VAL D 436 -2.57 -36.91 -10.52
C VAL D 436 -3.04 -35.46 -10.27
N TRP D 437 -2.10 -34.58 -9.93
CA TRP D 437 -2.43 -33.18 -9.66
C TRP D 437 -3.17 -32.58 -10.87
N VAL D 438 -2.63 -32.78 -12.07
CA VAL D 438 -3.27 -32.27 -13.26
C VAL D 438 -4.69 -32.84 -13.41
N ALA D 439 -4.84 -34.10 -13.01
CA ALA D 439 -6.12 -34.79 -13.09
C ALA D 439 -7.15 -34.16 -12.17
N ARG D 440 -6.77 -34.01 -10.90
CA ARG D 440 -7.65 -33.41 -9.91
C ARG D 440 -8.05 -31.99 -10.27
N ALA D 441 -7.07 -31.19 -10.67
CA ALA D 441 -7.34 -29.79 -11.04
C ALA D 441 -8.31 -29.68 -12.21
N VAL D 442 -8.06 -30.46 -13.27
CA VAL D 442 -8.91 -30.44 -14.45
C VAL D 442 -10.28 -30.96 -14.09
N SER D 443 -10.29 -31.99 -13.26
CA SER D 443 -11.53 -32.60 -12.79
C SER D 443 -12.42 -31.52 -12.15
N GLU D 444 -11.87 -30.86 -11.14
CA GLU D 444 -12.57 -29.81 -10.43
C GLU D 444 -13.03 -28.68 -11.36
N HIS D 445 -12.24 -28.40 -12.39
CA HIS D 445 -12.57 -27.38 -13.36
C HIS D 445 -13.84 -27.78 -14.12
N GLN D 446 -13.97 -29.07 -14.45
CA GLN D 446 -15.16 -29.52 -15.17
C GLN D 446 -16.36 -29.60 -14.23
N ARG D 447 -16.11 -29.88 -12.95
CA ARG D 447 -17.18 -29.95 -11.94
C ARG D 447 -17.83 -28.57 -11.82
N PHE D 448 -16.99 -27.55 -11.67
CA PHE D 448 -17.45 -26.17 -11.52
C PHE D 448 -18.42 -25.80 -12.62
N THR D 449 -18.01 -26.04 -13.87
CA THR D 449 -18.81 -25.75 -15.05
C THR D 449 -20.29 -25.67 -14.65
N ALA D 450 -20.81 -26.78 -14.13
CA ALA D 450 -22.20 -26.85 -13.69
C ALA D 450 -22.39 -26.12 -12.36
#